data_8X21
#
_entry.id   8X21
#
_cell.length_a   284.447
_cell.length_b   284.447
_cell.length_c   95.728
_cell.angle_alpha   90.00
_cell.angle_beta   90.00
_cell.angle_gamma   120.00
#
_symmetry.space_group_name_H-M   'H 3'
#
loop_
_entity.id
_entity.type
_entity.pdbx_description
1 polymer 'Pol protein (Fragment)'
2 polymer 'HIV-1 RT p51 subunit'
3 polymer 'DNA/RNA (38-MER)'
4 non-polymer '[[(1R,3S,5S)-3-(2-azanyl-6-oxidanylidene-3H-purin-9-yl)-2-methylidene-5-oxidanyl-cyclopentyl]methoxy-oxidanyl-phosphory l] phosphono hydrogen phosphate'
5 non-polymer 'MAGNESIUM ION'
6 non-polymer GLYCEROL
7 water water
#
loop_
_entity_poly.entity_id
_entity_poly.type
_entity_poly.pdbx_seq_one_letter_code
_entity_poly.pdbx_strand_id
1 'polypeptide(L)'
;MVPISPIETVPVKLKPGMDGPKVKQWPLTEEKIKALVEICTEMEKEGKISKIGPENPYNTPVFAIKKKDSTKWRKVVDFR
ELNKRTQDFWEVQLGIPHPAGLKQKKSVTVLDVGDAFYSVPLDKDFRKYTAFTIPSINNETPGIRYQYNVLPMGWKGSPA
IFQSSMTKILEPFRKQNPDIVIYQYMDDLYVGSDLEIGQHRTKIEELRQHLLRWGFTTPDKKHQKEPPFLWMGYELHPDK
WTVQPIVLPEKDSWTVNDIQKLVGKLNWASQIYAGIKVRQLSKLLRGTKALTEVVPLTEEAELELAENREILKEPVHGVY
YDPSKDLIAEIQKQGQGQWTYQIYQEPFKNLKTGKYARMKGAHTNDVKQLTEAVQKIATESIVIWGKTPKFKLPIQKETW
EAWWTEYWQATWIPEWEFVNTPPLVKLWYQLEKEPIIGAETFYVDGAANRETKLGKAGYVTDRGRQKVVPLTDTTNQKTE
LQAIHLALQDSGLEVNIVTDSQYALGIIQAQPDKSESELVSQIIEQLIKKEKVYLAWVPAHKGIGGNEQVDKLVSAG
;
A,C
2 'polypeptide(L)'
;MAHHHHHHALEVLFQGPISPIETVPVKLKPGMDGPKVKQWPLTEEKIKALVEICTEMEKEGKISKIGPENPYNTPVFAIK
KKDSTKWRKLVDFRELNKRTQDFWEVQLGIPHPAGLKQKKSVTVLDVGDAYFSVPLDKDFRKYTAFTIPSINNETPGIRY
QYNVLPQGWKGSPAIFQSSMTKILEPFRKQNPDIVIYQYMDDLYVGSDLEIGQHRTKIEELRQHLLRWGFTTPDKKHQKE
PPFLWMGYELHPDKWTVQPIVLPEKDSWTVNDIQKLVGKLNWASQIYAGIKVRQLSKLLRGTKALTEVVPLTEEAELELA
ENREILKEPVHGVYYDPSKDLIAEIQKQGQGQWTYQIYQEPFKNLKTGKYARMKGAHTNDVKQLTEAVQKIATESIVIWG
KTPKFKLPIQKETWEAWWTEYWQATWIPEWEFVNTPPLVKLWYQ
;
B,D
3 'polydeoxyribonucleotide'
;(DT)(DA)(DA)(DT)(DC)(DG)(OMC)(DC)(OMC)(DC)(DC)(DC)(DT)(DT)(DC)(DG)(DG)(DT)(DG)
(DC)(DT)(DT)(DT)(DG)(DC)(DA)(DC)(DC)(DG)(DA)(DA)(DG)(DG)(DG)(DG)(DG)(DG)(DC)
;
E,F
#
loop_
_chem_comp.id
_chem_comp.type
_chem_comp.name
_chem_comp.formula
DA DNA linking 2'-DEOXYADENOSINE-5'-MONOPHOSPHATE 'C10 H14 N5 O6 P'
DC DNA linking 2'-DEOXYCYTIDINE-5'-MONOPHOSPHATE 'C9 H14 N3 O7 P'
DG DNA linking 2'-DEOXYGUANOSINE-5'-MONOPHOSPHATE 'C10 H14 N5 O7 P'
DT DNA linking THYMIDINE-5'-MONOPHOSPHATE 'C10 H15 N2 O8 P'
ET9 non-polymer '[[(1R,3S,5S)-3-(2-azanyl-6-oxidanylidene-3H-purin-9-yl)-2-methylidene-5-oxidanyl-cyclopentyl]methoxy-oxidanyl-phosphory l] phosphono hydrogen phosphate' 'C12 H18 N5 O12 P3'
GOL non-polymer GLYCEROL 'C3 H8 O3'
MG non-polymer 'MAGNESIUM ION' 'Mg 2'
OMC RNA linking O2'-METHYLYCYTIDINE-5'-MONOPHOSPHATE 'C10 H16 N3 O8 P'
#
# COMPACT_ATOMS: atom_id res chain seq x y z
N PRO A 3 -45.52 -37.47 6.80
CA PRO A 3 -46.94 -37.09 6.80
C PRO A 3 -47.19 -35.82 5.99
N ILE A 4 -48.46 -35.50 5.69
CA ILE A 4 -48.83 -34.31 4.95
C ILE A 4 -49.72 -33.46 5.86
N SER A 5 -49.35 -32.19 6.03
CA SER A 5 -50.12 -31.28 6.86
C SER A 5 -51.58 -31.24 6.40
N PRO A 6 -52.54 -31.26 7.33
CA PRO A 6 -53.94 -30.95 6.96
C PRO A 6 -54.20 -29.47 6.79
N ILE A 7 -53.19 -28.62 6.95
CA ILE A 7 -53.27 -27.18 6.73
C ILE A 7 -53.84 -26.91 5.34
N GLU A 8 -54.57 -25.80 5.22
CA GLU A 8 -55.12 -25.38 3.95
C GLU A 8 -54.02 -25.06 2.96
N THR A 9 -54.24 -25.49 1.72
CA THR A 9 -53.38 -25.06 0.61
C THR A 9 -53.48 -23.56 0.38
N VAL A 10 -52.41 -23.00 -0.15
CA VAL A 10 -52.37 -21.62 -0.59
C VAL A 10 -52.70 -21.59 -2.07
N PRO A 11 -53.67 -20.78 -2.50
CA PRO A 11 -54.04 -20.79 -3.92
C PRO A 11 -52.98 -20.10 -4.76
N VAL A 12 -52.69 -20.64 -5.93
CA VAL A 12 -51.61 -20.09 -6.75
C VAL A 12 -52.02 -20.11 -8.20
N LYS A 13 -51.53 -19.13 -8.96
CA LYS A 13 -51.91 -19.00 -10.36
C LYS A 13 -50.66 -18.94 -11.23
N LEU A 14 -50.84 -19.25 -12.52
CA LEU A 14 -49.90 -18.84 -13.53
C LEU A 14 -50.08 -17.35 -13.85
N LYS A 15 -49.00 -16.71 -14.31
CA LYS A 15 -49.13 -15.34 -14.84
C LYS A 15 -50.14 -15.31 -15.98
N PRO A 16 -50.83 -14.18 -16.18
CA PRO A 16 -51.93 -14.15 -17.16
C PRO A 16 -51.42 -14.37 -18.57
N GLY A 17 -52.23 -15.05 -19.37
CA GLY A 17 -51.87 -15.41 -20.72
C GLY A 17 -51.05 -16.66 -20.86
N MET A 18 -50.37 -17.09 -19.80
CA MET A 18 -49.39 -18.16 -19.85
C MET A 18 -50.06 -19.52 -19.65
N ASP A 19 -49.42 -20.54 -20.20
CA ASP A 19 -49.78 -21.92 -19.92
C ASP A 19 -48.57 -22.60 -19.26
N GLY A 20 -48.63 -23.93 -19.14
CA GLY A 20 -47.66 -24.66 -18.37
C GLY A 20 -46.47 -25.15 -19.18
N PRO A 21 -45.43 -25.62 -18.50
CA PRO A 21 -44.20 -26.04 -19.19
C PRO A 21 -44.37 -27.33 -19.97
N LYS A 22 -43.55 -27.46 -21.04
CA LYS A 22 -43.55 -28.63 -21.94
C LYS A 22 -42.12 -28.90 -22.38
N VAL A 23 -41.34 -29.55 -21.53
CA VAL A 23 -39.92 -29.78 -21.80
C VAL A 23 -39.55 -31.21 -21.43
N LYS A 24 -38.71 -31.85 -22.26
CA LYS A 24 -38.42 -33.28 -22.16
C LYS A 24 -37.27 -33.57 -21.19
N GLN A 25 -37.36 -34.72 -20.52
CA GLN A 25 -36.35 -35.16 -19.57
C GLN A 25 -35.04 -35.53 -20.28
N TRP A 26 -33.93 -35.32 -19.56
CA TRP A 26 -32.56 -35.61 -19.99
C TRP A 26 -32.05 -36.89 -19.34
N PRO A 27 -30.87 -37.39 -19.77
CA PRO A 27 -30.34 -38.63 -19.18
C PRO A 27 -29.66 -38.42 -17.83
N LEU A 28 -29.84 -39.39 -16.93
CA LEU A 28 -29.27 -39.38 -15.59
C LEU A 28 -28.69 -40.75 -15.29
N THR A 29 -27.94 -40.82 -14.20
CA THR A 29 -27.20 -42.02 -13.85
C THR A 29 -28.06 -42.99 -13.04
N GLU A 30 -27.61 -44.25 -13.15
CA GLU A 30 -28.19 -45.45 -12.52
C GLU A 30 -28.31 -45.22 -11.01
N GLU A 31 -27.24 -44.76 -10.37
CA GLU A 31 -27.36 -44.53 -8.91
C GLU A 31 -28.42 -43.46 -8.69
N LYS A 32 -28.34 -42.38 -9.47
CA LYS A 32 -29.35 -41.31 -9.28
C LYS A 32 -30.75 -41.85 -9.60
N ILE A 33 -30.91 -42.64 -10.67
CA ILE A 33 -32.27 -43.15 -11.04
C ILE A 33 -32.82 -44.03 -9.91
N LYS A 34 -31.99 -44.92 -9.35
CA LYS A 34 -32.46 -45.82 -8.25
C LYS A 34 -32.74 -44.99 -7.00
N ALA A 35 -32.01 -43.89 -6.81
CA ALA A 35 -32.23 -43.00 -5.64
C ALA A 35 -33.58 -42.30 -5.81
N LEU A 36 -33.88 -41.89 -7.04
CA LEU A 36 -35.15 -41.22 -7.39
C LEU A 36 -36.29 -42.22 -7.27
N VAL A 37 -36.11 -43.46 -7.73
CA VAL A 37 -37.21 -44.47 -7.68
C VAL A 37 -37.52 -44.80 -6.22
N GLU A 38 -36.50 -44.86 -5.37
CA GLU A 38 -36.66 -45.14 -3.92
C GLU A 38 -37.49 -44.00 -3.31
N ILE A 39 -37.22 -42.76 -3.74
CA ILE A 39 -38.00 -41.59 -3.27
C ILE A 39 -39.33 -41.50 -4.05
N CYS A 40 -39.39 -41.92 -5.32
CA CYS A 40 -40.62 -41.66 -6.08
C CYS A 40 -41.72 -42.64 -5.71
N THR A 41 -41.48 -43.93 -5.95
CA THR A 41 -42.47 -44.93 -5.60
C THR A 41 -42.74 -44.92 -4.10
N GLU A 42 -41.77 -44.49 -3.29
CA GLU A 42 -42.08 -44.26 -1.87
C GLU A 42 -42.87 -42.97 -1.67
N MET A 43 -42.57 -41.92 -2.44
CA MET A 43 -43.32 -40.67 -2.29
C MET A 43 -44.76 -40.87 -2.71
N GLU A 44 -44.98 -41.63 -3.79
CA GLU A 44 -46.32 -42.03 -4.18
C GLU A 44 -47.02 -42.78 -3.05
N LYS A 45 -46.32 -43.73 -2.41
CA LYS A 45 -46.90 -44.46 -1.28
C LYS A 45 -47.21 -43.52 -0.12
N GLU A 46 -46.41 -42.47 0.05
CA GLU A 46 -46.72 -41.49 1.08
C GLU A 46 -47.76 -40.47 0.63
N GLY A 47 -48.25 -40.55 -0.60
CA GLY A 47 -49.18 -39.56 -1.13
C GLY A 47 -48.55 -38.27 -1.63
N LYS A 48 -47.21 -38.19 -1.68
CA LYS A 48 -46.55 -36.95 -2.07
C LYS A 48 -46.68 -36.67 -3.57
N ILE A 49 -46.78 -37.72 -4.40
CA ILE A 49 -46.97 -37.57 -5.83
C ILE A 49 -48.02 -38.58 -6.28
N SER A 50 -48.53 -38.37 -7.49
CA SER A 50 -49.51 -39.26 -8.10
C SER A 50 -49.19 -39.45 -9.58
N LYS A 51 -49.34 -40.67 -10.04
CA LYS A 51 -49.20 -40.99 -11.44
C LYS A 51 -50.25 -40.27 -12.27
N ILE A 52 -49.86 -39.82 -13.45
CA ILE A 52 -50.73 -39.15 -14.41
C ILE A 52 -50.46 -39.76 -15.78
N GLY A 53 -51.28 -39.37 -16.77
CA GLY A 53 -51.11 -39.89 -18.10
C GLY A 53 -51.08 -38.82 -19.20
N PRO A 54 -51.35 -39.23 -20.42
CA PRO A 54 -51.09 -38.34 -21.57
C PRO A 54 -52.08 -37.18 -21.75
N GLU A 55 -53.27 -37.22 -21.12
CA GLU A 55 -54.19 -36.07 -21.15
C GLU A 55 -53.66 -34.90 -20.37
N ASN A 56 -52.63 -35.10 -19.58
CA ASN A 56 -51.88 -33.98 -19.04
C ASN A 56 -50.77 -33.68 -20.05
N PRO A 57 -50.75 -32.49 -20.65
CA PRO A 57 -49.78 -32.18 -21.71
C PRO A 57 -48.50 -31.49 -21.25
N TYR A 58 -48.27 -31.38 -19.95
CA TYR A 58 -47.14 -30.66 -19.39
C TYR A 58 -46.02 -31.60 -19.01
N ASN A 59 -44.79 -31.11 -19.08
CA ASN A 59 -43.68 -31.86 -18.48
C ASN A 59 -42.57 -30.89 -18.12
N THR A 60 -41.61 -31.41 -17.33
CA THR A 60 -40.48 -30.72 -16.74
C THR A 60 -39.48 -31.81 -16.36
N PRO A 61 -38.18 -31.60 -16.48
CA PRO A 61 -37.22 -32.64 -16.12
C PRO A 61 -36.73 -32.59 -14.67
N VAL A 62 -36.27 -33.76 -14.19
CA VAL A 62 -35.93 -34.01 -12.79
C VAL A 62 -34.46 -34.39 -12.66
N PHE A 63 -33.87 -34.07 -11.51
CA PHE A 63 -32.54 -34.59 -11.16
C PHE A 63 -32.45 -34.76 -9.63
N ALA A 64 -31.24 -35.10 -9.16
CA ALA A 64 -30.94 -35.35 -7.74
C ALA A 64 -29.52 -34.89 -7.40
N ILE A 65 -29.39 -34.25 -6.23
CA ILE A 65 -28.11 -33.82 -5.68
C ILE A 65 -27.95 -34.45 -4.32
N LYS A 66 -26.69 -34.51 -3.86
CA LYS A 66 -26.44 -35.12 -2.57
C LYS A 66 -26.74 -34.15 -1.43
N LYS A 67 -27.02 -34.71 -0.26
CA LYS A 67 -27.30 -33.88 0.93
C LYS A 67 -26.09 -33.96 1.86
N LYS A 68 -26.02 -33.05 2.84
CA LYS A 68 -24.94 -33.05 3.87
C LYS A 68 -25.31 -34.05 4.98
N ASP A 69 -26.56 -34.51 4.99
CA ASP A 69 -27.08 -35.50 5.97
C ASP A 69 -26.69 -36.89 5.46
N SER A 70 -25.42 -37.24 5.62
CA SER A 70 -24.86 -38.56 5.23
C SER A 70 -25.06 -38.89 3.76
N THR A 71 -25.56 -40.09 3.49
CA THR A 71 -25.73 -40.66 2.13
C THR A 71 -27.08 -40.27 1.49
N LYS A 72 -27.91 -39.52 2.21
CA LYS A 72 -29.26 -39.15 1.68
C LYS A 72 -29.14 -38.29 0.42
N TRP A 73 -30.06 -38.50 -0.52
CA TRP A 73 -30.10 -37.71 -1.78
C TRP A 73 -31.27 -36.71 -1.68
N ARG A 74 -31.24 -35.65 -2.49
CA ARG A 74 -32.27 -34.62 -2.51
C ARG A 74 -32.87 -34.54 -3.91
N LYS A 75 -34.12 -34.98 -4.05
CA LYS A 75 -34.80 -34.90 -5.34
C LYS A 75 -35.14 -33.45 -5.68
N VAL A 76 -34.77 -33.03 -6.88
CA VAL A 76 -35.04 -31.67 -7.35
C VAL A 76 -35.45 -31.73 -8.83
N VAL A 77 -36.40 -30.89 -9.21
CA VAL A 77 -36.92 -30.85 -10.58
C VAL A 77 -36.55 -29.49 -11.16
N ASP A 78 -36.23 -29.46 -12.46
CA ASP A 78 -35.74 -28.24 -13.12
C ASP A 78 -36.94 -27.44 -13.60
N PHE A 79 -37.54 -26.71 -12.69
CA PHE A 79 -38.76 -25.97 -12.96
C PHE A 79 -38.50 -24.59 -13.56
N ARG A 80 -37.32 -24.37 -14.15
CA ARG A 80 -37.01 -23.06 -14.70
C ARG A 80 -38.16 -22.52 -15.55
N GLU A 81 -38.74 -23.34 -16.40
CA GLU A 81 -39.81 -22.88 -17.26
C GLU A 81 -41.09 -22.61 -16.48
N LEU A 82 -41.51 -23.54 -15.61
CA LEU A 82 -42.72 -23.32 -14.82
C LEU A 82 -42.57 -22.07 -13.95
N ASN A 83 -41.37 -21.85 -13.38
CA ASN A 83 -41.15 -20.68 -12.54
C ASN A 83 -41.38 -19.38 -13.29
N LYS A 84 -40.86 -19.27 -14.52
CA LYS A 84 -41.11 -18.06 -15.30
C LYS A 84 -42.59 -17.82 -15.52
N ARG A 85 -43.39 -18.88 -15.61
CA ARG A 85 -44.80 -18.72 -15.90
C ARG A 85 -45.67 -18.64 -14.65
N THR A 86 -45.11 -18.94 -13.49
CA THR A 86 -45.84 -18.86 -12.24
C THR A 86 -45.92 -17.41 -11.79
N GLN A 87 -47.05 -17.04 -11.20
CA GLN A 87 -47.25 -15.74 -10.56
C GLN A 87 -46.08 -15.31 -9.68
N ASP A 88 -45.96 -14.00 -9.44
CA ASP A 88 -45.04 -13.52 -8.43
C ASP A 88 -45.56 -13.79 -7.02
N PHE A 89 -44.63 -13.73 -6.08
CA PHE A 89 -44.91 -13.88 -4.67
C PHE A 89 -44.26 -12.72 -3.95
N TRP A 90 -44.83 -12.33 -2.81
CA TRP A 90 -44.14 -11.43 -1.90
C TRP A 90 -43.39 -12.31 -0.91
N GLU A 91 -42.08 -12.34 -1.01
CA GLU A 91 -41.28 -13.18 -0.11
C GLU A 91 -41.37 -12.65 1.32
N VAL A 92 -41.56 -13.58 2.28
CA VAL A 92 -41.67 -13.23 3.71
C VAL A 92 -40.36 -13.36 4.47
N GLN A 93 -39.36 -14.06 3.93
CA GLN A 93 -38.00 -14.04 4.51
C GLN A 93 -37.39 -12.67 4.24
N LEU A 94 -37.32 -11.82 5.27
CA LEU A 94 -36.82 -10.48 5.03
C LEU A 94 -35.33 -10.37 5.26
N GLY A 95 -34.75 -11.32 5.97
CA GLY A 95 -33.34 -11.22 6.30
C GLY A 95 -32.90 -12.49 7.00
N ILE A 96 -31.68 -12.46 7.52
CA ILE A 96 -31.03 -13.65 8.04
C ILE A 96 -30.72 -13.38 9.50
N PRO A 97 -31.22 -14.18 10.43
CA PRO A 97 -30.89 -13.97 11.85
C PRO A 97 -29.39 -14.10 12.11
N HIS A 98 -28.89 -13.31 13.05
CA HIS A 98 -27.46 -13.34 13.40
C HIS A 98 -27.25 -13.73 14.87
N PRO A 99 -26.22 -14.53 15.18
CA PRO A 99 -26.03 -14.96 16.58
C PRO A 99 -25.72 -13.81 17.51
N ALA A 100 -25.22 -12.70 16.98
CA ALA A 100 -24.98 -11.60 17.91
C ALA A 100 -26.28 -10.96 18.39
N GLY A 101 -27.42 -11.26 17.77
CA GLY A 101 -28.71 -10.77 18.24
C GLY A 101 -29.39 -11.68 19.25
N LEU A 102 -28.81 -12.86 19.52
CA LEU A 102 -29.37 -13.74 20.53
C LEU A 102 -29.01 -13.24 21.92
N LYS A 103 -29.94 -13.43 22.87
CA LYS A 103 -29.63 -13.21 24.28
C LYS A 103 -29.23 -14.54 24.90
N GLN A 104 -28.49 -14.46 25.99
CA GLN A 104 -28.17 -15.68 26.74
C GLN A 104 -29.44 -16.34 27.27
N LYS A 105 -29.52 -17.65 27.11
CA LYS A 105 -30.67 -18.44 27.54
C LYS A 105 -30.20 -19.61 28.38
N LYS A 106 -30.99 -19.95 29.39
CA LYS A 106 -30.60 -21.04 30.28
C LYS A 106 -30.59 -22.38 29.56
N SER A 107 -31.65 -22.68 28.80
CA SER A 107 -31.81 -23.93 28.08
C SER A 107 -32.10 -23.65 26.62
N VAL A 108 -31.40 -24.36 25.72
CA VAL A 108 -31.48 -24.16 24.29
C VAL A 108 -31.69 -25.51 23.61
N THR A 109 -32.59 -25.54 22.62
CA THR A 109 -32.75 -26.66 21.72
C THR A 109 -32.68 -26.19 20.28
N VAL A 110 -32.12 -27.01 19.40
CA VAL A 110 -32.25 -26.78 17.95
C VAL A 110 -32.93 -28.01 17.34
N LEU A 111 -34.03 -27.77 16.61
CA LEU A 111 -34.80 -28.83 15.99
C LEU A 111 -34.97 -28.53 14.52
N ASP A 112 -35.09 -29.60 13.75
CA ASP A 112 -35.31 -29.49 12.32
C ASP A 112 -36.49 -30.37 11.92
N VAL A 113 -37.36 -29.83 11.08
CA VAL A 113 -38.48 -30.59 10.54
C VAL A 113 -37.98 -31.56 9.46
N GLY A 114 -38.51 -32.78 9.47
CA GLY A 114 -38.17 -33.76 8.43
C GLY A 114 -39.00 -33.56 7.16
N ASP A 115 -38.32 -33.64 6.00
CA ASP A 115 -38.99 -33.59 4.69
C ASP A 115 -40.00 -32.45 4.64
N ALA A 116 -39.50 -31.28 5.00
CA ALA A 116 -40.34 -30.14 5.31
C ALA A 116 -41.28 -29.79 4.14
N PHE A 117 -40.73 -29.53 2.93
CA PHE A 117 -41.59 -29.10 1.82
C PHE A 117 -42.62 -30.18 1.45
N TYR A 118 -42.23 -31.46 1.55
CA TYR A 118 -43.11 -32.57 1.21
C TYR A 118 -44.23 -32.77 2.22
N SER A 119 -44.21 -32.05 3.33
CA SER A 119 -45.28 -32.14 4.31
C SER A 119 -46.33 -31.06 4.12
N VAL A 120 -46.18 -30.20 3.11
CA VAL A 120 -47.12 -29.11 2.87
C VAL A 120 -47.85 -29.40 1.57
N PRO A 121 -49.18 -29.48 1.57
CA PRO A 121 -49.91 -29.79 0.34
C PRO A 121 -49.85 -28.64 -0.65
N LEU A 122 -49.90 -28.99 -1.93
CA LEU A 122 -49.92 -28.04 -3.05
C LEU A 122 -51.35 -27.85 -3.51
N ASP A 123 -51.72 -26.59 -3.74
CA ASP A 123 -53.00 -26.21 -4.35
C ASP A 123 -53.41 -27.19 -5.43
N LYS A 124 -54.62 -27.76 -5.29
CA LYS A 124 -55.03 -28.86 -6.14
C LYS A 124 -55.10 -28.45 -7.61
N ASP A 125 -55.59 -27.25 -7.90
CA ASP A 125 -55.74 -26.83 -9.30
C ASP A 125 -54.42 -26.59 -9.96
N PHE A 126 -53.35 -26.39 -9.18
CA PHE A 126 -52.04 -26.12 -9.74
C PHE A 126 -51.24 -27.38 -10.00
N ARG A 127 -51.65 -28.50 -9.41
CA ARG A 127 -50.78 -29.67 -9.36
C ARG A 127 -50.38 -30.14 -10.75
N LYS A 128 -51.34 -30.07 -11.68
CA LYS A 128 -51.14 -30.58 -13.02
C LYS A 128 -49.99 -29.91 -13.74
N TYR A 129 -49.59 -28.69 -13.31
CA TYR A 129 -48.50 -27.99 -13.97
C TYR A 129 -47.14 -28.51 -13.56
N THR A 130 -47.08 -29.37 -12.53
CA THR A 130 -45.83 -29.88 -11.99
C THR A 130 -45.48 -31.24 -12.60
N ALA A 131 -46.18 -31.63 -13.65
CA ALA A 131 -45.97 -32.94 -14.29
C ALA A 131 -44.50 -33.15 -14.62
N PHE A 132 -43.97 -34.30 -14.23
CA PHE A 132 -42.62 -34.68 -14.62
C PHE A 132 -42.62 -36.16 -15.00
N THR A 133 -41.40 -36.67 -15.18
CA THR A 133 -41.11 -38.02 -15.66
C THR A 133 -39.75 -38.50 -15.13
N ILE A 134 -39.71 -39.71 -14.57
CA ILE A 134 -38.43 -40.33 -14.07
C ILE A 134 -37.86 -41.21 -15.18
N PRO A 135 -36.66 -40.90 -15.74
CA PRO A 135 -36.06 -41.63 -16.87
C PRO A 135 -35.67 -43.11 -16.70
N SER A 136 -35.02 -43.46 -15.60
CA SER A 136 -34.61 -44.88 -15.32
C SER A 136 -33.85 -45.52 -16.48
N ILE A 137 -32.59 -45.11 -16.67
CA ILE A 137 -31.61 -45.57 -17.72
C ILE A 137 -31.96 -45.00 -19.11
N ASN A 138 -32.97 -44.12 -19.16
CA ASN A 138 -33.42 -43.46 -20.41
C ASN A 138 -33.84 -44.47 -21.49
N ASN A 139 -32.87 -45.11 -22.15
CA ASN A 139 -33.11 -46.02 -23.30
C ASN A 139 -33.64 -47.42 -22.91
N GLU A 140 -34.35 -47.57 -21.78
CA GLU A 140 -34.92 -48.91 -21.50
C GLU A 140 -36.39 -48.92 -21.93
N THR A 141 -37.18 -48.04 -21.32
CA THR A 141 -38.62 -47.83 -21.60
C THR A 141 -38.92 -46.34 -21.45
N PRO A 142 -40.08 -45.84 -21.91
CA PRO A 142 -40.44 -44.45 -21.70
C PRO A 142 -40.69 -44.30 -20.18
N GLY A 143 -40.32 -43.15 -19.62
CA GLY A 143 -40.46 -42.90 -18.17
C GLY A 143 -41.90 -42.80 -17.71
N ILE A 144 -42.12 -43.06 -16.41
CA ILE A 144 -43.48 -42.94 -15.80
C ILE A 144 -43.74 -41.47 -15.49
N ARG A 145 -44.97 -41.00 -15.72
CA ARG A 145 -45.34 -39.61 -15.45
C ARG A 145 -46.04 -39.44 -14.11
N TYR A 146 -45.65 -38.39 -13.38
CA TYR A 146 -46.18 -38.02 -12.08
C TYR A 146 -46.48 -36.53 -12.04
N GLN A 147 -47.31 -36.14 -11.06
CA GLN A 147 -47.45 -34.76 -10.64
C GLN A 147 -47.25 -34.68 -9.12
N TYR A 148 -46.91 -33.49 -8.64
CA TYR A 148 -46.75 -33.26 -7.23
C TYR A 148 -48.08 -32.96 -6.55
N ASN A 149 -48.26 -33.54 -5.38
CA ASN A 149 -49.33 -33.18 -4.46
C ASN A 149 -48.84 -32.28 -3.34
N VAL A 150 -47.53 -32.06 -3.24
CA VAL A 150 -46.93 -31.30 -2.16
C VAL A 150 -45.96 -30.33 -2.79
N LEU A 151 -45.37 -29.48 -1.95
CA LEU A 151 -44.45 -28.44 -2.44
C LEU A 151 -43.22 -29.07 -3.05
N PRO A 152 -42.93 -28.81 -4.31
CA PRO A 152 -41.71 -29.39 -4.92
C PRO A 152 -40.49 -28.52 -4.64
N MET A 153 -39.35 -29.18 -4.50
CA MET A 153 -38.08 -28.46 -4.43
C MET A 153 -37.70 -28.04 -5.84
N GLY A 154 -37.40 -26.77 -5.99
CA GLY A 154 -37.09 -26.22 -7.29
C GLY A 154 -38.16 -25.32 -7.84
N TRP A 155 -39.36 -25.31 -7.24
CA TRP A 155 -40.46 -24.43 -7.66
C TRP A 155 -40.33 -23.08 -6.95
N LYS A 156 -40.61 -22.01 -7.68
CA LYS A 156 -40.41 -20.64 -7.17
C LYS A 156 -41.25 -20.34 -5.95
N GLY A 157 -42.45 -20.91 -5.87
CA GLY A 157 -43.35 -20.62 -4.77
C GLY A 157 -43.15 -21.46 -3.54
N SER A 158 -42.31 -22.51 -3.56
CA SER A 158 -42.30 -23.44 -2.43
C SER A 158 -41.75 -22.80 -1.16
N PRO A 159 -40.63 -22.07 -1.18
CA PRO A 159 -40.12 -21.50 0.08
C PRO A 159 -41.10 -20.59 0.80
N ALA A 160 -41.77 -19.72 0.06
CA ALA A 160 -42.67 -18.77 0.70
C ALA A 160 -43.88 -19.49 1.26
N ILE A 161 -44.40 -20.47 0.52
CA ILE A 161 -45.61 -21.15 0.98
C ILE A 161 -45.26 -22.05 2.14
N PHE A 162 -44.05 -22.65 2.14
CA PHE A 162 -43.61 -23.40 3.32
C PHE A 162 -43.50 -22.48 4.53
N GLN A 163 -42.78 -21.37 4.38
CA GLN A 163 -42.52 -20.47 5.50
C GLN A 163 -43.83 -19.96 6.11
N SER A 164 -44.74 -19.54 5.25
CA SER A 164 -46.00 -18.99 5.73
C SER A 164 -46.80 -20.07 6.42
N SER A 165 -46.80 -21.30 5.88
CA SER A 165 -47.44 -22.40 6.59
C SER A 165 -46.75 -22.69 7.91
N MET A 166 -45.42 -22.67 7.93
CA MET A 166 -44.74 -22.90 9.20
C MET A 166 -45.09 -21.80 10.21
N THR A 167 -45.19 -20.56 9.74
CA THR A 167 -45.56 -19.46 10.62
C THR A 167 -46.94 -19.69 11.24
N LYS A 168 -47.91 -20.15 10.44
CA LYS A 168 -49.25 -20.36 10.97
C LYS A 168 -49.28 -21.51 11.95
N ILE A 169 -48.49 -22.57 11.69
CA ILE A 169 -48.53 -23.73 12.58
C ILE A 169 -47.90 -23.37 13.92
N LEU A 170 -46.83 -22.57 13.92
CA LEU A 170 -46.18 -22.16 15.15
C LEU A 170 -47.00 -21.14 15.95
N GLU A 171 -47.86 -20.37 15.30
CA GLU A 171 -48.48 -19.22 15.95
C GLU A 171 -49.22 -19.59 17.21
N PRO A 172 -50.14 -20.68 17.37
CA PRO A 172 -51.01 -21.35 18.65
C PRO A 172 -49.86 -21.38 19.67
N PHE A 173 -48.77 -22.05 19.35
CA PHE A 173 -47.66 -22.23 20.31
C PHE A 173 -46.95 -20.95 20.74
N ARG A 174 -46.69 -20.02 19.84
CA ARG A 174 -45.96 -18.79 20.25
C ARG A 174 -46.80 -17.97 21.22
N LYS A 175 -48.07 -17.76 20.91
CA LYS A 175 -48.95 -16.94 21.79
C LYS A 175 -49.03 -17.59 23.18
N GLN A 176 -49.15 -18.92 23.19
CA GLN A 176 -49.26 -19.70 24.45
C GLN A 176 -47.99 -19.61 25.29
N ASN A 177 -46.81 -19.48 24.66
CA ASN A 177 -45.55 -19.44 25.44
C ASN A 177 -44.71 -18.23 25.05
N PRO A 178 -45.08 -17.01 25.48
CA PRO A 178 -44.33 -15.80 25.12
C PRO A 178 -42.92 -15.73 25.71
N ASP A 179 -42.63 -16.51 26.74
CA ASP A 179 -41.29 -16.49 27.36
C ASP A 179 -40.34 -17.47 26.67
N ILE A 180 -40.76 -18.13 25.60
CA ILE A 180 -39.85 -19.03 24.87
C ILE A 180 -39.54 -18.40 23.51
N VAL A 181 -38.26 -18.19 23.20
CA VAL A 181 -37.83 -17.64 21.91
C VAL A 181 -37.74 -18.77 20.90
N ILE A 182 -38.43 -18.62 19.76
CA ILE A 182 -38.33 -19.55 18.65
C ILE A 182 -37.82 -18.79 17.42
N TYR A 183 -36.53 -18.93 17.12
CA TYR A 183 -36.02 -18.45 15.85
C TYR A 183 -36.41 -19.44 14.76
N GLN A 184 -37.20 -18.99 13.81
CA GLN A 184 -37.74 -19.84 12.76
C GLN A 184 -37.06 -19.50 11.44
N TYR A 185 -36.17 -20.38 10.95
CA TYR A 185 -35.49 -20.14 9.67
C TYR A 185 -35.74 -21.33 8.76
N MET A 186 -36.64 -21.18 7.79
CA MET A 186 -37.05 -22.31 6.92
C MET A 186 -37.63 -23.39 7.81
N ASP A 187 -37.01 -24.58 7.91
CA ASP A 187 -37.55 -25.63 8.76
C ASP A 187 -36.68 -25.84 9.99
N ASP A 188 -35.83 -24.87 10.27
CA ASP A 188 -34.89 -25.02 11.36
C ASP A 188 -35.32 -24.14 12.50
N LEU A 189 -35.46 -24.72 13.68
CA LEU A 189 -36.04 -24.07 14.85
C LEU A 189 -35.01 -24.05 15.98
N TYR A 190 -34.54 -22.85 16.30
CA TYR A 190 -33.81 -22.61 17.53
C TYR A 190 -34.86 -22.25 18.58
N VAL A 191 -34.80 -22.91 19.75
CA VAL A 191 -35.77 -22.75 20.85
C VAL A 191 -35.00 -22.49 22.15
N GLY A 192 -35.07 -21.26 22.67
CA GLY A 192 -34.39 -20.90 23.89
C GLY A 192 -35.37 -20.46 24.97
N SER A 193 -35.01 -20.70 26.22
CA SER A 193 -35.86 -20.32 27.35
C SER A 193 -35.01 -20.17 28.60
N ASP A 194 -35.61 -19.56 29.62
CA ASP A 194 -34.98 -19.43 30.92
C ASP A 194 -35.59 -20.38 31.94
N LEU A 195 -36.30 -21.39 31.46
CA LEU A 195 -36.82 -22.45 32.32
C LEU A 195 -35.73 -23.46 32.61
N GLU A 196 -35.87 -24.17 33.74
CA GLU A 196 -34.95 -25.23 34.06
C GLU A 196 -35.11 -26.37 33.06
N ILE A 197 -34.05 -27.16 32.91
CA ILE A 197 -33.99 -28.07 31.76
C ILE A 197 -35.19 -29.02 31.76
N GLY A 198 -35.67 -29.41 32.94
CA GLY A 198 -36.84 -30.29 32.98
C GLY A 198 -38.09 -29.67 32.41
N GLN A 199 -38.45 -28.47 32.90
CA GLN A 199 -39.56 -27.72 32.32
C GLN A 199 -39.32 -27.45 30.84
N HIS A 200 -38.08 -27.14 30.48
CA HIS A 200 -37.77 -26.84 29.08
C HIS A 200 -38.05 -28.05 28.20
N ARG A 201 -37.52 -29.21 28.59
CA ARG A 201 -37.74 -30.41 27.79
C ARG A 201 -39.22 -30.75 27.69
N THR A 202 -39.98 -30.43 28.74
CA THR A 202 -41.43 -30.58 28.68
C THR A 202 -42.03 -29.69 27.60
N LYS A 203 -41.57 -28.44 27.52
CA LYS A 203 -42.05 -27.54 26.47
C LYS A 203 -41.60 -27.98 25.08
N ILE A 204 -40.39 -28.54 24.96
CA ILE A 204 -39.94 -29.04 23.67
C ILE A 204 -40.85 -30.17 23.20
N GLU A 205 -41.11 -31.14 24.08
CA GLU A 205 -41.95 -32.26 23.70
C GLU A 205 -43.34 -31.80 23.29
N GLU A 206 -43.87 -30.80 23.99
CA GLU A 206 -45.17 -30.27 23.61
C GLU A 206 -45.09 -29.59 22.25
N LEU A 207 -44.02 -28.82 22.00
CA LEU A 207 -43.86 -28.20 20.69
C LEU A 207 -43.77 -29.27 19.60
N ARG A 208 -43.04 -30.34 19.87
CA ARG A 208 -42.87 -31.38 18.88
C ARG A 208 -44.18 -32.07 18.58
N GLN A 209 -45.02 -32.26 19.60
CA GLN A 209 -46.30 -32.93 19.40
C GLN A 209 -47.25 -32.05 18.60
N HIS A 210 -47.34 -30.76 18.95
CA HIS A 210 -48.12 -29.82 18.15
C HIS A 210 -47.67 -29.85 16.69
N LEU A 211 -46.36 -29.88 16.46
CA LEU A 211 -45.85 -29.91 15.10
C LEU A 211 -46.27 -31.19 14.39
N LEU A 212 -46.24 -32.32 15.11
CA LEU A 212 -46.57 -33.62 14.52
C LEU A 212 -48.06 -33.74 14.17
N ARG A 213 -48.97 -33.23 15.03
CA ARG A 213 -50.39 -33.17 14.68
C ARG A 213 -50.61 -32.38 13.40
N TRP A 214 -49.76 -31.40 13.11
CA TRP A 214 -49.85 -30.70 11.84
C TRP A 214 -48.97 -31.34 10.75
N GLY A 215 -48.49 -32.56 10.97
CA GLY A 215 -47.76 -33.32 9.95
C GLY A 215 -46.29 -32.98 9.80
N PHE A 216 -45.70 -32.26 10.73
CA PHE A 216 -44.29 -31.91 10.69
C PHE A 216 -43.56 -32.79 11.68
N THR A 217 -42.79 -33.77 11.17
CA THR A 217 -41.95 -34.55 12.07
C THR A 217 -40.72 -33.75 12.48
N THR A 218 -40.14 -34.14 13.62
CA THR A 218 -38.84 -33.64 14.09
C THR A 218 -37.91 -34.81 14.38
N PRO A 219 -37.19 -35.32 13.37
CA PRO A 219 -36.40 -36.56 13.58
C PRO A 219 -35.33 -36.36 14.63
N ASP A 220 -34.96 -37.47 15.27
CA ASP A 220 -34.00 -37.43 16.37
C ASP A 220 -32.61 -36.98 15.92
N LYS A 221 -32.16 -37.41 14.74
CA LYS A 221 -30.82 -37.06 14.28
C LYS A 221 -30.61 -35.55 14.18
N LYS A 222 -31.66 -34.78 13.90
CA LYS A 222 -31.53 -33.33 13.76
C LYS A 222 -32.00 -32.58 14.99
N HIS A 223 -32.14 -33.28 16.09
CA HIS A 223 -32.59 -32.69 17.34
C HIS A 223 -31.36 -32.54 18.22
N GLN A 224 -30.89 -31.32 18.38
CA GLN A 224 -29.72 -31.03 19.21
C GLN A 224 -30.19 -30.56 20.57
N LYS A 225 -29.64 -31.14 21.63
CA LYS A 225 -30.00 -30.71 22.97
C LYS A 225 -28.81 -30.29 23.83
N GLU A 226 -27.61 -30.21 23.26
CA GLU A 226 -26.42 -30.01 24.05
C GLU A 226 -25.44 -29.07 23.34
N PRO A 227 -24.80 -28.17 24.07
CA PRO A 227 -23.88 -27.21 23.44
C PRO A 227 -22.57 -27.90 23.08
N PRO A 228 -21.97 -27.57 21.93
CA PRO A 228 -22.32 -26.46 21.02
C PRO A 228 -23.38 -26.80 19.98
N PHE A 229 -24.33 -25.89 19.78
CA PHE A 229 -25.40 -26.09 18.82
C PHE A 229 -24.90 -25.63 17.47
N LEU A 230 -25.14 -26.43 16.44
CA LEU A 230 -24.81 -26.04 15.08
C LEU A 230 -26.01 -25.29 14.52
N TRP A 231 -25.81 -24.04 14.14
CA TRP A 231 -26.97 -23.20 13.84
C TRP A 231 -26.55 -22.11 12.88
N MET A 232 -27.16 -22.14 11.70
CA MET A 232 -27.04 -21.05 10.73
C MET A 232 -25.59 -20.84 10.30
N GLY A 233 -24.78 -21.90 10.37
CA GLY A 233 -23.38 -21.81 10.05
C GLY A 233 -22.50 -21.37 11.21
N TYR A 234 -23.02 -21.35 12.42
CA TYR A 234 -22.24 -20.96 13.60
C TYR A 234 -22.22 -22.10 14.60
N GLU A 235 -21.59 -21.85 15.73
CA GLU A 235 -21.60 -22.77 16.86
C GLU A 235 -21.96 -21.96 18.08
N LEU A 236 -23.05 -22.34 18.75
CA LEU A 236 -23.56 -21.61 19.90
C LEU A 236 -23.08 -22.32 21.14
N HIS A 237 -22.22 -21.66 21.90
CA HIS A 237 -21.84 -22.07 23.23
C HIS A 237 -22.70 -21.32 24.24
N PRO A 238 -22.69 -21.75 25.52
CA PRO A 238 -23.46 -20.99 26.52
C PRO A 238 -23.10 -19.53 26.57
N ASP A 239 -21.79 -19.22 26.54
CA ASP A 239 -21.28 -17.87 26.75
C ASP A 239 -20.78 -17.19 25.49
N LYS A 240 -20.63 -17.92 24.37
CA LYS A 240 -20.02 -17.34 23.18
C LYS A 240 -20.42 -18.13 21.95
N TRP A 241 -20.10 -17.56 20.80
CA TRP A 241 -20.39 -18.19 19.54
C TRP A 241 -19.20 -18.01 18.61
N THR A 242 -19.08 -18.91 17.66
CA THR A 242 -18.00 -18.94 16.69
C THR A 242 -18.60 -19.30 15.35
N VAL A 243 -17.92 -18.87 14.27
CA VAL A 243 -18.24 -19.35 12.93
C VAL A 243 -17.68 -20.75 12.79
N GLN A 244 -18.42 -21.60 12.07
CA GLN A 244 -17.85 -22.89 11.66
C GLN A 244 -16.64 -22.64 10.78
N PRO A 245 -15.66 -23.54 10.78
CA PRO A 245 -14.32 -23.19 10.27
C PRO A 245 -14.37 -22.68 8.83
N ILE A 246 -13.51 -21.71 8.54
CA ILE A 246 -13.44 -21.07 7.22
C ILE A 246 -12.14 -21.51 6.56
N VAL A 247 -12.26 -22.24 5.47
CA VAL A 247 -11.10 -22.75 4.76
C VAL A 247 -10.89 -21.92 3.51
N LEU A 248 -9.78 -21.20 3.46
CA LEU A 248 -9.42 -20.35 2.32
C LEU A 248 -8.78 -21.19 1.22
N PRO A 249 -9.17 -20.98 -0.04
CA PRO A 249 -8.45 -21.64 -1.14
C PRO A 249 -6.97 -21.31 -1.07
N GLU A 250 -6.13 -22.30 -1.39
CA GLU A 250 -4.70 -22.08 -1.55
C GLU A 250 -4.29 -22.64 -2.90
N LYS A 251 -3.82 -21.77 -3.77
CA LYS A 251 -3.46 -22.10 -5.15
C LYS A 251 -2.07 -21.58 -5.43
N ASP A 252 -1.38 -22.17 -6.42
CA ASP A 252 -0.23 -21.45 -6.94
C ASP A 252 -0.52 -20.69 -8.24
N SER A 253 -1.53 -21.08 -9.01
CA SER A 253 -2.08 -20.19 -10.04
C SER A 253 -3.58 -19.94 -9.76
N TRP A 254 -3.99 -18.68 -9.85
CA TRP A 254 -5.33 -18.24 -9.50
C TRP A 254 -6.10 -17.85 -10.77
N THR A 255 -7.33 -18.35 -10.87
CA THR A 255 -8.26 -17.84 -11.88
C THR A 255 -9.10 -16.73 -11.27
N VAL A 256 -9.75 -15.98 -12.15
CA VAL A 256 -10.79 -15.04 -11.72
C VAL A 256 -11.75 -15.72 -10.75
N ASN A 257 -12.20 -16.93 -11.08
CA ASN A 257 -13.22 -17.56 -10.25
C ASN A 257 -12.67 -17.93 -8.87
N ASP A 258 -11.38 -18.30 -8.79
CA ASP A 258 -10.73 -18.55 -7.52
C ASP A 258 -10.73 -17.30 -6.65
N ILE A 259 -10.37 -16.17 -7.26
CA ILE A 259 -10.30 -14.93 -6.51
C ILE A 259 -11.68 -14.52 -6.05
N GLN A 260 -12.68 -14.68 -6.93
CA GLN A 260 -14.06 -14.41 -6.52
C GLN A 260 -14.44 -15.26 -5.32
N LYS A 261 -14.06 -16.53 -5.31
CA LYS A 261 -14.37 -17.37 -4.15
C LYS A 261 -13.64 -16.90 -2.89
N LEU A 262 -12.37 -16.52 -3.02
CA LEU A 262 -11.57 -16.07 -1.89
C LEU A 262 -12.15 -14.80 -1.27
N VAL A 263 -12.52 -13.82 -2.10
CA VAL A 263 -13.10 -12.58 -1.59
C VAL A 263 -14.41 -12.87 -0.86
N GLY A 264 -15.22 -13.79 -1.38
CA GLY A 264 -16.46 -14.15 -0.71
C GLY A 264 -16.24 -14.74 0.67
N LYS A 265 -15.30 -15.68 0.79
CA LYS A 265 -14.98 -16.27 2.09
C LYS A 265 -14.52 -15.21 3.08
N LEU A 266 -13.66 -14.28 2.63
CA LEU A 266 -13.19 -13.21 3.50
C LEU A 266 -14.32 -12.29 3.95
N ASN A 267 -15.26 -11.99 3.07
CA ASN A 267 -16.39 -11.15 3.48
C ASN A 267 -17.21 -11.87 4.53
N TRP A 268 -17.44 -13.17 4.34
CA TRP A 268 -18.14 -13.95 5.35
C TRP A 268 -17.38 -13.93 6.68
N ALA A 269 -16.04 -14.09 6.63
CA ALA A 269 -15.22 -14.07 7.84
C ALA A 269 -15.26 -12.73 8.55
N SER A 270 -15.47 -11.65 7.81
CA SER A 270 -15.34 -10.32 8.36
C SER A 270 -16.42 -9.99 9.40
N GLN A 271 -17.42 -10.85 9.50
CA GLN A 271 -18.50 -10.63 10.50
C GLN A 271 -17.97 -10.87 11.91
N ILE A 272 -16.89 -11.65 12.06
CA ILE A 272 -16.32 -11.90 13.41
C ILE A 272 -14.81 -11.62 13.44
N TYR A 273 -14.12 -11.73 12.31
CA TYR A 273 -12.66 -11.46 12.27
C TYR A 273 -12.43 -9.98 12.00
N ALA A 274 -11.81 -9.28 12.95
CA ALA A 274 -11.60 -7.84 12.81
C ALA A 274 -10.49 -7.55 11.81
N GLY A 275 -10.68 -6.49 11.01
CA GLY A 275 -9.62 -5.98 10.15
C GLY A 275 -9.39 -6.69 8.83
N ILE A 276 -10.25 -7.64 8.43
CA ILE A 276 -10.17 -8.23 7.10
C ILE A 276 -10.20 -7.13 6.03
N LYS A 277 -9.38 -7.27 4.99
CA LYS A 277 -9.40 -6.34 3.86
C LYS A 277 -9.42 -7.09 2.52
N VAL A 278 -10.15 -6.55 1.53
CA VAL A 278 -10.31 -7.29 0.28
C VAL A 278 -10.14 -6.38 -0.92
N ARG A 279 -9.69 -5.13 -0.68
CA ARG A 279 -9.62 -4.17 -1.78
C ARG A 279 -8.61 -4.60 -2.85
N GLN A 280 -7.42 -5.05 -2.41
CA GLN A 280 -6.38 -5.37 -3.38
C GLN A 280 -6.68 -6.69 -4.10
N LEU A 281 -7.23 -7.67 -3.40
CA LEU A 281 -7.68 -8.88 -4.07
C LEU A 281 -8.82 -8.59 -5.04
N SER A 282 -9.74 -7.69 -4.69
CA SER A 282 -10.87 -7.37 -5.56
C SER A 282 -10.43 -6.63 -6.82
N LYS A 283 -9.46 -5.71 -6.66
CA LYS A 283 -8.86 -5.04 -7.82
C LYS A 283 -8.50 -6.02 -8.93
N LEU A 284 -8.00 -7.21 -8.58
CA LEU A 284 -7.64 -8.22 -9.58
C LEU A 284 -8.82 -8.62 -10.46
N LEU A 285 -10.04 -8.48 -9.97
CA LEU A 285 -11.19 -8.88 -10.78
C LEU A 285 -11.54 -7.85 -11.84
N ARG A 286 -11.11 -6.59 -11.67
CA ARG A 286 -11.47 -5.53 -12.60
C ARG A 286 -10.86 -5.77 -13.98
N GLY A 287 -11.68 -5.60 -15.00
CA GLY A 287 -11.20 -5.69 -16.37
C GLY A 287 -10.92 -7.09 -16.87
N THR A 288 -11.24 -8.10 -16.10
CA THR A 288 -11.06 -9.46 -16.60
C THR A 288 -12.26 -9.82 -17.49
N LYS A 289 -12.09 -10.88 -18.27
CA LYS A 289 -13.09 -11.20 -19.26
C LYS A 289 -13.48 -12.67 -19.31
N ALA A 290 -12.99 -13.49 -18.39
CA ALA A 290 -13.44 -14.87 -18.30
C ALA A 290 -13.19 -15.35 -16.89
N LEU A 291 -14.09 -16.22 -16.42
CA LEU A 291 -13.95 -16.79 -15.10
C LEU A 291 -12.77 -17.76 -15.00
N THR A 292 -12.31 -18.32 -16.13
CA THR A 292 -11.16 -19.21 -16.14
C THR A 292 -9.88 -18.50 -16.51
N GLU A 293 -9.93 -17.19 -16.71
CA GLU A 293 -8.71 -16.45 -17.02
C GLU A 293 -7.77 -16.46 -15.81
N VAL A 294 -6.50 -16.80 -16.05
CA VAL A 294 -5.50 -16.77 -14.98
C VAL A 294 -5.15 -15.33 -14.66
N VAL A 295 -5.17 -14.99 -13.38
CA VAL A 295 -4.80 -13.66 -12.90
C VAL A 295 -3.59 -13.83 -11.98
N PRO A 296 -2.44 -13.23 -12.30
CA PRO A 296 -1.33 -13.20 -11.33
C PRO A 296 -1.62 -12.20 -10.21
N LEU A 297 -1.46 -12.66 -8.97
CA LEU A 297 -1.63 -11.74 -7.84
C LEU A 297 -0.58 -10.65 -7.91
N THR A 298 -1.03 -9.39 -7.83
CA THR A 298 -0.12 -8.28 -7.59
C THR A 298 0.56 -8.43 -6.21
N GLU A 299 1.61 -7.63 -6.02
CA GLU A 299 2.35 -7.64 -4.76
C GLU A 299 1.45 -7.19 -3.60
N GLU A 300 0.68 -6.14 -3.83
CA GLU A 300 -0.29 -5.66 -2.87
C GLU A 300 -1.32 -6.71 -2.49
N ALA A 301 -1.67 -7.61 -3.42
CA ALA A 301 -2.72 -8.58 -3.13
C ALA A 301 -2.16 -9.73 -2.32
N GLU A 302 -0.96 -10.19 -2.67
CA GLU A 302 -0.25 -11.14 -1.81
C GLU A 302 -0.12 -10.60 -0.38
N LEU A 303 0.19 -9.30 -0.22
CA LEU A 303 0.37 -8.74 1.11
C LEU A 303 -0.96 -8.76 1.87
N GLU A 304 -2.00 -8.24 1.23
CA GLU A 304 -3.34 -8.30 1.79
C GLU A 304 -3.75 -9.73 2.13
N LEU A 305 -3.53 -10.68 1.19
CA LEU A 305 -3.86 -12.07 1.48
C LEU A 305 -3.10 -12.56 2.72
N ALA A 306 -1.79 -12.29 2.76
CA ALA A 306 -0.98 -12.74 3.90
C ALA A 306 -1.50 -12.16 5.20
N GLU A 307 -1.90 -10.88 5.20
CA GLU A 307 -2.45 -10.28 6.41
C GLU A 307 -3.74 -10.97 6.83
N ASN A 308 -4.66 -11.22 5.88
CA ASN A 308 -5.91 -11.90 6.22
C ASN A 308 -5.62 -13.27 6.79
N ARG A 309 -4.66 -13.99 6.19
CA ARG A 309 -4.36 -15.34 6.67
C ARG A 309 -3.85 -15.29 8.10
N GLU A 310 -3.09 -14.25 8.43
CA GLU A 310 -2.60 -14.08 9.80
C GLU A 310 -3.78 -13.85 10.76
N ILE A 311 -4.70 -12.97 10.36
CA ILE A 311 -5.88 -12.70 11.18
C ILE A 311 -6.69 -13.97 11.38
N LEU A 312 -6.87 -14.76 10.31
CA LEU A 312 -7.68 -15.97 10.37
C LEU A 312 -7.04 -17.08 11.20
N LYS A 313 -5.73 -17.02 11.44
CA LYS A 313 -5.08 -18.04 12.26
C LYS A 313 -5.53 -17.99 13.71
N GLU A 314 -5.80 -16.78 14.21
CA GLU A 314 -6.13 -16.53 15.59
C GLU A 314 -7.57 -16.97 15.87
N PRO A 315 -7.84 -17.54 17.03
CA PRO A 315 -9.22 -17.92 17.36
C PRO A 315 -9.97 -16.70 17.81
N VAL A 316 -11.23 -16.61 17.38
CA VAL A 316 -12.09 -15.49 17.73
C VAL A 316 -13.45 -16.04 18.12
N HIS A 317 -14.19 -15.24 18.89
CA HIS A 317 -15.57 -15.56 19.21
C HIS A 317 -16.31 -14.24 19.33
N GLY A 318 -17.60 -14.29 19.06
CA GLY A 318 -18.49 -13.22 19.43
C GLY A 318 -19.17 -13.57 20.76
N VAL A 319 -19.78 -12.56 21.38
CA VAL A 319 -20.60 -12.86 22.56
C VAL A 319 -22.05 -12.56 22.21
N TYR A 320 -22.94 -12.76 23.18
CA TYR A 320 -24.38 -12.57 23.01
C TYR A 320 -24.81 -11.20 23.51
N TYR A 321 -26.02 -10.81 23.12
CA TYR A 321 -26.55 -9.49 23.38
C TYR A 321 -27.12 -9.38 24.79
N ASP A 322 -26.71 -8.33 25.51
CA ASP A 322 -27.30 -7.96 26.80
C ASP A 322 -28.20 -6.74 26.62
N PRO A 323 -29.52 -6.89 26.61
CA PRO A 323 -30.40 -5.74 26.35
C PRO A 323 -30.30 -4.63 27.40
N SER A 324 -29.79 -4.92 28.60
CA SER A 324 -29.66 -3.95 29.68
C SER A 324 -28.40 -3.09 29.59
N LYS A 325 -27.58 -3.26 28.56
CA LYS A 325 -26.38 -2.46 28.38
C LYS A 325 -26.42 -1.76 27.02
N ASP A 326 -25.69 -0.67 26.90
CA ASP A 326 -25.62 0.02 25.61
C ASP A 326 -24.93 -0.83 24.55
N LEU A 327 -25.27 -0.55 23.28
CA LEU A 327 -24.51 -1.01 22.14
C LEU A 327 -23.50 0.04 21.72
N ILE A 328 -22.28 -0.38 21.43
CA ILE A 328 -21.21 0.54 21.10
C ILE A 328 -20.57 0.09 19.81
N ALA A 329 -20.39 1.02 18.89
CA ALA A 329 -19.79 0.74 17.60
C ALA A 329 -18.57 1.64 17.44
N GLU A 330 -17.45 1.02 17.14
CA GLU A 330 -16.20 1.71 16.94
C GLU A 330 -15.68 1.40 15.54
N ILE A 331 -15.11 2.40 14.88
CA ILE A 331 -14.70 2.31 13.50
C ILE A 331 -13.23 2.71 13.41
N GLN A 332 -12.46 2.02 12.56
CA GLN A 332 -11.10 2.44 12.23
C GLN A 332 -10.97 2.59 10.72
N LYS A 333 -10.12 3.52 10.34
CA LYS A 333 -9.78 3.72 8.95
C LYS A 333 -8.66 2.74 8.61
N GLN A 334 -8.74 2.11 7.44
CA GLN A 334 -7.67 1.21 7.00
C GLN A 334 -6.94 1.64 5.73
N GLY A 335 -7.36 2.70 5.07
CA GLY A 335 -6.65 3.14 3.88
C GLY A 335 -7.36 2.75 2.60
N GLN A 336 -7.32 3.64 1.62
CA GLN A 336 -7.88 3.40 0.28
C GLN A 336 -9.38 3.11 0.37
N GLY A 337 -10.09 3.91 1.18
CA GLY A 337 -11.54 3.78 1.29
C GLY A 337 -11.98 2.50 1.98
N GLN A 338 -11.19 1.96 2.89
CA GLN A 338 -11.57 0.76 3.61
C GLN A 338 -11.75 1.07 5.08
N TRP A 339 -12.79 0.53 5.67
CA TRP A 339 -13.14 0.81 7.04
C TRP A 339 -13.47 -0.52 7.72
N THR A 340 -13.13 -0.63 8.99
CA THR A 340 -13.47 -1.83 9.73
C THR A 340 -14.09 -1.42 11.05
N TYR A 341 -15.00 -2.25 11.55
CA TYR A 341 -15.66 -1.82 12.77
C TYR A 341 -15.93 -3.01 13.66
N GLN A 342 -16.17 -2.68 14.92
CA GLN A 342 -16.48 -3.62 15.99
C GLN A 342 -17.69 -3.10 16.75
N ILE A 343 -18.57 -4.01 17.09
CA ILE A 343 -19.76 -3.70 17.89
C ILE A 343 -19.65 -4.54 19.14
N TYR A 344 -19.67 -3.86 20.29
CA TYR A 344 -19.54 -4.49 21.61
C TYR A 344 -20.40 -3.74 22.63
N GLN A 345 -20.54 -4.34 23.83
CA GLN A 345 -21.14 -3.73 25.01
C GLN A 345 -20.15 -3.61 26.16
N GLU A 346 -19.41 -4.66 26.48
CA GLU A 346 -18.25 -4.59 27.35
C GLU A 346 -16.96 -4.58 26.52
N PRO A 347 -15.95 -3.83 26.96
CA PRO A 347 -14.72 -3.71 26.18
C PRO A 347 -14.05 -5.06 25.94
N PHE A 348 -13.51 -5.23 24.73
CA PHE A 348 -12.81 -6.43 24.30
C PHE A 348 -13.70 -7.67 24.23
N LYS A 349 -15.03 -7.50 24.23
CA LYS A 349 -15.97 -8.59 24.06
C LYS A 349 -16.89 -8.20 22.90
N ASN A 350 -16.48 -8.53 21.67
CA ASN A 350 -17.26 -8.13 20.50
C ASN A 350 -18.53 -8.97 20.36
N LEU A 351 -19.64 -8.31 20.07
CA LEU A 351 -20.79 -9.04 19.53
C LEU A 351 -20.50 -9.47 18.10
N LYS A 352 -20.00 -8.54 17.29
CA LYS A 352 -19.61 -8.87 15.93
C LYS A 352 -18.71 -7.77 15.42
N THR A 353 -18.15 -8.01 14.25
CA THR A 353 -17.34 -7.06 13.55
C THR A 353 -17.91 -6.87 12.14
N GLY A 354 -17.24 -6.05 11.36
CA GLY A 354 -17.64 -5.90 9.98
C GLY A 354 -16.67 -4.98 9.26
N LYS A 355 -17.01 -4.71 8.01
CA LYS A 355 -16.22 -3.81 7.22
C LYS A 355 -17.13 -3.05 6.26
N TYR A 356 -16.67 -1.85 5.88
CA TYR A 356 -17.27 -1.03 4.85
C TYR A 356 -16.17 -0.57 3.90
N ALA A 357 -16.33 -0.86 2.61
CA ALA A 357 -15.29 -0.54 1.65
C ALA A 357 -15.86 -0.12 0.30
N ARG A 358 -17.13 0.29 0.24
CA ARG A 358 -17.71 0.58 -1.05
C ARG A 358 -17.22 1.95 -1.51
N MET A 359 -16.91 2.08 -2.80
CA MET A 359 -16.64 3.40 -3.37
C MET A 359 -17.91 3.95 -4.01
N LYS A 360 -18.51 4.96 -3.40
CA LYS A 360 -19.70 5.60 -3.91
C LYS A 360 -19.31 6.93 -4.56
N GLY A 361 -19.63 7.09 -5.85
CA GLY A 361 -19.38 8.36 -6.52
C GLY A 361 -18.00 8.42 -7.15
N ALA A 362 -17.87 9.27 -8.16
CA ALA A 362 -16.58 9.41 -8.83
C ALA A 362 -15.55 10.09 -7.93
N HIS A 363 -16.00 11.03 -7.08
CA HIS A 363 -15.17 11.88 -6.25
C HIS A 363 -15.75 11.90 -4.84
N THR A 364 -14.89 11.74 -3.81
CA THR A 364 -15.42 11.70 -2.45
C THR A 364 -14.30 12.04 -1.47
N ASN A 365 -14.62 11.98 -0.17
CA ASN A 365 -13.60 12.17 0.85
C ASN A 365 -13.91 11.25 2.02
N ASP A 366 -12.91 11.17 2.92
CA ASP A 366 -12.99 10.31 4.09
C ASP A 366 -14.14 10.68 5.01
N VAL A 367 -14.43 11.97 5.16
CA VAL A 367 -15.55 12.32 6.04
C VAL A 367 -16.85 11.74 5.50
N LYS A 368 -17.07 11.84 4.18
CA LYS A 368 -18.28 11.25 3.61
C LYS A 368 -18.28 9.73 3.78
N GLN A 369 -17.12 9.11 3.59
CA GLN A 369 -17.15 7.65 3.63
C GLN A 369 -17.35 7.17 5.06
N LEU A 370 -16.77 7.88 6.02
CA LEU A 370 -17.02 7.58 7.42
C LEU A 370 -18.50 7.64 7.70
N THR A 371 -19.16 8.64 7.11
CA THR A 371 -20.58 8.82 7.30
C THR A 371 -21.35 7.68 6.69
N GLU A 372 -20.90 7.20 5.54
CA GLU A 372 -21.50 6.00 4.95
C GLU A 372 -21.33 4.78 5.86
N ALA A 373 -20.12 4.53 6.35
CA ALA A 373 -19.91 3.42 7.30
C ALA A 373 -20.84 3.53 8.51
N VAL A 374 -20.99 4.74 9.06
CA VAL A 374 -21.89 4.94 10.19
C VAL A 374 -23.30 4.52 9.81
N GLN A 375 -23.73 4.91 8.61
CA GLN A 375 -25.07 4.57 8.13
C GLN A 375 -25.23 3.07 7.92
N LYS A 376 -24.24 2.41 7.30
CA LYS A 376 -24.32 0.95 7.19
C LYS A 376 -24.46 0.29 8.57
N ILE A 377 -23.66 0.75 9.53
CA ILE A 377 -23.69 0.15 10.86
C ILE A 377 -25.02 0.45 11.55
N ALA A 378 -25.50 1.69 11.45
CA ALA A 378 -26.83 2.02 11.98
C ALA A 378 -27.91 1.06 11.43
N THR A 379 -27.89 0.82 10.13
CA THR A 379 -28.90 -0.05 9.52
C THR A 379 -28.76 -1.48 10.02
N GLU A 380 -27.53 -1.98 10.03
CA GLU A 380 -27.31 -3.33 10.51
C GLU A 380 -27.70 -3.46 11.99
N SER A 381 -27.48 -2.42 12.79
CA SER A 381 -27.85 -2.52 14.20
C SER A 381 -29.35 -2.53 14.37
N ILE A 382 -30.08 -1.76 13.56
CA ILE A 382 -31.54 -1.84 13.65
C ILE A 382 -31.98 -3.25 13.33
N VAL A 383 -31.41 -3.84 12.26
CA VAL A 383 -31.83 -5.17 11.83
C VAL A 383 -31.61 -6.17 12.98
N ILE A 384 -30.42 -6.15 13.59
CA ILE A 384 -30.06 -7.22 14.52
C ILE A 384 -30.62 -6.95 15.92
N TRP A 385 -30.57 -5.71 16.40
CA TRP A 385 -30.92 -5.43 17.79
C TRP A 385 -32.11 -4.51 17.98
N GLY A 386 -32.60 -3.83 16.94
CA GLY A 386 -33.76 -2.97 17.06
C GLY A 386 -33.45 -1.55 17.50
N LYS A 387 -32.19 -1.15 17.46
CA LYS A 387 -31.80 0.16 17.96
C LYS A 387 -30.42 0.48 17.37
N THR A 388 -30.06 1.70 17.44
CA THR A 388 -28.77 2.08 16.91
C THR A 388 -27.76 2.21 18.04
N PRO A 389 -26.48 2.05 17.78
CA PRO A 389 -25.49 2.08 18.85
C PRO A 389 -24.96 3.50 19.05
N LYS A 390 -24.25 3.68 20.17
CA LYS A 390 -23.36 4.81 20.33
C LYS A 390 -22.10 4.56 19.52
N PHE A 391 -21.55 5.63 18.95
CA PHE A 391 -20.38 5.49 18.11
C PHE A 391 -19.12 6.01 18.78
N LYS A 392 -18.01 5.33 18.53
CA LYS A 392 -16.66 5.81 18.81
C LYS A 392 -15.95 5.95 17.48
N LEU A 393 -15.57 7.19 17.14
CA LEU A 393 -15.09 7.52 15.82
C LEU A 393 -13.76 8.24 15.84
N PRO A 394 -12.90 7.91 14.94
CA PRO A 394 -11.57 8.50 14.87
C PRO A 394 -11.59 9.80 14.10
N ILE A 395 -12.45 10.71 14.51
CA ILE A 395 -12.55 12.03 13.89
C ILE A 395 -12.77 13.07 14.97
N GLN A 396 -12.01 14.15 14.93
CA GLN A 396 -12.17 15.18 15.95
C GLN A 396 -13.49 15.93 15.78
N LYS A 397 -14.05 16.39 16.91
CA LYS A 397 -15.29 17.15 16.88
C LYS A 397 -15.15 18.40 16.02
N GLU A 398 -13.98 19.08 16.09
CA GLU A 398 -13.79 20.26 15.26
C GLU A 398 -13.78 19.92 13.77
N THR A 399 -13.19 18.78 13.40
CA THR A 399 -13.20 18.37 12.01
C THR A 399 -14.63 18.21 11.50
N TRP A 400 -15.43 17.43 12.23
CA TRP A 400 -16.83 17.26 11.86
C TRP A 400 -17.53 18.61 11.77
N GLU A 401 -17.36 19.46 12.81
CA GLU A 401 -18.06 20.74 12.81
C GLU A 401 -17.63 21.62 11.63
N ALA A 402 -16.33 21.62 11.31
CA ALA A 402 -15.87 22.28 10.09
C ALA A 402 -16.58 21.75 8.85
N TRP A 403 -16.78 20.43 8.77
CA TRP A 403 -17.40 19.84 7.58
C TRP A 403 -18.87 20.22 7.44
N TRP A 404 -19.68 19.97 8.46
CA TRP A 404 -21.10 20.17 8.22
C TRP A 404 -21.52 21.64 8.22
N THR A 405 -20.61 22.56 8.52
CA THR A 405 -20.92 23.97 8.33
C THR A 405 -20.36 24.54 7.04
N GLU A 406 -19.44 23.86 6.38
CA GLU A 406 -18.98 24.32 5.08
C GLU A 406 -19.54 23.50 3.91
N TYR A 407 -20.26 22.41 4.19
CA TYR A 407 -20.78 21.55 3.13
C TYR A 407 -22.26 21.87 2.90
N TRP A 408 -22.64 21.97 1.64
CA TRP A 408 -23.97 22.51 1.37
C TRP A 408 -25.09 21.50 1.54
N GLN A 409 -24.80 20.21 1.65
CA GLN A 409 -25.86 19.23 1.85
C GLN A 409 -26.08 18.98 3.34
N ALA A 410 -27.32 18.66 3.69
CA ALA A 410 -27.60 18.26 5.06
C ALA A 410 -26.85 16.99 5.40
N THR A 411 -26.26 16.96 6.58
CA THR A 411 -25.61 15.73 7.00
C THR A 411 -25.57 15.66 8.52
N TRP A 412 -25.34 14.45 9.01
CA TRP A 412 -25.48 14.23 10.44
C TRP A 412 -24.83 12.91 10.80
N ILE A 413 -24.39 12.80 12.05
CA ILE A 413 -23.91 11.57 12.65
C ILE A 413 -24.49 11.54 14.05
N PRO A 414 -25.04 10.43 14.49
CA PRO A 414 -25.67 10.40 15.82
C PRO A 414 -24.65 10.46 16.94
N GLU A 415 -25.11 10.20 18.18
CA GLU A 415 -24.28 10.37 19.38
C GLU A 415 -22.95 9.63 19.23
N TRP A 416 -21.85 10.39 19.27
CA TRP A 416 -20.53 9.80 19.10
C TRP A 416 -19.49 10.48 19.96
N GLU A 417 -18.47 9.71 20.31
CA GLU A 417 -17.34 10.11 21.11
C GLU A 417 -16.07 9.97 20.27
N PHE A 418 -15.18 10.96 20.40
CA PHE A 418 -13.92 10.91 19.68
C PHE A 418 -13.06 9.81 20.27
N VAL A 419 -12.37 9.07 19.42
CA VAL A 419 -11.45 8.04 19.87
C VAL A 419 -10.17 8.21 19.07
N ASN A 420 -9.04 8.36 19.76
CA ASN A 420 -7.76 8.65 19.12
C ASN A 420 -7.05 7.35 18.73
N THR A 421 -7.44 6.82 17.57
CA THR A 421 -6.84 5.64 16.98
C THR A 421 -6.38 6.04 15.59
N PRO A 422 -5.17 6.56 15.45
CA PRO A 422 -4.71 7.01 14.15
C PRO A 422 -4.69 5.86 13.16
N PRO A 423 -4.84 6.14 11.86
CA PRO A 423 -4.96 7.47 11.26
C PRO A 423 -6.35 8.12 11.50
N LEU A 424 -6.40 9.39 11.89
CA LEU A 424 -7.66 10.06 12.12
C LEU A 424 -8.29 10.45 10.79
N VAL A 425 -9.61 10.55 10.79
CA VAL A 425 -10.34 11.09 9.64
C VAL A 425 -10.26 12.60 9.70
N LYS A 426 -9.87 13.23 8.60
CA LYS A 426 -9.68 14.67 8.58
C LYS A 426 -9.98 15.26 7.21
N LEU A 427 -10.28 16.55 7.20
CA LEU A 427 -10.32 17.33 5.99
C LEU A 427 -8.89 17.66 5.56
N TRP A 428 -8.59 17.43 4.32
CA TRP A 428 -7.24 17.55 3.83
C TRP A 428 -6.95 18.92 3.26
N TYR A 429 -7.95 19.78 3.14
CA TYR A 429 -7.76 21.19 2.79
C TYR A 429 -9.10 21.87 2.97
N GLN A 430 -9.08 23.18 2.99
CA GLN A 430 -10.30 23.96 3.16
C GLN A 430 -10.17 25.20 2.31
N LEU A 431 -11.13 25.39 1.42
CA LEU A 431 -11.19 26.60 0.64
C LEU A 431 -11.49 27.81 1.54
N GLU A 432 -10.81 28.93 1.26
CA GLU A 432 -11.09 30.17 1.96
C GLU A 432 -12.49 30.68 1.64
N LYS A 433 -13.13 31.29 2.64
CA LYS A 433 -14.44 31.89 2.44
C LYS A 433 -14.35 33.28 1.82
N GLU A 434 -13.23 33.96 2.00
CA GLU A 434 -13.00 35.25 1.42
C GLU A 434 -11.74 35.22 0.55
N PRO A 435 -11.63 36.11 -0.43
CA PRO A 435 -10.37 36.22 -1.19
C PRO A 435 -9.17 36.55 -0.30
N ILE A 436 -8.00 36.13 -0.77
CA ILE A 436 -6.77 36.22 0.01
C ILE A 436 -6.01 37.45 -0.45
N ILE A 437 -5.79 38.39 0.49
CA ILE A 437 -5.03 39.60 0.20
C ILE A 437 -3.58 39.23 -0.08
N GLY A 438 -3.02 39.81 -1.13
CA GLY A 438 -1.64 39.59 -1.47
C GLY A 438 -1.38 38.32 -2.25
N ALA A 439 -2.40 37.50 -2.49
CA ALA A 439 -2.24 36.31 -3.31
C ALA A 439 -2.62 36.63 -4.76
N GLU A 440 -1.82 36.10 -5.70
CA GLU A 440 -2.13 36.22 -7.14
C GLU A 440 -3.58 35.84 -7.46
N THR A 441 -4.15 36.50 -8.46
CA THR A 441 -5.51 36.17 -8.91
C THR A 441 -5.44 35.57 -10.31
N PHE A 442 -5.82 34.30 -10.42
CA PHE A 442 -5.81 33.57 -11.70
C PHE A 442 -7.22 33.55 -12.25
N TYR A 443 -7.38 34.02 -13.48
CA TYR A 443 -8.60 33.82 -14.27
C TYR A 443 -8.36 32.63 -15.19
N VAL A 444 -9.10 31.57 -14.98
CA VAL A 444 -8.86 30.31 -15.66
C VAL A 444 -9.97 30.08 -16.66
N ASP A 445 -9.62 29.34 -17.71
CA ASP A 445 -10.63 28.87 -18.65
C ASP A 445 -10.06 27.70 -19.46
N GLY A 446 -10.96 26.80 -19.83
CA GLY A 446 -10.65 25.75 -20.78
C GLY A 446 -11.81 25.56 -21.73
N ALA A 447 -11.54 25.36 -23.01
CA ALA A 447 -12.59 24.99 -23.96
C ALA A 447 -12.13 23.80 -24.80
N ALA A 448 -13.11 23.08 -25.30
CA ALA A 448 -12.86 21.92 -26.13
C ALA A 448 -13.83 22.00 -27.30
N ASN A 449 -13.42 21.44 -28.42
CA ASN A 449 -14.30 21.29 -29.56
C ASN A 449 -14.89 19.89 -29.51
N ARG A 450 -16.22 19.80 -29.39
CA ARG A 450 -16.84 18.51 -29.10
C ARG A 450 -16.78 17.56 -30.29
N GLU A 451 -16.69 18.09 -31.51
CA GLU A 451 -16.54 17.16 -32.63
C GLU A 451 -15.08 16.79 -32.81
N THR A 452 -14.20 17.73 -32.48
CA THR A 452 -12.77 17.60 -32.63
C THR A 452 -12.12 16.78 -31.52
N LYS A 453 -12.65 16.89 -30.30
CA LYS A 453 -11.99 16.43 -29.08
C LYS A 453 -10.64 17.12 -28.81
N LEU A 454 -10.32 18.18 -29.55
CA LEU A 454 -9.17 19.00 -29.23
C LEU A 454 -9.60 20.19 -28.36
N GLY A 455 -8.69 20.65 -27.51
CA GLY A 455 -9.03 21.72 -26.60
C GLY A 455 -7.82 22.50 -26.12
N LYS A 456 -8.10 23.49 -25.27
CA LYS A 456 -7.05 24.30 -24.68
C LYS A 456 -7.43 24.64 -23.24
N ALA A 457 -6.41 24.81 -22.41
CA ALA A 457 -6.61 25.28 -21.05
C ALA A 457 -5.62 26.40 -20.80
N GLY A 458 -6.05 27.44 -20.09
CA GLY A 458 -5.16 28.56 -19.92
C GLY A 458 -5.57 29.47 -18.77
N TYR A 459 -4.74 30.48 -18.53
CA TYR A 459 -5.07 31.45 -17.52
C TYR A 459 -4.48 32.82 -17.85
N VAL A 460 -5.05 33.85 -17.23
CA VAL A 460 -4.41 35.16 -17.14
C VAL A 460 -4.40 35.55 -15.66
N THR A 461 -3.57 36.52 -15.34
CA THR A 461 -3.24 36.80 -13.95
C THR A 461 -3.20 38.31 -13.72
N ASP A 462 -3.64 38.74 -12.52
CA ASP A 462 -3.52 40.15 -12.16
C ASP A 462 -2.06 40.60 -12.04
N ARG A 463 -1.16 39.63 -11.98
CA ARG A 463 0.29 39.93 -11.95
C ARG A 463 0.84 39.88 -13.38
N GLY A 464 -0.03 39.77 -14.38
CA GLY A 464 0.39 39.77 -15.80
C GLY A 464 0.85 38.42 -16.34
N ARG A 465 0.66 37.34 -15.58
CA ARG A 465 1.08 35.99 -16.08
C ARG A 465 0.05 35.41 -17.05
N GLN A 466 0.50 34.65 -18.05
CA GLN A 466 -0.39 34.05 -19.08
C GLN A 466 0.17 32.72 -19.58
N LYS A 467 -0.69 31.72 -19.79
CA LYS A 467 -0.35 30.39 -20.29
C LYS A 467 -1.53 29.78 -21.03
N VAL A 468 -1.28 29.18 -22.19
CA VAL A 468 -2.27 28.33 -22.88
C VAL A 468 -1.59 27.02 -23.22
N VAL A 469 -2.21 25.90 -22.88
CA VAL A 469 -1.69 24.59 -23.23
C VAL A 469 -2.67 23.90 -24.17
N PRO A 470 -2.19 23.29 -25.25
CA PRO A 470 -3.06 22.51 -26.14
C PRO A 470 -3.35 21.17 -25.52
N LEU A 471 -4.55 20.67 -25.79
CA LEU A 471 -4.94 19.35 -25.29
C LEU A 471 -5.62 18.55 -26.38
N THR A 472 -5.40 17.23 -26.32
CA THR A 472 -5.79 16.26 -27.34
C THR A 472 -6.73 15.25 -26.70
N ASP A 473 -7.68 14.76 -27.48
CA ASP A 473 -8.65 13.74 -27.05
C ASP A 473 -9.18 14.05 -25.65
N THR A 474 -9.80 15.21 -25.52
CA THR A 474 -10.26 15.69 -24.22
C THR A 474 -11.74 16.00 -24.34
N THR A 475 -12.34 16.61 -23.30
CA THR A 475 -13.75 16.98 -23.25
C THR A 475 -13.85 18.42 -22.78
N ASN A 476 -15.05 18.98 -22.91
CA ASN A 476 -15.32 20.29 -22.35
C ASN A 476 -15.01 20.33 -20.85
N GLN A 477 -15.57 19.39 -20.09
CA GLN A 477 -15.37 19.39 -18.65
C GLN A 477 -13.91 19.17 -18.30
N LYS A 478 -13.21 18.30 -19.04
CA LYS A 478 -11.81 18.04 -18.72
C LYS A 478 -10.95 19.29 -18.88
N THR A 479 -11.16 20.07 -19.96
CA THR A 479 -10.37 21.29 -20.13
C THR A 479 -10.56 22.25 -18.95
N GLU A 480 -11.74 22.29 -18.36
CA GLU A 480 -11.95 23.19 -17.25
C GLU A 480 -11.20 22.71 -16.01
N LEU A 481 -11.25 21.42 -15.74
CA LEU A 481 -10.41 20.86 -14.68
C LEU A 481 -8.94 21.12 -14.99
N GLN A 482 -8.56 20.93 -16.27
CA GLN A 482 -7.19 21.16 -16.67
C GLN A 482 -6.77 22.61 -16.41
N ALA A 483 -7.67 23.56 -16.67
CA ALA A 483 -7.29 24.95 -16.49
C ALA A 483 -7.00 25.25 -15.01
N ILE A 484 -7.79 24.65 -14.12
CA ILE A 484 -7.60 24.82 -12.70
C ILE A 484 -6.30 24.14 -12.25
N HIS A 485 -6.07 22.92 -12.75
CA HIS A 485 -4.82 22.21 -12.52
C HIS A 485 -3.62 23.09 -12.84
N LEU A 486 -3.69 23.81 -13.96
CA LEU A 486 -2.57 24.63 -14.37
C LEU A 486 -2.39 25.85 -13.46
N ALA A 487 -3.50 26.46 -13.03
CA ALA A 487 -3.36 27.59 -12.10
C ALA A 487 -2.73 27.12 -10.78
N LEU A 488 -3.18 25.97 -10.25
CA LEU A 488 -2.59 25.43 -9.02
C LEU A 488 -1.12 25.08 -9.22
N GLN A 489 -0.78 24.58 -10.40
CA GLN A 489 0.60 24.21 -10.66
C GLN A 489 1.50 25.45 -10.70
N ASP A 490 1.06 26.54 -11.32
CA ASP A 490 1.97 27.67 -11.49
C ASP A 490 1.86 28.73 -10.39
N SER A 491 0.97 28.55 -9.43
CA SER A 491 0.81 29.57 -8.38
C SER A 491 1.67 29.23 -7.15
N GLY A 492 1.93 30.26 -6.34
CA GLY A 492 2.47 30.05 -4.99
C GLY A 492 1.57 29.31 -4.01
N LEU A 493 1.94 29.35 -2.72
CA LEU A 493 1.24 28.60 -1.67
C LEU A 493 -0.16 29.17 -1.39
N GLU A 494 -0.39 30.43 -1.72
CA GLU A 494 -1.67 31.10 -1.59
C GLU A 494 -2.07 31.61 -2.96
N VAL A 495 -3.32 31.37 -3.37
CA VAL A 495 -3.80 31.76 -4.69
C VAL A 495 -5.31 32.04 -4.67
N ASN A 496 -5.74 33.01 -5.49
CA ASN A 496 -7.14 33.27 -5.81
C ASN A 496 -7.43 32.78 -7.24
N ILE A 497 -8.44 31.90 -7.38
CA ILE A 497 -8.80 31.31 -8.69
C ILE A 497 -10.24 31.73 -9.04
N VAL A 498 -10.45 32.18 -10.27
CA VAL A 498 -11.77 32.53 -10.81
C VAL A 498 -12.04 31.65 -12.05
N THR A 499 -13.08 30.84 -11.99
CA THR A 499 -13.47 29.97 -13.10
C THR A 499 -14.91 30.29 -13.48
N ASP A 500 -15.29 29.93 -14.72
CA ASP A 500 -16.71 29.92 -15.10
C ASP A 500 -17.32 28.53 -15.17
N SER A 501 -16.63 27.49 -14.65
CA SER A 501 -17.15 26.11 -14.68
C SER A 501 -17.82 25.78 -13.36
N GLN A 502 -19.15 25.80 -13.36
CA GLN A 502 -19.91 25.27 -12.23
C GLN A 502 -19.57 23.81 -11.97
N TYR A 503 -19.39 23.04 -13.05
CA TYR A 503 -18.98 21.65 -12.89
C TYR A 503 -17.71 21.54 -12.04
N ALA A 504 -16.67 22.29 -12.41
CA ALA A 504 -15.40 22.15 -11.70
C ALA A 504 -15.54 22.69 -10.28
N LEU A 505 -16.12 23.87 -10.15
CA LEU A 505 -16.42 24.40 -8.83
C LEU A 505 -17.18 23.37 -8.00
N GLY A 506 -18.17 22.71 -8.61
CA GLY A 506 -18.97 21.76 -7.87
C GLY A 506 -18.17 20.63 -7.25
N ILE A 507 -17.24 20.06 -8.02
CA ILE A 507 -16.39 19.00 -7.48
C ILE A 507 -15.50 19.54 -6.36
N ILE A 508 -14.73 20.58 -6.65
CA ILE A 508 -13.69 21.02 -5.73
C ILE A 508 -14.31 21.54 -4.43
N GLN A 509 -15.47 22.20 -4.52
CA GLN A 509 -16.06 22.79 -3.32
C GLN A 509 -16.50 21.73 -2.31
N ALA A 510 -16.78 20.51 -2.75
CA ALA A 510 -17.07 19.40 -1.84
C ALA A 510 -15.82 18.84 -1.15
N GLN A 511 -14.64 19.41 -1.37
CA GLN A 511 -13.40 18.99 -0.74
C GLN A 511 -13.11 17.49 -0.88
N PRO A 512 -13.13 16.94 -2.09
CA PRO A 512 -12.81 15.51 -2.23
C PRO A 512 -11.35 15.28 -1.90
N ASP A 513 -11.05 14.10 -1.33
CA ASP A 513 -9.66 13.73 -1.09
C ASP A 513 -9.24 12.51 -1.91
N LYS A 514 -10.13 11.97 -2.73
CA LYS A 514 -9.84 10.85 -3.61
C LYS A 514 -10.87 10.89 -4.74
N SER A 515 -10.52 10.25 -5.84
CA SER A 515 -11.31 10.34 -7.07
C SER A 515 -10.97 9.15 -7.95
N GLU A 516 -11.96 8.71 -8.72
CA GLU A 516 -11.69 7.76 -9.80
C GLU A 516 -10.94 8.40 -10.97
N SER A 517 -10.77 9.72 -10.98
CA SER A 517 -10.18 10.41 -12.11
C SER A 517 -8.73 10.75 -11.76
N GLU A 518 -7.80 10.38 -12.66
CA GLU A 518 -6.41 10.74 -12.44
C GLU A 518 -6.25 12.26 -12.41
N LEU A 519 -7.02 12.96 -13.25
CA LEU A 519 -6.93 14.41 -13.31
C LEU A 519 -7.43 15.05 -12.02
N VAL A 520 -8.63 14.64 -11.55
CA VAL A 520 -9.13 15.19 -10.30
C VAL A 520 -8.19 14.84 -9.16
N SER A 521 -7.59 13.63 -9.18
CA SER A 521 -6.60 13.26 -8.16
C SER A 521 -5.42 14.22 -8.16
N GLN A 522 -4.90 14.57 -9.35
CA GLN A 522 -3.79 15.53 -9.38
C GLN A 522 -4.21 16.87 -8.82
N ILE A 523 -5.41 17.33 -9.13
CA ILE A 523 -5.87 18.58 -8.56
C ILE A 523 -5.92 18.48 -7.03
N ILE A 524 -6.40 17.34 -6.52
CA ILE A 524 -6.49 17.13 -5.07
C ILE A 524 -5.11 17.22 -4.42
N GLU A 525 -4.13 16.47 -4.91
CA GLU A 525 -2.80 16.57 -4.29
C GLU A 525 -2.25 18.00 -4.37
N GLN A 526 -2.59 18.76 -5.42
CA GLN A 526 -2.17 20.17 -5.45
C GLN A 526 -2.92 21.00 -4.40
N LEU A 527 -4.23 20.75 -4.23
CA LEU A 527 -4.96 21.53 -3.22
C LEU A 527 -4.39 21.28 -1.82
N ILE A 528 -3.99 20.04 -1.56
CA ILE A 528 -3.48 19.64 -0.26
C ILE A 528 -2.16 20.31 0.05
N LYS A 529 -1.31 20.54 -0.95
CA LYS A 529 -0.02 21.20 -0.73
C LYS A 529 -0.14 22.71 -0.57
N LYS A 530 -1.23 23.33 -1.00
CA LYS A 530 -1.34 24.79 -0.92
C LYS A 530 -1.54 25.23 0.53
N GLU A 531 -1.29 26.50 0.77
CA GLU A 531 -1.58 27.05 2.09
C GLU A 531 -2.99 27.62 2.19
N LYS A 532 -3.37 28.51 1.27
CA LYS A 532 -4.73 29.03 1.19
C LYS A 532 -5.16 29.04 -0.27
N VAL A 533 -6.43 28.75 -0.54
CA VAL A 533 -6.97 28.81 -1.89
C VAL A 533 -8.38 29.38 -1.80
N TYR A 534 -8.63 30.48 -2.50
CA TYR A 534 -9.98 30.99 -2.67
C TYR A 534 -10.42 30.73 -4.10
N LEU A 535 -11.57 30.11 -4.26
CA LEU A 535 -12.07 29.66 -5.55
C LEU A 535 -13.42 30.32 -5.80
N ALA A 536 -13.55 31.01 -6.93
CA ALA A 536 -14.71 31.85 -7.19
C ALA A 536 -15.20 31.58 -8.61
N TRP A 537 -16.49 31.78 -8.82
CA TRP A 537 -17.16 31.51 -10.09
C TRP A 537 -17.72 32.80 -10.68
N VAL A 538 -17.68 32.90 -12.00
CA VAL A 538 -18.36 33.96 -12.74
C VAL A 538 -19.04 33.34 -13.96
N PRO A 539 -20.12 33.95 -14.42
CA PRO A 539 -20.77 33.45 -15.64
C PRO A 539 -19.90 33.65 -16.86
N ALA A 540 -19.88 32.65 -17.74
CA ALA A 540 -19.11 32.71 -18.98
C ALA A 540 -19.74 33.68 -19.98
N HIS A 541 -18.89 34.16 -20.91
CA HIS A 541 -19.34 34.88 -22.12
C HIS A 541 -20.15 36.11 -21.77
N LYS A 542 -19.79 36.77 -20.67
CA LYS A 542 -20.44 38.00 -20.23
C LYS A 542 -19.45 39.16 -20.14
N GLY A 543 -18.28 39.02 -20.76
CA GLY A 543 -17.30 40.11 -20.80
C GLY A 543 -16.88 40.64 -19.45
N ILE A 544 -16.68 39.75 -18.47
CA ILE A 544 -16.26 40.15 -17.12
C ILE A 544 -14.75 40.15 -17.04
N GLY A 545 -14.19 41.25 -16.50
CA GLY A 545 -12.75 41.46 -16.53
C GLY A 545 -11.92 40.32 -15.99
N GLY A 546 -10.87 39.95 -16.72
CA GLY A 546 -10.13 38.77 -16.35
C GLY A 546 -10.71 37.54 -17.04
N ASN A 547 -11.92 37.13 -16.64
CA ASN A 547 -12.56 36.01 -17.32
C ASN A 547 -12.64 36.26 -18.83
N GLU A 548 -13.08 37.45 -19.25
CA GLU A 548 -13.18 37.73 -20.67
C GLU A 548 -11.82 37.65 -21.36
N GLN A 549 -10.77 38.14 -20.68
CA GLN A 549 -9.45 38.12 -21.30
C GLN A 549 -8.95 36.69 -21.48
N VAL A 550 -9.12 35.83 -20.46
CA VAL A 550 -8.65 34.45 -20.60
C VAL A 550 -9.53 33.70 -21.59
N ASP A 551 -10.84 33.98 -21.59
CA ASP A 551 -11.71 33.42 -22.62
C ASP A 551 -11.28 33.86 -24.01
N LYS A 552 -10.82 35.10 -24.16
CA LYS A 552 -10.29 35.48 -25.47
C LYS A 552 -9.04 34.67 -25.77
N LEU A 553 -8.23 34.41 -24.76
CA LEU A 553 -6.93 33.82 -25.03
C LEU A 553 -7.03 32.33 -25.34
N VAL A 554 -8.00 31.64 -24.71
CA VAL A 554 -8.23 30.23 -25.00
C VAL A 554 -8.70 29.98 -26.41
N SER A 555 -9.10 31.03 -27.14
CA SER A 555 -9.67 30.85 -28.48
C SER A 555 -8.63 31.00 -29.57
N ILE B 21 -73.47 -1.14 3.78
CA ILE B 21 -73.05 -0.28 2.68
C ILE B 21 -72.30 -1.15 1.67
N GLU B 22 -72.32 -0.74 0.40
CA GLU B 22 -71.68 -1.49 -0.66
C GLU B 22 -70.53 -0.69 -1.28
N THR B 23 -69.55 -1.43 -1.80
CA THR B 23 -68.25 -0.90 -2.22
C THR B 23 -68.36 -0.07 -3.50
N VAL B 24 -67.43 0.86 -3.64
CA VAL B 24 -67.27 1.61 -4.88
C VAL B 24 -66.23 0.90 -5.74
N PRO B 25 -66.53 0.63 -7.02
CA PRO B 25 -65.54 -0.02 -7.91
C PRO B 25 -64.32 0.87 -8.16
N VAL B 26 -63.12 0.32 -7.90
CA VAL B 26 -61.88 1.08 -7.99
C VAL B 26 -60.92 0.38 -8.93
N LYS B 27 -60.20 1.16 -9.72
CA LYS B 27 -59.25 0.66 -10.71
C LYS B 27 -57.88 1.27 -10.45
N LEU B 28 -56.84 0.53 -10.79
CA LEU B 28 -55.56 1.16 -11.05
C LEU B 28 -55.60 1.90 -12.39
N LYS B 29 -54.59 2.72 -12.64
CA LYS B 29 -54.48 3.37 -13.94
C LYS B 29 -54.13 2.35 -15.01
N PRO B 30 -54.60 2.56 -16.25
CA PRO B 30 -54.47 1.53 -17.30
C PRO B 30 -53.02 1.11 -17.54
N GLY B 31 -52.80 -0.20 -17.60
CA GLY B 31 -51.45 -0.70 -17.81
C GLY B 31 -50.52 -0.62 -16.62
N MET B 32 -51.03 -0.31 -15.43
CA MET B 32 -50.20 -0.29 -14.23
C MET B 32 -50.59 -1.43 -13.31
N ASP B 33 -49.60 -1.97 -12.62
CA ASP B 33 -49.80 -2.98 -11.59
C ASP B 33 -49.59 -2.35 -10.21
N GLY B 34 -49.93 -3.12 -9.19
CA GLY B 34 -49.89 -2.63 -7.84
C GLY B 34 -48.48 -2.48 -7.34
N PRO B 35 -48.35 -1.87 -6.17
CA PRO B 35 -47.03 -1.52 -5.64
C PRO B 35 -46.29 -2.75 -5.17
N LYS B 36 -44.95 -2.75 -5.37
CA LYS B 36 -44.10 -3.86 -4.97
C LYS B 36 -42.86 -3.32 -4.27
N VAL B 37 -43.05 -2.74 -3.08
CA VAL B 37 -42.01 -1.98 -2.41
C VAL B 37 -41.61 -2.71 -1.13
N LYS B 38 -40.32 -2.87 -0.94
CA LYS B 38 -39.79 -3.66 0.16
C LYS B 38 -39.93 -2.97 1.50
N GLN B 39 -40.21 -3.73 2.55
CA GLN B 39 -40.22 -3.18 3.90
C GLN B 39 -38.79 -2.86 4.35
N TRP B 40 -38.58 -1.67 4.92
CA TRP B 40 -37.28 -1.31 5.46
C TRP B 40 -37.19 -1.68 6.95
N PRO B 41 -35.99 -1.64 7.53
CA PRO B 41 -35.82 -2.07 8.94
C PRO B 41 -36.46 -1.11 9.94
N LEU B 42 -37.06 -1.67 11.01
CA LEU B 42 -37.72 -0.87 12.03
C LEU B 42 -37.10 -1.09 13.41
N THR B 43 -37.02 -0.02 14.20
CA THR B 43 -36.63 -0.16 15.61
C THR B 43 -37.59 -1.08 16.35
N GLU B 44 -37.10 -1.58 17.48
CA GLU B 44 -37.91 -2.42 18.35
C GLU B 44 -39.23 -1.72 18.75
N GLU B 45 -39.17 -0.45 19.14
CA GLU B 45 -40.40 0.16 19.64
C GLU B 45 -41.41 0.39 18.51
N LYS B 46 -40.95 0.74 17.32
CA LYS B 46 -41.90 0.87 16.21
C LYS B 46 -42.53 -0.48 15.85
N ILE B 47 -41.75 -1.56 15.91
CA ILE B 47 -42.26 -2.89 15.58
C ILE B 47 -43.31 -3.31 16.59
N LYS B 48 -43.03 -3.11 17.89
CA LYS B 48 -44.00 -3.47 18.93
C LYS B 48 -45.30 -2.69 18.75
N ALA B 49 -45.22 -1.37 18.49
CA ALA B 49 -46.43 -0.59 18.22
C ALA B 49 -47.20 -1.17 17.05
N LEU B 50 -46.50 -1.47 15.94
CA LEU B 50 -47.22 -1.96 14.76
C LEU B 50 -47.92 -3.27 15.07
N VAL B 51 -47.27 -4.15 15.83
CA VAL B 51 -47.90 -5.43 16.15
C VAL B 51 -49.13 -5.20 17.02
N GLU B 52 -49.07 -4.25 17.95
CA GLU B 52 -50.29 -4.02 18.73
C GLU B 52 -51.37 -3.36 17.93
N ILE B 53 -51.01 -2.36 17.16
CA ILE B 53 -52.01 -1.70 16.35
C ILE B 53 -52.66 -2.71 15.40
N CYS B 54 -51.83 -3.54 14.76
CA CYS B 54 -52.34 -4.39 13.69
C CYS B 54 -53.17 -5.54 14.23
N THR B 55 -52.76 -6.13 15.35
CA THR B 55 -53.61 -7.21 15.86
C THR B 55 -54.95 -6.69 16.33
N GLU B 56 -55.02 -5.47 16.88
CA GLU B 56 -56.34 -4.99 17.25
C GLU B 56 -57.13 -4.63 16.00
N MET B 57 -56.47 -4.08 14.97
CA MET B 57 -57.19 -3.81 13.74
C MET B 57 -57.70 -5.11 13.12
N GLU B 58 -56.90 -6.18 13.22
CA GLU B 58 -57.29 -7.49 12.72
C GLU B 58 -58.55 -8.00 13.43
N LYS B 59 -58.56 -7.94 14.77
CA LYS B 59 -59.71 -8.37 15.55
C LYS B 59 -60.97 -7.66 15.08
N GLU B 60 -60.86 -6.34 14.86
CA GLU B 60 -61.98 -5.50 14.44
C GLU B 60 -62.29 -5.66 12.96
N GLY B 61 -61.58 -6.54 12.26
CA GLY B 61 -61.84 -6.79 10.85
C GLY B 61 -61.47 -5.69 9.89
N LYS B 62 -60.72 -4.69 10.35
CA LYS B 62 -60.26 -3.64 9.44
C LYS B 62 -59.14 -4.13 8.52
N ILE B 63 -58.34 -5.08 8.96
CA ILE B 63 -57.31 -5.71 8.11
C ILE B 63 -57.43 -7.20 8.32
N SER B 64 -56.86 -7.95 7.37
CA SER B 64 -56.86 -9.41 7.38
C SER B 64 -55.45 -9.93 7.11
N LYS B 65 -55.07 -10.99 7.84
CA LYS B 65 -53.80 -11.67 7.61
C LYS B 65 -53.79 -12.27 6.22
N ILE B 66 -52.71 -12.07 5.48
CA ILE B 66 -52.55 -12.66 4.17
C ILE B 66 -51.21 -13.39 4.06
N GLY B 67 -51.09 -14.14 2.96
CA GLY B 67 -49.92 -14.92 2.69
C GLY B 67 -49.08 -14.34 1.58
N PRO B 68 -48.10 -15.12 1.12
CA PRO B 68 -47.17 -14.61 0.09
C PRO B 68 -47.71 -14.74 -1.33
N GLU B 69 -48.84 -15.42 -1.52
CA GLU B 69 -49.44 -15.47 -2.85
C GLU B 69 -50.06 -14.14 -3.27
N ASN B 70 -50.12 -13.15 -2.37
CA ASN B 70 -50.39 -11.78 -2.79
C ASN B 70 -49.05 -11.15 -3.09
N PRO B 71 -48.78 -10.75 -4.33
CA PRO B 71 -47.43 -10.28 -4.69
C PRO B 71 -47.18 -8.80 -4.45
N TYR B 72 -48.11 -8.07 -3.83
CA TYR B 72 -47.92 -6.65 -3.64
C TYR B 72 -47.42 -6.35 -2.23
N ASN B 73 -46.84 -5.16 -2.06
CA ASN B 73 -46.36 -4.71 -0.76
C ASN B 73 -46.08 -3.22 -0.78
N THR B 74 -46.22 -2.61 0.39
CA THR B 74 -46.01 -1.19 0.64
C THR B 74 -45.36 -1.09 2.01
N PRO B 75 -44.34 -0.25 2.19
CA PRO B 75 -43.69 -0.19 3.50
C PRO B 75 -44.60 0.45 4.54
N VAL B 76 -44.44 -0.03 5.79
CA VAL B 76 -45.19 0.44 6.94
C VAL B 76 -44.19 0.91 7.99
N PHE B 77 -44.49 2.01 8.66
CA PHE B 77 -43.69 2.39 9.84
C PHE B 77 -44.60 3.08 10.86
N ALA B 78 -44.01 3.79 11.81
CA ALA B 78 -44.83 4.41 12.83
C ALA B 78 -44.19 5.70 13.30
N ILE B 79 -45.05 6.64 13.70
CA ILE B 79 -44.64 7.95 14.17
C ILE B 79 -45.31 8.20 15.52
N LYS B 80 -44.72 9.11 16.29
CA LYS B 80 -45.22 9.43 17.62
C LYS B 80 -45.05 10.93 17.81
N LYS B 81 -46.14 11.68 17.57
CA LYS B 81 -46.14 13.09 17.93
C LYS B 81 -46.02 13.21 19.45
N LYS B 82 -45.29 14.22 19.91
CA LYS B 82 -44.88 14.21 21.31
C LYS B 82 -45.85 14.93 22.26
N ASP B 83 -46.80 15.71 21.76
CA ASP B 83 -47.95 16.08 22.60
C ASP B 83 -49.19 15.28 22.23
N SER B 84 -49.00 14.05 21.77
CA SER B 84 -49.97 12.96 21.93
C SER B 84 -49.13 11.68 21.79
N THR B 85 -48.52 11.27 22.90
CA THR B 85 -47.41 10.31 22.90
C THR B 85 -47.88 8.85 22.84
N LYS B 86 -48.86 8.60 21.97
CA LYS B 86 -49.25 7.29 21.48
C LYS B 86 -48.80 7.16 20.02
N TRP B 87 -48.50 5.93 19.60
CA TRP B 87 -47.98 5.70 18.27
C TRP B 87 -49.07 5.73 17.22
N ARG B 88 -48.72 6.24 16.04
CA ARG B 88 -49.62 6.26 14.89
C ARG B 88 -49.02 5.44 13.74
N LYS B 89 -49.75 4.43 13.30
CA LYS B 89 -49.30 3.67 12.13
C LYS B 89 -49.34 4.54 10.89
N LEU B 90 -48.28 4.48 10.09
CA LEU B 90 -48.20 5.16 8.80
C LEU B 90 -47.78 4.17 7.72
N VAL B 91 -48.67 3.91 6.77
CA VAL B 91 -48.33 3.10 5.60
C VAL B 91 -47.99 4.05 4.47
N ASP B 92 -46.80 3.88 3.86
CA ASP B 92 -46.31 4.75 2.80
C ASP B 92 -46.93 4.36 1.45
N PHE B 93 -48.16 4.79 1.22
CA PHE B 93 -48.92 4.46 0.01
C PHE B 93 -48.58 5.37 -1.17
N ARG B 94 -47.44 6.06 -1.14
CA ARG B 94 -47.12 6.97 -2.24
C ARG B 94 -47.16 6.25 -3.60
N GLU B 95 -46.64 5.03 -3.66
CA GLU B 95 -46.63 4.29 -4.92
C GLU B 95 -48.05 3.89 -5.34
N LEU B 96 -48.82 3.35 -4.39
CA LEU B 96 -50.20 2.97 -4.63
C LEU B 96 -51.03 4.16 -5.12
N ASN B 97 -50.82 5.34 -4.52
CA ASN B 97 -51.59 6.51 -4.90
C ASN B 97 -51.28 6.94 -6.31
N LYS B 98 -49.99 6.90 -6.70
CA LYS B 98 -49.62 7.21 -8.08
C LYS B 98 -50.28 6.28 -9.09
N ARG B 99 -50.54 5.04 -8.71
CA ARG B 99 -51.08 4.07 -9.65
C ARG B 99 -52.58 3.94 -9.57
N THR B 100 -53.20 4.56 -8.56
CA THR B 100 -54.65 4.53 -8.44
C THR B 100 -55.27 5.50 -9.44
N GLN B 101 -56.40 5.09 -10.02
CA GLN B 101 -57.23 5.89 -10.96
C GLN B 101 -57.55 7.25 -10.33
N ASP B 102 -57.50 8.31 -11.13
CA ASP B 102 -57.83 9.66 -10.63
C ASP B 102 -59.33 9.73 -10.34
N PHE B 103 -59.72 10.48 -9.31
CA PHE B 103 -61.16 10.59 -8.96
C PHE B 103 -61.81 11.82 -9.59
N TRP B 104 -61.02 12.72 -10.18
CA TRP B 104 -61.64 13.88 -10.88
C TRP B 104 -62.41 13.37 -12.10
N GLU B 105 -61.85 12.36 -12.79
CA GLU B 105 -62.47 11.70 -13.97
C GLU B 105 -63.78 11.03 -13.52
N VAL B 106 -63.80 10.49 -12.30
CA VAL B 106 -65.01 9.81 -11.75
C VAL B 106 -65.80 10.82 -10.90
N GLN B 107 -65.39 12.09 -10.95
CA GLN B 107 -66.04 13.20 -10.21
C GLN B 107 -66.10 12.89 -8.71
N LEU B 108 -64.97 12.45 -8.11
CA LEU B 108 -64.96 12.18 -6.66
C LEU B 108 -63.92 13.08 -5.97
N GLY B 109 -63.40 14.08 -6.70
CA GLY B 109 -62.38 15.00 -6.18
C GLY B 109 -62.92 15.95 -5.13
N ILE B 110 -62.03 16.49 -4.29
CA ILE B 110 -62.41 17.44 -3.20
C ILE B 110 -61.91 18.84 -3.58
N PRO B 111 -62.76 19.89 -3.54
CA PRO B 111 -62.33 21.24 -3.92
C PRO B 111 -61.59 21.98 -2.80
N HIS B 112 -60.60 22.80 -3.17
CA HIS B 112 -59.81 23.55 -2.21
C HIS B 112 -60.41 24.93 -1.99
N PRO B 113 -60.63 25.36 -0.73
CA PRO B 113 -61.16 26.72 -0.51
C PRO B 113 -60.04 27.76 -0.47
N ALA B 114 -60.23 28.88 -1.16
CA ALA B 114 -59.19 29.90 -1.24
C ALA B 114 -59.10 30.73 0.02
N GLY B 115 -60.10 30.65 0.90
CA GLY B 115 -60.07 31.40 2.13
C GLY B 115 -59.20 30.84 3.22
N LEU B 116 -58.72 29.60 3.11
CA LEU B 116 -58.04 29.00 4.26
C LEU B 116 -56.74 29.74 4.58
N LYS B 117 -55.94 30.08 3.57
CA LYS B 117 -54.69 30.79 3.80
C LYS B 117 -54.90 32.20 4.34
N GLN B 118 -56.14 32.70 4.33
CA GLN B 118 -56.46 34.02 4.86
C GLN B 118 -56.74 34.01 6.36
N LYS B 119 -56.98 32.84 6.95
CA LYS B 119 -57.26 32.79 8.37
C LYS B 119 -55.97 33.01 9.14
N LYS B 120 -56.11 33.46 10.39
CA LYS B 120 -54.93 33.72 11.19
C LYS B 120 -54.54 32.54 12.05
N SER B 121 -55.40 31.53 12.18
CA SER B 121 -55.03 30.30 12.86
C SER B 121 -55.69 29.13 12.16
N VAL B 122 -54.89 28.10 11.86
CA VAL B 122 -55.34 26.87 11.22
C VAL B 122 -54.85 25.71 12.07
N THR B 123 -55.78 24.85 12.51
CA THR B 123 -55.45 23.66 13.30
C THR B 123 -55.65 22.39 12.47
N VAL B 124 -54.71 21.47 12.55
CA VAL B 124 -54.79 20.20 11.81
C VAL B 124 -55.30 19.11 12.73
N LEU B 125 -56.36 18.42 12.31
CA LEU B 125 -56.87 17.27 13.04
C LEU B 125 -56.73 16.02 12.18
N ASP B 126 -56.36 14.91 12.82
CA ASP B 126 -56.16 13.63 12.16
C ASP B 126 -57.48 12.88 12.23
N VAL B 127 -58.19 12.81 11.11
CA VAL B 127 -59.50 12.16 11.06
C VAL B 127 -59.43 10.84 10.30
N GLY B 128 -58.22 10.28 10.18
CA GLY B 128 -58.05 9.01 9.47
C GLY B 128 -58.97 7.91 9.95
N ASP B 129 -59.31 7.90 11.24
CA ASP B 129 -60.12 6.82 11.78
C ASP B 129 -61.50 6.74 11.15
N ALA B 130 -62.02 7.84 10.62
CA ALA B 130 -63.36 7.75 10.07
C ALA B 130 -63.40 6.85 8.85
N TYR B 131 -62.27 6.66 8.19
CA TYR B 131 -62.28 5.84 6.98
C TYR B 131 -62.60 4.40 7.31
N PHE B 132 -62.24 3.94 8.50
CA PHE B 132 -62.37 2.54 8.83
C PHE B 132 -63.82 2.06 8.91
N SER B 133 -64.79 2.94 8.74
CA SER B 133 -66.17 2.47 8.77
C SER B 133 -66.73 2.21 7.38
N VAL B 134 -65.95 2.37 6.32
CA VAL B 134 -66.41 2.14 4.96
C VAL B 134 -65.60 1.00 4.36
N PRO B 135 -66.25 -0.04 3.82
CA PRO B 135 -65.49 -1.16 3.23
C PRO B 135 -64.87 -0.78 1.89
N LEU B 136 -63.79 -1.48 1.56
CA LEU B 136 -63.09 -1.26 0.30
C LEU B 136 -63.42 -2.39 -0.67
N ASP B 137 -63.60 -2.01 -1.94
CA ASP B 137 -63.80 -2.95 -3.04
C ASP B 137 -62.91 -4.18 -2.87
N LYS B 138 -63.52 -5.37 -2.88
CA LYS B 138 -62.79 -6.57 -2.54
C LYS B 138 -61.71 -6.87 -3.58
N ASP B 139 -61.95 -6.53 -4.84
CA ASP B 139 -60.94 -6.71 -5.89
C ASP B 139 -59.78 -5.74 -5.77
N PHE B 140 -59.92 -4.66 -4.99
CA PHE B 140 -58.81 -3.73 -4.84
C PHE B 140 -57.97 -3.98 -3.58
N ARG B 141 -58.48 -4.78 -2.64
CA ARG B 141 -57.84 -4.91 -1.34
C ARG B 141 -56.41 -5.44 -1.45
N LYS B 142 -56.13 -6.29 -2.44
CA LYS B 142 -54.83 -6.96 -2.51
C LYS B 142 -53.71 -5.95 -2.75
N TYR B 143 -54.02 -4.82 -3.39
CA TYR B 143 -52.99 -3.81 -3.57
C TYR B 143 -52.57 -3.11 -2.27
N THR B 144 -53.28 -3.32 -1.14
CA THR B 144 -52.96 -2.60 0.09
C THR B 144 -52.08 -3.41 1.06
N ALA B 145 -51.52 -4.53 0.60
CA ALA B 145 -50.69 -5.38 1.46
C ALA B 145 -49.48 -4.63 2.01
N PHE B 146 -49.15 -4.93 3.26
CA PHE B 146 -47.91 -4.53 3.90
C PHE B 146 -47.43 -5.67 4.80
N THR B 147 -46.19 -5.54 5.28
CA THR B 147 -45.45 -6.61 5.95
C THR B 147 -44.78 -6.03 7.19
N ILE B 148 -45.05 -6.60 8.35
CA ILE B 148 -44.38 -6.16 9.58
C ILE B 148 -43.10 -6.98 9.72
N PRO B 149 -41.93 -6.35 9.81
CA PRO B 149 -40.66 -7.09 9.92
C PRO B 149 -40.49 -7.60 11.34
N SER B 150 -39.35 -8.24 11.58
CA SER B 150 -39.08 -8.96 12.82
C SER B 150 -37.67 -8.61 13.31
N ILE B 151 -37.50 -8.33 14.60
CA ILE B 151 -36.16 -8.02 15.11
C ILE B 151 -35.23 -9.22 14.91
N ASN B 152 -34.04 -8.96 14.33
CA ASN B 152 -33.05 -10.02 14.06
C ASN B 152 -33.64 -11.18 13.26
N ASN B 153 -34.72 -10.90 12.53
CA ASN B 153 -35.32 -11.89 11.62
C ASN B 153 -35.59 -13.22 12.31
N GLU B 154 -36.04 -13.13 13.55
CA GLU B 154 -36.51 -14.28 14.29
C GLU B 154 -37.61 -15.03 13.54
N THR B 155 -38.49 -14.31 12.85
CA THR B 155 -39.56 -14.92 12.08
C THR B 155 -39.62 -14.29 10.71
N PRO B 156 -40.36 -14.91 9.79
CA PRO B 156 -40.74 -14.20 8.56
C PRO B 156 -41.63 -12.99 8.84
N GLY B 157 -41.66 -12.09 7.85
CA GLY B 157 -42.59 -10.98 7.82
C GLY B 157 -44.03 -11.43 7.99
N ILE B 158 -44.83 -10.63 8.70
CA ILE B 158 -46.25 -10.87 8.89
C ILE B 158 -47.00 -9.89 8.00
N ARG B 159 -47.88 -10.43 7.16
CA ARG B 159 -48.53 -9.69 6.09
C ARG B 159 -50.00 -9.42 6.39
N TYR B 160 -50.45 -8.20 6.09
CA TYR B 160 -51.86 -7.86 6.18
C TYR B 160 -52.27 -7.13 4.90
N GLN B 161 -53.59 -7.08 4.71
CA GLN B 161 -54.17 -6.19 3.71
C GLN B 161 -55.44 -5.58 4.31
N TYR B 162 -55.90 -4.48 3.73
CA TYR B 162 -57.04 -3.75 4.28
C TYR B 162 -58.34 -4.34 3.78
N ASN B 163 -59.37 -4.30 4.66
CA ASN B 163 -60.75 -4.52 4.26
C ASN B 163 -61.55 -3.24 4.16
N VAL B 164 -60.99 -2.12 4.60
CA VAL B 164 -61.71 -0.86 4.67
C VAL B 164 -60.84 0.20 3.98
N LEU B 165 -61.42 1.37 3.76
CA LEU B 165 -60.69 2.53 3.28
C LEU B 165 -59.42 2.74 4.13
N PRO B 166 -58.23 2.59 3.55
CA PRO B 166 -57.00 2.75 4.34
C PRO B 166 -56.66 4.21 4.63
N GLN B 167 -56.06 4.44 5.79
CA GLN B 167 -55.36 5.70 5.99
C GLN B 167 -54.26 5.86 4.93
N GLY B 168 -54.07 7.10 4.47
CA GLY B 168 -53.03 7.46 3.53
C GLY B 168 -53.26 7.06 2.09
N TRP B 169 -54.39 6.43 1.79
CA TRP B 169 -54.74 6.14 0.41
C TRP B 169 -55.56 7.30 -0.14
N LYS B 170 -55.16 7.80 -1.30
CA LYS B 170 -55.87 8.94 -1.88
C LYS B 170 -57.32 8.63 -2.21
N GLY B 171 -57.67 7.35 -2.41
CA GLY B 171 -59.05 7.01 -2.69
C GLY B 171 -59.98 7.15 -1.50
N SER B 172 -59.45 7.18 -0.28
CA SER B 172 -60.34 7.20 0.89
C SER B 172 -61.04 8.54 1.08
N PRO B 173 -60.36 9.69 1.04
CA PRO B 173 -61.13 10.96 1.09
C PRO B 173 -62.12 11.10 -0.04
N ALA B 174 -61.76 10.64 -1.25
CA ALA B 174 -62.69 10.72 -2.36
C ALA B 174 -63.93 9.84 -2.14
N ILE B 175 -63.76 8.60 -1.69
CA ILE B 175 -64.92 7.74 -1.49
C ILE B 175 -65.73 8.19 -0.28
N PHE B 176 -65.05 8.64 0.77
CA PHE B 176 -65.71 9.10 2.00
C PHE B 176 -66.28 10.51 1.87
N GLN B 177 -66.14 11.12 0.70
CA GLN B 177 -66.40 12.55 0.53
C GLN B 177 -67.83 12.92 0.92
N SER B 178 -68.81 12.21 0.34
CA SER B 178 -70.17 12.60 0.62
C SER B 178 -70.50 12.40 2.10
N SER B 179 -69.94 11.36 2.73
CA SER B 179 -70.22 11.16 4.15
C SER B 179 -69.56 12.23 4.99
N MET B 180 -68.40 12.70 4.58
CA MET B 180 -67.71 13.70 5.40
C MET B 180 -68.47 15.01 5.38
N THR B 181 -69.06 15.37 4.24
CA THR B 181 -69.81 16.62 4.18
C THR B 181 -71.01 16.57 5.13
N LYS B 182 -71.71 15.43 5.18
CA LYS B 182 -72.86 15.27 6.09
C LYS B 182 -72.46 15.47 7.54
N ILE B 183 -71.33 14.90 7.96
CA ILE B 183 -70.93 15.05 9.35
C ILE B 183 -70.50 16.49 9.63
N LEU B 184 -69.96 17.18 8.62
CA LEU B 184 -69.46 18.54 8.82
C LEU B 184 -70.53 19.63 8.67
N GLU B 185 -71.59 19.41 7.89
CA GLU B 185 -72.52 20.50 7.58
C GLU B 185 -73.08 21.23 8.80
N PRO B 186 -73.52 20.56 9.87
CA PRO B 186 -73.96 21.31 11.07
C PRO B 186 -72.91 22.24 11.61
N PHE B 187 -71.65 21.80 11.67
CA PHE B 187 -70.62 22.63 12.29
C PHE B 187 -70.40 23.91 11.50
N ARG B 188 -70.22 23.84 10.18
CA ARG B 188 -69.99 25.09 9.46
C ARG B 188 -71.27 25.86 9.15
N LYS B 189 -72.43 25.21 9.18
CA LYS B 189 -73.69 25.95 9.28
C LYS B 189 -73.62 26.90 10.47
N GLN B 190 -73.37 26.34 11.65
CA GLN B 190 -73.20 27.11 12.87
C GLN B 190 -72.04 28.10 12.79
N ASN B 191 -71.07 27.88 11.90
CA ASN B 191 -69.84 28.65 11.86
C ASN B 191 -69.45 28.96 10.42
N PRO B 192 -70.13 29.93 9.81
CA PRO B 192 -69.93 30.19 8.39
C PRO B 192 -68.58 30.79 8.07
N ASP B 193 -67.92 31.43 9.04
CA ASP B 193 -66.62 32.06 8.84
C ASP B 193 -65.44 31.15 9.18
N ILE B 194 -65.68 29.91 9.61
CA ILE B 194 -64.61 28.95 9.76
C ILE B 194 -64.52 28.15 8.46
N VAL B 195 -63.31 27.84 8.03
CA VAL B 195 -63.10 27.12 6.78
C VAL B 195 -62.43 25.79 7.09
N ILE B 196 -63.03 24.72 6.59
CA ILE B 196 -62.52 23.38 6.75
C ILE B 196 -62.15 22.85 5.37
N TYR B 197 -60.95 22.28 5.26
CA TYR B 197 -60.44 21.67 4.03
C TYR B 197 -59.90 20.29 4.37
N GLN B 198 -60.40 19.28 3.67
CA GLN B 198 -59.92 17.91 3.85
C GLN B 198 -58.80 17.64 2.86
N TYR B 199 -57.63 17.26 3.39
CA TYR B 199 -56.50 16.78 2.60
C TYR B 199 -56.09 15.43 3.18
N MET B 200 -56.38 14.35 2.43
CA MET B 200 -55.95 12.98 2.78
C MET B 200 -56.62 12.61 4.11
N ASP B 201 -55.88 12.32 5.18
CA ASP B 201 -56.47 11.97 6.47
C ASP B 201 -56.71 13.19 7.37
N ASP B 202 -56.46 14.40 6.88
CA ASP B 202 -56.42 15.57 7.73
C ASP B 202 -57.54 16.55 7.43
N LEU B 203 -58.06 17.18 8.47
CA LEU B 203 -58.87 18.39 8.34
C LEU B 203 -58.00 19.59 8.70
N TYR B 204 -57.95 20.58 7.81
CA TYR B 204 -57.34 21.87 8.09
C TYR B 204 -58.46 22.90 8.37
N VAL B 205 -58.48 23.41 9.59
CA VAL B 205 -59.61 24.16 10.12
C VAL B 205 -59.07 25.50 10.59
N GLY B 206 -59.52 26.57 9.94
CA GLY B 206 -58.95 27.89 10.16
C GLY B 206 -60.02 28.87 10.57
N SER B 207 -59.59 29.87 11.34
CA SER B 207 -60.49 30.95 11.75
C SER B 207 -59.66 32.17 12.11
N ASP B 208 -60.35 33.26 12.43
CA ASP B 208 -59.75 34.52 12.81
C ASP B 208 -59.98 34.86 14.28
N LEU B 209 -60.27 33.86 15.12
CA LEU B 209 -60.56 34.10 16.52
C LEU B 209 -59.29 34.20 17.36
N GLU B 210 -59.44 34.75 18.57
CA GLU B 210 -58.34 34.85 19.52
C GLU B 210 -57.81 33.45 19.84
N ILE B 211 -56.50 33.37 20.13
CA ILE B 211 -55.81 32.07 20.10
C ILE B 211 -56.47 31.08 21.05
N GLY B 212 -56.96 31.56 22.20
CA GLY B 212 -57.66 30.68 23.13
C GLY B 212 -59.10 30.41 22.76
N GLN B 213 -59.73 31.36 22.07
CA GLN B 213 -61.06 31.14 21.53
C GLN B 213 -61.05 30.21 20.33
N HIS B 214 -60.06 30.34 19.44
CA HIS B 214 -59.92 29.39 18.34
C HIS B 214 -59.81 27.96 18.88
N ARG B 215 -58.94 27.76 19.87
CA ARG B 215 -58.71 26.42 20.38
C ARG B 215 -60.00 25.82 20.92
N THR B 216 -60.83 26.64 21.54
CA THR B 216 -62.08 26.17 22.14
C THR B 216 -63.03 25.62 21.09
N LYS B 217 -63.12 26.29 19.93
CA LYS B 217 -63.99 25.78 18.89
C LYS B 217 -63.40 24.57 18.18
N ILE B 218 -62.08 24.41 18.20
CA ILE B 218 -61.48 23.17 17.68
C ILE B 218 -61.94 21.99 18.54
N GLU B 219 -62.06 22.21 19.86
CA GLU B 219 -62.48 21.14 20.75
C GLU B 219 -63.96 20.81 20.54
N GLU B 220 -64.72 21.79 20.09
CA GLU B 220 -66.11 21.54 19.77
C GLU B 220 -66.25 20.75 18.47
N LEU B 221 -65.40 21.04 17.49
CA LEU B 221 -65.45 20.25 16.26
C LEU B 221 -65.09 18.80 16.55
N ARG B 222 -64.06 18.58 17.38
CA ARG B 222 -63.71 17.22 17.78
C ARG B 222 -64.92 16.47 18.32
N GLN B 223 -65.58 17.05 19.32
CA GLN B 223 -66.65 16.32 20.00
C GLN B 223 -67.81 15.99 19.06
N HIS B 224 -68.05 16.83 18.04
CA HIS B 224 -69.06 16.45 17.05
C HIS B 224 -68.62 15.25 16.23
N LEU B 225 -67.32 15.18 15.89
CA LEU B 225 -66.82 14.02 15.17
C LEU B 225 -66.80 12.79 16.07
N LEU B 226 -66.32 12.96 17.31
CA LEU B 226 -66.27 11.84 18.25
C LEU B 226 -67.64 11.19 18.41
N ARG B 227 -68.72 11.95 18.20
CA ARG B 227 -70.06 11.43 18.40
C ARG B 227 -70.60 10.65 17.20
N TRP B 228 -69.77 10.39 16.19
CA TRP B 228 -70.04 9.38 15.18
C TRP B 228 -68.81 8.51 14.91
N GLY B 229 -67.62 9.10 14.88
CA GLY B 229 -66.38 8.36 14.70
C GLY B 229 -65.17 9.19 15.13
N GLY B 247 -53.25 19.16 16.13
CA GLY B 247 -51.82 19.37 16.26
C GLY B 247 -51.50 20.67 16.98
N TYR B 248 -50.71 21.52 16.33
CA TYR B 248 -50.44 22.86 16.82
C TYR B 248 -51.03 23.87 15.85
N GLU B 249 -51.04 25.12 16.28
CA GLU B 249 -51.68 26.19 15.52
C GLU B 249 -50.74 26.66 14.42
N LEU B 250 -51.20 26.56 13.18
CA LEU B 250 -50.57 27.26 12.07
C LEU B 250 -51.04 28.72 12.04
N HIS B 251 -50.17 29.58 11.52
CA HIS B 251 -50.44 31.03 11.37
C HIS B 251 -50.00 31.48 9.97
N PRO B 252 -50.88 31.40 8.95
CA PRO B 252 -50.58 31.80 7.58
C PRO B 252 -50.26 33.30 7.39
N ASP B 253 -50.74 34.16 8.30
CA ASP B 253 -50.52 35.63 8.22
C ASP B 253 -49.02 35.98 8.26
N LYS B 254 -48.18 35.19 8.95
CA LYS B 254 -46.74 35.53 8.94
C LYS B 254 -45.95 34.36 8.36
N TRP B 255 -46.20 34.06 7.09
CA TRP B 255 -45.41 33.08 6.29
C TRP B 255 -44.67 33.98 5.30
N THR B 256 -43.82 34.83 5.87
CA THR B 256 -43.12 35.94 5.18
C THR B 256 -42.42 35.45 3.92
N VAL B 257 -42.56 36.22 2.83
CA VAL B 257 -41.86 35.89 1.57
C VAL B 257 -40.45 36.44 1.72
N GLN B 258 -39.45 35.73 1.21
CA GLN B 258 -38.06 36.16 1.35
C GLN B 258 -37.52 36.47 -0.04
N PRO B 259 -37.37 37.74 -0.40
CA PRO B 259 -36.94 38.07 -1.76
C PRO B 259 -35.44 37.88 -1.93
N ILE B 260 -35.00 37.98 -3.18
CA ILE B 260 -33.58 38.08 -3.47
C ILE B 260 -33.09 39.45 -3.02
N VAL B 261 -32.09 39.46 -2.14
CA VAL B 261 -31.54 40.68 -1.58
C VAL B 261 -30.13 40.88 -2.12
N LEU B 262 -29.75 42.15 -2.33
CA LEU B 262 -28.39 42.52 -2.71
C LEU B 262 -27.65 43.12 -1.52
N PRO B 263 -26.37 42.79 -1.34
CA PRO B 263 -25.63 43.36 -0.21
C PRO B 263 -25.58 44.88 -0.27
N GLU B 264 -25.42 45.49 0.89
CA GLU B 264 -25.16 46.92 0.98
C GLU B 264 -23.83 47.11 1.69
N LYS B 265 -22.89 47.73 1.00
CA LYS B 265 -21.58 48.04 1.56
C LYS B 265 -21.26 49.49 1.22
N ASP B 266 -20.19 50.01 1.82
CA ASP B 266 -19.72 51.34 1.46
C ASP B 266 -18.57 51.31 0.47
N SER B 267 -17.71 50.30 0.55
CA SER B 267 -16.68 50.05 -0.45
C SER B 267 -16.83 48.63 -1.00
N TRP B 268 -16.57 48.51 -2.29
CA TRP B 268 -16.84 47.30 -3.09
C TRP B 268 -15.56 46.79 -3.71
N THR B 269 -15.23 45.53 -3.46
CA THR B 269 -14.09 44.90 -4.10
C THR B 269 -14.46 44.39 -5.50
N VAL B 270 -13.43 44.11 -6.30
CA VAL B 270 -13.64 43.34 -7.54
C VAL B 270 -14.44 42.08 -7.24
N ASN B 271 -14.05 41.37 -6.18
CA ASN B 271 -14.74 40.13 -5.86
C ASN B 271 -16.20 40.39 -5.53
N ASP B 272 -16.46 41.42 -4.72
CA ASP B 272 -17.84 41.82 -4.42
C ASP B 272 -18.65 42.05 -5.70
N ILE B 273 -18.09 42.81 -6.65
CA ILE B 273 -18.81 43.12 -7.88
C ILE B 273 -19.00 41.87 -8.75
N GLN B 274 -17.97 41.02 -8.84
CA GLN B 274 -18.16 39.74 -9.55
C GLN B 274 -19.31 38.96 -8.92
N LYS B 275 -19.27 38.76 -7.60
CA LYS B 275 -20.33 38.01 -6.95
C LYS B 275 -21.69 38.68 -7.14
N LEU B 276 -21.71 40.03 -7.15
CA LEU B 276 -22.94 40.75 -7.41
C LEU B 276 -23.41 40.58 -8.85
N VAL B 277 -22.51 40.66 -9.82
CA VAL B 277 -22.91 40.51 -11.22
C VAL B 277 -23.41 39.09 -11.49
N GLY B 278 -22.68 38.08 -11.01
CA GLY B 278 -23.10 36.70 -11.23
C GLY B 278 -24.47 36.41 -10.66
N LYS B 279 -24.82 37.11 -9.58
CA LYS B 279 -26.11 36.92 -8.93
C LYS B 279 -27.24 37.56 -9.73
N LEU B 280 -27.02 38.77 -10.26
CA LEU B 280 -28.07 39.42 -11.03
C LEU B 280 -28.23 38.79 -12.40
N ASN B 281 -27.16 38.26 -12.98
CA ASN B 281 -27.28 37.51 -14.24
C ASN B 281 -28.19 36.32 -14.05
N TRP B 282 -28.03 35.60 -12.95
CA TRP B 282 -28.89 34.47 -12.67
C TRP B 282 -30.32 34.93 -12.43
N ALA B 283 -30.49 36.09 -11.79
CA ALA B 283 -31.82 36.61 -11.49
C ALA B 283 -32.52 37.16 -12.73
N SER B 284 -31.78 37.51 -13.77
CA SER B 284 -32.40 37.94 -15.02
C SER B 284 -33.16 36.82 -15.70
N GLN B 285 -32.99 35.58 -15.27
CA GLN B 285 -33.86 34.48 -15.70
C GLN B 285 -35.23 34.53 -15.06
N ILE B 286 -35.39 35.29 -13.98
CA ILE B 286 -36.62 35.36 -13.21
C ILE B 286 -37.31 36.70 -13.40
N TYR B 287 -36.56 37.77 -13.26
CA TYR B 287 -37.08 39.13 -13.33
C TYR B 287 -36.82 39.70 -14.71
N ALA B 288 -37.55 40.76 -15.04
CA ALA B 288 -37.54 41.35 -16.37
C ALA B 288 -36.63 42.56 -16.38
N GLY B 289 -35.89 42.73 -17.48
CA GLY B 289 -35.05 43.89 -17.67
C GLY B 289 -34.15 44.21 -16.50
N ILE B 290 -33.18 43.35 -16.22
CA ILE B 290 -32.17 43.60 -15.21
C ILE B 290 -30.82 43.69 -15.92
N LYS B 291 -30.09 44.76 -15.63
CA LYS B 291 -28.90 45.14 -16.38
C LYS B 291 -27.64 44.91 -15.56
N VAL B 292 -26.57 44.47 -16.20
CA VAL B 292 -25.27 44.43 -15.53
C VAL B 292 -24.16 44.93 -16.46
N ARG B 293 -24.51 45.48 -17.64
CA ARG B 293 -23.47 45.88 -18.58
C ARG B 293 -22.65 47.03 -18.04
N GLN B 294 -23.29 47.93 -17.28
CA GLN B 294 -22.67 49.05 -16.59
C GLN B 294 -21.97 48.64 -15.28
N LEU B 295 -22.16 47.42 -14.82
CA LEU B 295 -21.35 46.93 -13.72
C LEU B 295 -20.22 46.05 -14.22
N SER B 296 -20.46 45.28 -15.28
CA SER B 296 -19.48 44.31 -15.75
C SER B 296 -18.18 44.99 -16.17
N LYS B 297 -18.26 46.20 -16.71
CA LYS B 297 -17.08 46.86 -17.24
C LYS B 297 -16.46 47.85 -16.24
N LEU B 298 -17.06 48.03 -15.06
CA LEU B 298 -16.31 48.43 -13.89
C LEU B 298 -15.13 47.48 -13.64
N LEU B 299 -15.27 46.22 -14.06
CA LEU B 299 -14.25 45.21 -13.81
C LEU B 299 -13.33 45.02 -15.00
N ARG B 300 -13.39 45.92 -15.97
CA ARG B 300 -12.50 45.90 -17.12
C ARG B 300 -11.06 45.64 -16.70
N GLY B 301 -10.38 44.77 -17.44
CA GLY B 301 -9.01 44.42 -17.14
C GLY B 301 -8.90 43.20 -16.22
N THR B 302 -7.66 42.75 -16.06
CA THR B 302 -7.35 41.55 -15.27
C THR B 302 -6.96 42.01 -13.87
N LYS B 303 -7.95 42.13 -12.99
CA LYS B 303 -7.79 42.85 -11.73
C LYS B 303 -7.64 41.88 -10.55
N ALA B 304 -7.06 42.39 -9.47
CA ALA B 304 -6.94 41.61 -8.25
C ALA B 304 -8.28 41.56 -7.54
N LEU B 305 -8.67 40.36 -7.07
CA LEU B 305 -9.97 40.18 -6.45
C LEU B 305 -10.22 41.14 -5.28
N THR B 306 -9.15 41.53 -4.56
CA THR B 306 -9.27 42.36 -3.36
C THR B 306 -9.12 43.84 -3.66
N GLU B 307 -8.88 44.20 -4.91
CA GLU B 307 -8.80 45.61 -5.31
C GLU B 307 -10.15 46.29 -5.10
N VAL B 308 -10.13 47.42 -4.40
CA VAL B 308 -11.33 48.20 -4.14
C VAL B 308 -11.64 49.06 -5.36
N VAL B 309 -12.81 48.86 -5.93
CA VAL B 309 -13.23 49.56 -7.15
C VAL B 309 -14.32 50.55 -6.77
N PRO B 310 -14.12 51.85 -7.00
CA PRO B 310 -15.19 52.81 -6.73
C PRO B 310 -16.36 52.63 -7.70
N LEU B 311 -17.57 52.75 -7.17
CA LEU B 311 -18.78 52.67 -7.99
C LEU B 311 -18.98 53.96 -8.78
N THR B 312 -19.17 53.82 -10.09
CA THR B 312 -19.47 54.98 -10.93
C THR B 312 -20.93 55.41 -10.74
N GLU B 313 -21.22 56.62 -11.21
CA GLU B 313 -22.60 57.11 -11.27
C GLU B 313 -23.49 56.13 -11.99
N GLU B 314 -23.07 55.71 -13.18
CA GLU B 314 -23.82 54.81 -14.05
C GLU B 314 -23.95 53.39 -13.48
N ALA B 315 -23.13 53.03 -12.50
CA ALA B 315 -23.22 51.74 -11.81
C ALA B 315 -24.11 51.83 -10.57
N GLU B 316 -23.96 52.90 -9.78
CA GLU B 316 -24.91 53.14 -8.69
C GLU B 316 -26.32 53.28 -9.25
N LEU B 317 -26.41 53.93 -10.42
CA LEU B 317 -27.61 53.92 -11.27
C LEU B 317 -28.17 52.53 -11.47
N GLU B 318 -27.36 51.66 -12.08
CA GLU B 318 -27.82 50.32 -12.42
C GLU B 318 -28.19 49.53 -11.18
N LEU B 319 -27.43 49.70 -10.09
CA LEU B 319 -27.60 48.86 -8.91
C LEU B 319 -28.91 49.18 -8.19
N ALA B 320 -29.13 50.41 -7.73
CA ALA B 320 -30.37 50.71 -6.96
C ALA B 320 -31.64 50.38 -7.76
N GLU B 321 -31.58 50.51 -9.08
CA GLU B 321 -32.74 50.17 -9.93
C GLU B 321 -33.03 48.67 -9.76
N ASN B 322 -31.95 47.87 -9.78
CA ASN B 322 -32.01 46.40 -9.62
C ASN B 322 -32.55 46.07 -8.23
N ARG B 323 -32.14 46.81 -7.21
CA ARG B 323 -32.68 46.52 -5.86
C ARG B 323 -34.18 46.77 -5.88
N GLU B 324 -34.62 47.85 -6.52
CA GLU B 324 -36.09 48.11 -6.58
C GLU B 324 -36.77 46.95 -7.32
N ILE B 325 -36.20 46.48 -8.41
CA ILE B 325 -36.88 45.37 -9.13
C ILE B 325 -36.98 44.16 -8.22
N LEU B 326 -35.93 43.84 -7.48
CA LEU B 326 -35.96 42.67 -6.57
C LEU B 326 -36.94 42.86 -5.43
N LYS B 327 -37.16 44.11 -5.00
CA LYS B 327 -38.03 44.48 -3.86
C LYS B 327 -39.45 43.89 -3.92
N GLU B 328 -40.19 44.11 -5.00
CA GLU B 328 -41.55 43.64 -5.02
C GLU B 328 -41.68 42.60 -6.11
N PRO B 329 -42.50 41.57 -5.89
CA PRO B 329 -42.44 40.34 -6.69
C PRO B 329 -42.77 40.49 -8.17
N VAL B 330 -42.79 39.33 -8.84
CA VAL B 330 -42.66 39.24 -10.29
C VAL B 330 -44.03 39.18 -10.94
N HIS B 331 -44.19 39.93 -12.02
CA HIS B 331 -45.46 40.03 -12.71
C HIS B 331 -45.64 38.89 -13.70
N GLY B 332 -46.85 38.32 -13.73
CA GLY B 332 -47.21 37.27 -14.67
C GLY B 332 -47.08 35.82 -14.21
N VAL B 333 -47.07 35.57 -12.90
CA VAL B 333 -46.89 34.20 -12.38
C VAL B 333 -48.16 33.77 -11.68
N TYR B 334 -48.80 32.73 -12.19
CA TYR B 334 -50.11 32.32 -11.68
C TYR B 334 -50.13 30.83 -11.45
N TYR B 335 -50.79 30.41 -10.39
CA TYR B 335 -50.90 28.99 -10.07
C TYR B 335 -51.72 28.26 -11.12
N ASP B 336 -51.28 27.07 -11.49
CA ASP B 336 -52.02 26.23 -12.41
C ASP B 336 -52.34 24.92 -11.72
N PRO B 337 -53.62 24.68 -11.41
CA PRO B 337 -53.99 23.47 -10.64
C PRO B 337 -53.79 22.17 -11.41
N SER B 338 -53.59 22.23 -12.73
CA SER B 338 -53.37 21.04 -13.54
C SER B 338 -51.92 20.60 -13.57
N LYS B 339 -50.99 21.38 -13.01
CA LYS B 339 -49.58 21.03 -12.99
C LYS B 339 -49.09 20.78 -11.57
N ASP B 340 -48.03 19.99 -11.46
CA ASP B 340 -47.49 19.68 -10.15
C ASP B 340 -46.75 20.89 -9.57
N LEU B 341 -46.68 20.92 -8.25
CA LEU B 341 -45.82 21.87 -7.56
C LEU B 341 -44.48 21.20 -7.26
N ILE B 342 -43.44 22.02 -7.28
CA ILE B 342 -42.08 21.60 -6.99
C ILE B 342 -41.48 22.56 -5.97
N ALA B 343 -40.74 22.01 -5.00
CA ALA B 343 -40.06 22.78 -3.97
C ALA B 343 -38.56 22.47 -3.98
N GLU B 344 -37.76 23.53 -3.94
CA GLU B 344 -36.32 23.41 -3.80
C GLU B 344 -35.94 24.00 -2.45
N ILE B 345 -34.98 23.39 -1.79
CA ILE B 345 -34.51 23.85 -0.51
C ILE B 345 -32.99 23.94 -0.56
N GLN B 346 -32.43 25.02 -0.01
CA GLN B 346 -30.99 25.18 0.19
C GLN B 346 -30.72 25.37 1.67
N LYS B 347 -29.78 24.58 2.20
CA LYS B 347 -29.23 24.85 3.51
C LYS B 347 -28.40 26.12 3.46
N GLN B 348 -28.63 27.04 4.40
CA GLN B 348 -27.87 28.27 4.49
C GLN B 348 -26.96 28.33 5.70
N GLY B 349 -27.14 27.47 6.70
CA GLY B 349 -26.28 27.51 7.86
C GLY B 349 -26.90 28.25 9.03
N GLN B 350 -26.37 27.96 10.21
CA GLN B 350 -26.91 28.43 11.49
C GLN B 350 -28.43 28.28 11.56
N GLY B 351 -28.91 27.11 11.17
CA GLY B 351 -30.31 26.74 11.28
C GLY B 351 -31.24 27.37 10.26
N GLN B 352 -30.71 28.00 9.21
CA GLN B 352 -31.52 28.69 8.21
C GLN B 352 -31.64 27.85 6.93
N TRP B 353 -32.85 27.79 6.39
CA TRP B 353 -33.16 26.98 5.23
C TRP B 353 -34.11 27.76 4.32
N THR B 354 -33.64 28.13 3.14
CA THR B 354 -34.44 28.87 2.16
C THR B 354 -35.14 27.90 1.22
N TYR B 355 -36.23 28.35 0.64
CA TYR B 355 -36.98 27.46 -0.22
C TYR B 355 -37.77 28.24 -1.26
N GLN B 356 -37.97 27.61 -2.41
CA GLN B 356 -38.81 28.13 -3.46
C GLN B 356 -39.77 27.04 -3.92
N ILE B 357 -41.00 27.45 -4.22
CA ILE B 357 -42.05 26.60 -4.77
C ILE B 357 -42.46 27.17 -6.13
N TYR B 358 -42.43 26.31 -7.15
CA TYR B 358 -42.76 26.72 -8.51
C TYR B 358 -43.38 25.54 -9.23
N GLN B 359 -43.94 25.81 -10.39
CA GLN B 359 -44.42 24.77 -11.30
C GLN B 359 -43.63 24.74 -12.60
N GLU B 360 -43.27 25.89 -13.13
CA GLU B 360 -42.36 26.09 -14.25
C GLU B 360 -41.10 26.74 -13.73
N PRO B 361 -39.93 26.30 -14.20
CA PRO B 361 -38.66 26.87 -13.74
C PRO B 361 -38.65 28.39 -13.84
N PHE B 362 -38.11 29.02 -12.80
CA PHE B 362 -37.94 30.46 -12.61
C PHE B 362 -39.24 31.23 -12.47
N LYS B 363 -40.41 30.58 -12.42
CA LYS B 363 -41.66 31.25 -12.10
C LYS B 363 -42.13 30.83 -10.70
N ASN B 364 -41.44 31.35 -9.70
CA ASN B 364 -41.72 30.94 -8.32
C ASN B 364 -43.07 31.49 -7.85
N LEU B 365 -43.93 30.59 -7.40
CA LEU B 365 -45.14 31.02 -6.74
C LEU B 365 -44.89 31.46 -5.31
N LYS B 366 -43.79 31.02 -4.71
CA LYS B 366 -43.47 31.43 -3.35
C LYS B 366 -41.99 31.21 -3.11
N THR B 367 -41.34 32.18 -2.47
CA THR B 367 -39.99 32.00 -1.97
C THR B 367 -40.05 32.25 -0.48
N GLY B 368 -39.32 31.44 0.30
CA GLY B 368 -39.35 31.64 1.72
C GLY B 368 -38.06 31.26 2.40
N LYS B 369 -38.04 31.49 3.71
CA LYS B 369 -36.94 31.10 4.57
C LYS B 369 -37.54 30.36 5.76
N TYR B 370 -37.09 29.12 5.98
CA TYR B 370 -37.43 28.35 7.16
C TYR B 370 -36.29 28.40 8.17
N ALA B 371 -36.64 28.63 9.43
CA ALA B 371 -35.69 28.63 10.53
C ALA B 371 -36.34 27.93 11.71
N ARG B 372 -35.61 27.05 12.36
CA ARG B 372 -36.18 26.39 13.56
C ARG B 372 -35.03 26.06 14.53
N MET B 373 -35.18 26.47 15.78
CA MET B 373 -34.11 26.22 16.80
C MET B 373 -34.67 25.28 17.87
N LYS B 374 -34.00 24.13 18.07
CA LYS B 374 -34.40 23.16 19.12
C LYS B 374 -33.52 23.43 20.34
N GLY B 375 -32.66 24.44 20.23
CA GLY B 375 -31.77 24.88 21.30
C GLY B 375 -30.44 24.16 21.27
N ALA B 376 -30.29 23.18 20.37
CA ALA B 376 -29.02 22.42 20.27
C ALA B 376 -28.17 22.89 19.08
N HIS B 377 -28.83 23.03 17.90
CA HIS B 377 -28.34 23.44 16.55
C HIS B 377 -27.66 22.26 15.82
N THR B 378 -27.62 21.10 16.47
CA THR B 378 -26.91 19.86 16.06
C THR B 378 -27.40 19.15 14.80
N ASN B 379 -28.71 19.06 14.56
CA ASN B 379 -29.18 18.11 13.51
C ASN B 379 -29.71 18.69 12.19
N ASP B 380 -28.86 18.71 11.15
CA ASP B 380 -29.24 19.03 9.77
C ASP B 380 -30.39 18.16 9.26
N VAL B 381 -30.37 16.86 9.56
CA VAL B 381 -31.38 16.00 8.98
C VAL B 381 -32.72 16.22 9.65
N LYS B 382 -32.72 16.41 10.97
CA LYS B 382 -33.96 16.78 11.65
C LYS B 382 -34.49 18.11 11.13
N GLN B 383 -33.63 19.12 11.01
CA GLN B 383 -34.08 20.44 10.54
C GLN B 383 -34.69 20.35 9.15
N LEU B 384 -34.02 19.60 8.24
CA LEU B 384 -34.51 19.47 6.88
C LEU B 384 -35.83 18.69 6.87
N THR B 385 -35.95 17.66 7.71
CA THR B 385 -37.21 16.91 7.75
C THR B 385 -38.33 17.78 8.25
N GLU B 386 -38.02 18.65 9.23
CA GLU B 386 -39.01 19.57 9.72
C GLU B 386 -39.29 20.67 8.70
N ALA B 387 -38.28 21.11 7.96
CA ALA B 387 -38.53 22.10 6.92
C ALA B 387 -39.47 21.54 5.85
N VAL B 388 -39.33 20.24 5.56
CA VAL B 388 -40.16 19.62 4.52
C VAL B 388 -41.63 19.56 4.94
N GLN B 389 -41.89 19.14 6.20
CA GLN B 389 -43.26 19.12 6.69
C GLN B 389 -43.86 20.52 6.68
N LYS B 390 -43.07 21.50 7.13
CA LYS B 390 -43.56 22.88 7.17
C LYS B 390 -43.92 23.37 5.77
N ILE B 391 -43.04 23.18 4.80
CA ILE B 391 -43.28 23.69 3.44
C ILE B 391 -44.47 22.99 2.80
N ALA B 392 -44.50 21.66 2.90
CA ALA B 392 -45.64 20.91 2.38
C ALA B 392 -46.93 21.33 3.07
N THR B 393 -46.87 21.56 4.38
CA THR B 393 -48.07 22.04 5.08
C THR B 393 -48.57 23.33 4.45
N GLU B 394 -47.65 24.27 4.19
CA GLU B 394 -48.03 25.54 3.60
C GLU B 394 -48.68 25.35 2.24
N SER B 395 -48.15 24.41 1.43
CA SER B 395 -48.72 24.16 0.10
C SER B 395 -50.13 23.58 0.20
N ILE B 396 -50.35 22.71 1.18
CA ILE B 396 -51.69 22.21 1.41
C ILE B 396 -52.60 23.37 1.73
N VAL B 397 -52.18 24.24 2.65
CA VAL B 397 -53.05 25.33 3.05
C VAL B 397 -53.30 26.22 1.84
N ILE B 398 -52.26 26.51 1.08
CA ILE B 398 -52.39 27.51 0.03
C ILE B 398 -53.07 26.94 -1.20
N TRP B 399 -52.60 25.79 -1.68
CA TRP B 399 -53.01 25.29 -2.99
C TRP B 399 -53.78 23.99 -2.93
N GLY B 400 -53.72 23.29 -1.80
CA GLY B 400 -54.50 22.10 -1.62
C GLY B 400 -53.78 20.81 -1.88
N LYS B 401 -52.49 20.87 -2.20
CA LYS B 401 -51.70 19.67 -2.40
C LYS B 401 -50.25 19.95 -2.01
N THR B 402 -49.47 18.87 -1.89
CA THR B 402 -48.07 19.03 -1.52
C THR B 402 -47.17 19.08 -2.75
N PRO B 403 -46.02 19.74 -2.68
CA PRO B 403 -45.07 19.69 -3.80
C PRO B 403 -44.18 18.46 -3.79
N LYS B 404 -43.60 18.17 -4.95
CA LYS B 404 -42.48 17.25 -5.06
C LYS B 404 -41.21 17.99 -4.65
N PHE B 405 -40.51 17.47 -3.63
CA PHE B 405 -39.34 18.15 -3.10
C PHE B 405 -38.07 17.69 -3.82
N LYS B 406 -37.17 18.66 -4.06
CA LYS B 406 -35.79 18.40 -4.49
C LYS B 406 -34.92 18.63 -3.26
N LEU B 407 -34.49 17.52 -2.63
CA LEU B 407 -33.91 17.60 -1.29
C LEU B 407 -32.39 17.70 -1.37
N PRO B 408 -31.77 18.69 -0.72
CA PRO B 408 -30.30 18.86 -0.76
C PRO B 408 -29.60 17.93 0.22
N ILE B 409 -29.68 16.64 -0.05
CA ILE B 409 -29.15 15.64 0.86
C ILE B 409 -28.90 14.37 0.07
N GLN B 410 -27.92 13.58 0.51
CA GLN B 410 -27.72 12.24 -0.05
C GLN B 410 -28.90 11.33 0.27
N LYS B 411 -29.33 10.56 -0.75
CA LYS B 411 -30.43 9.64 -0.55
C LYS B 411 -30.27 8.80 0.73
N GLU B 412 -29.06 8.26 0.96
CA GLU B 412 -28.87 7.25 2.01
C GLU B 412 -28.76 7.88 3.38
N THR B 413 -28.28 9.12 3.44
CA THR B 413 -28.30 9.85 4.68
C THR B 413 -29.73 10.18 5.08
N TRP B 414 -30.54 10.62 4.11
CA TRP B 414 -31.96 10.87 4.36
C TRP B 414 -32.64 9.61 4.85
N GLU B 415 -32.42 8.51 4.14
CA GLU B 415 -33.16 7.29 4.41
C GLU B 415 -32.74 6.67 5.73
N ALA B 416 -31.55 7.01 6.21
CA ALA B 416 -31.13 6.49 7.50
C ALA B 416 -31.94 7.08 8.66
N TRP B 417 -32.42 8.32 8.54
CA TRP B 417 -32.88 9.02 9.74
C TRP B 417 -34.27 9.69 9.64
N TRP B 418 -34.79 9.96 8.44
CA TRP B 418 -35.93 10.88 8.30
C TRP B 418 -37.15 10.41 9.10
N THR B 419 -37.42 9.10 9.15
CA THR B 419 -38.62 8.68 9.85
C THR B 419 -38.58 9.00 11.33
N GLU B 420 -37.39 9.22 11.88
CA GLU B 420 -37.28 9.63 13.28
C GLU B 420 -37.96 10.97 13.55
N TYR B 421 -38.12 11.82 12.52
CA TYR B 421 -38.59 13.16 12.76
C TYR B 421 -39.91 13.47 12.07
N TRP B 422 -40.46 12.52 11.33
CA TRP B 422 -41.70 12.75 10.58
C TRP B 422 -42.91 12.76 11.51
N GLN B 423 -43.73 13.79 11.40
CA GLN B 423 -44.93 13.93 12.25
C GLN B 423 -46.23 14.11 11.48
N ALA B 424 -46.21 14.08 10.15
CA ALA B 424 -47.45 14.22 9.39
C ALA B 424 -47.99 12.84 9.04
N THR B 425 -49.31 12.80 8.80
CA THR B 425 -49.97 11.55 8.41
C THR B 425 -49.88 11.34 6.90
N TRP B 426 -49.42 12.34 6.17
CA TRP B 426 -49.17 12.23 4.76
C TRP B 426 -47.65 12.27 4.53
N ILE B 427 -47.24 11.85 3.34
CA ILE B 427 -45.83 11.90 2.95
C ILE B 427 -45.74 12.47 1.54
N PRO B 428 -45.00 13.55 1.32
CA PRO B 428 -44.86 14.08 -0.04
C PRO B 428 -43.85 13.28 -0.86
N GLU B 429 -43.94 13.49 -2.16
CA GLU B 429 -42.98 12.99 -3.13
C GLU B 429 -41.64 13.72 -2.99
N TRP B 430 -40.54 13.00 -3.20
CA TRP B 430 -39.26 13.69 -3.18
C TRP B 430 -38.23 13.00 -4.07
N GLU B 431 -37.17 13.74 -4.38
CA GLU B 431 -35.98 13.22 -5.03
C GLU B 431 -34.76 13.90 -4.40
N PHE B 432 -33.58 13.39 -4.70
CA PHE B 432 -32.34 13.86 -4.07
C PHE B 432 -31.47 14.59 -5.08
N VAL B 433 -31.01 15.78 -4.73
CA VAL B 433 -30.16 16.56 -5.62
C VAL B 433 -28.89 16.93 -4.88
N ASN B 434 -27.79 16.99 -5.61
CA ASN B 434 -26.54 17.53 -5.11
C ASN B 434 -26.21 18.74 -5.99
N THR B 435 -26.69 19.91 -5.59
CA THR B 435 -26.44 21.13 -6.36
C THR B 435 -25.50 22.04 -5.59
N PRO B 436 -24.22 22.05 -5.92
CA PRO B 436 -23.31 23.05 -5.35
C PRO B 436 -23.81 24.45 -5.64
N PRO B 437 -23.78 25.33 -4.63
CA PRO B 437 -24.20 26.72 -4.87
C PRO B 437 -23.18 27.45 -5.74
N LEU B 438 -23.56 27.77 -6.97
CA LEU B 438 -22.76 28.71 -7.74
C LEU B 438 -22.80 30.07 -7.07
N VAL B 439 -23.98 30.67 -7.04
CA VAL B 439 -24.24 31.92 -6.32
C VAL B 439 -25.02 31.57 -5.07
N LYS B 440 -24.96 32.46 -4.08
CA LYS B 440 -25.90 32.39 -2.97
C LYS B 440 -27.02 33.39 -3.26
N LEU B 441 -27.96 32.90 -4.08
CA LEU B 441 -29.01 33.77 -4.60
C LEU B 441 -30.01 34.14 -3.51
N TRP B 442 -30.37 33.18 -2.66
CA TRP B 442 -31.44 33.36 -1.70
C TRP B 442 -30.97 33.84 -0.33
N TYR B 443 -29.77 34.40 -0.26
CA TYR B 443 -29.26 34.93 0.99
C TYR B 443 -28.40 36.17 0.80
N1 OMC C 7 -34.74 -19.09 -2.22
C2 OMC C 7 -33.80 -19.40 -1.10
N3 OMC C 7 -32.47 -19.84 -1.39
C4 OMC C 7 -32.03 -19.95 -2.75
C5 OMC C 7 -32.95 -19.61 -3.90
C6 OMC C 7 -34.31 -19.18 -3.61
O2 OMC C 7 -34.17 -19.29 0.02
N4 OMC C 7 -30.72 -20.37 -3.00
C1' OMC C 7 -36.07 -18.62 -1.87
C2' OMC C 7 -36.07 -17.11 -1.60
O2' OMC C 7 -37.14 -16.80 -0.69
CM2 OMC C 7 -37.11 -17.37 0.61
C3' OMC C 7 -36.44 -16.59 -2.98
C4' OMC C 7 -37.47 -17.61 -3.43
O4' OMC C 7 -36.91 -18.86 -2.97
O3' OMC C 7 -36.94 -15.28 -2.97
C5' OMC C 7 -37.68 -17.71 -4.91
O5' OMC C 7 -36.41 -17.75 -5.59
P OMC C 7 -36.33 -18.37 -7.06
OP1 OMC C 7 -37.41 -17.74 -7.92
OP2 OMC C 7 -34.86 -18.42 -7.34
N1 OMC C 9 -28.94 -12.40 1.91
C2 OMC C 9 -27.69 -13.22 1.86
N3 OMC C 9 -27.40 -14.00 0.65
C4 OMC C 9 -28.26 -13.99 -0.48
C5 OMC C 9 -29.49 -13.16 -0.43
C6 OMC C 9 -29.84 -12.38 0.77
O2 OMC C 9 -26.95 -13.24 2.79
N4 OMC C 9 -27.91 -14.70 -1.64
C1' OMC C 9 -29.27 -11.71 3.18
C2' OMC C 9 -28.59 -10.37 3.34
O2' OMC C 9 -28.31 -10.20 4.73
CM2 OMC C 9 -27.37 -11.09 5.34
C3' OMC C 9 -29.68 -9.42 2.88
C4' OMC C 9 -30.96 -10.09 3.35
O4' OMC C 9 -30.67 -11.51 3.21
O3' OMC C 9 -29.52 -8.12 3.35
C5' OMC C 9 -32.22 -9.75 2.57
O5' OMC C 9 -32.10 -10.04 1.19
P OMC C 9 -33.40 -10.29 0.28
OP1 OMC C 9 -34.42 -9.16 0.48
OP2 OMC C 9 -32.97 -10.85 -1.07
N PRO D 3 44.29 15.13 36.07
CA PRO D 3 45.74 15.09 35.83
C PRO D 3 46.07 15.07 34.32
N ILE D 4 47.37 15.06 33.99
CA ILE D 4 47.83 14.92 32.62
C ILE D 4 48.71 13.68 32.54
N SER D 5 48.43 12.83 31.60
CA SER D 5 49.03 11.50 31.57
C SER D 5 50.46 11.56 31.02
N PRO D 6 51.41 10.82 31.60
CA PRO D 6 52.81 10.89 31.13
C PRO D 6 53.06 10.18 29.81
N ILE D 7 52.01 9.75 29.09
CA ILE D 7 52.19 9.16 27.78
C ILE D 7 52.95 10.14 26.89
N GLU D 8 53.74 9.60 25.96
CA GLU D 8 54.36 10.47 24.97
C GLU D 8 53.31 11.04 24.02
N THR D 9 53.46 12.32 23.69
CA THR D 9 52.59 12.98 22.71
C THR D 9 52.75 12.33 21.34
N VAL D 10 51.70 12.47 20.55
CA VAL D 10 51.74 12.07 19.15
C VAL D 10 52.19 13.30 18.35
N PRO D 11 53.23 13.20 17.53
CA PRO D 11 53.62 14.36 16.72
C PRO D 11 52.61 14.61 15.59
N VAL D 12 52.33 15.88 15.34
CA VAL D 12 51.30 16.28 14.39
C VAL D 12 51.79 17.53 13.66
N LYS D 13 51.60 17.56 12.35
CA LYS D 13 52.07 18.62 11.47
C LYS D 13 50.88 19.32 10.83
N LEU D 14 51.11 20.56 10.40
CA LEU D 14 50.16 21.19 9.50
C LEU D 14 50.36 20.66 8.09
N LYS D 15 49.41 20.93 7.20
CA LYS D 15 49.61 20.59 5.80
C LYS D 15 50.64 21.54 5.18
N PRO D 16 51.37 21.09 4.16
CA PRO D 16 52.48 21.90 3.63
C PRO D 16 52.04 23.31 3.22
N GLY D 17 52.95 24.25 3.42
CA GLY D 17 52.68 25.65 3.09
C GLY D 17 51.47 26.23 3.78
N MET D 18 51.14 25.76 4.98
CA MET D 18 49.99 26.25 5.73
C MET D 18 50.43 26.75 7.10
N ASP D 19 49.82 27.84 7.54
CA ASP D 19 50.06 28.42 8.85
C ASP D 19 48.82 28.28 9.72
N GLY D 20 48.91 28.73 10.96
CA GLY D 20 47.84 28.59 11.91
C GLY D 20 46.74 29.62 11.73
N PRO D 21 45.63 29.41 12.43
CA PRO D 21 44.45 30.26 12.20
C PRO D 21 44.60 31.64 12.83
N LYS D 22 44.05 32.64 12.14
CA LYS D 22 44.10 34.02 12.60
C LYS D 22 42.69 34.59 12.74
N VAL D 23 41.76 33.75 13.11
CA VAL D 23 40.36 34.13 13.27
C VAL D 23 40.17 34.68 14.67
N LYS D 24 39.55 35.86 14.78
CA LYS D 24 39.35 36.41 16.11
C LYS D 24 37.91 36.26 16.57
N GLN D 25 37.71 36.47 17.87
CA GLN D 25 36.57 35.94 18.61
C GLN D 25 35.33 36.81 18.42
N TRP D 26 34.07 36.11 18.29
CA TRP D 26 32.78 36.78 18.20
C TRP D 26 32.23 37.08 19.60
N PRO D 27 31.44 38.14 19.75
CA PRO D 27 30.88 38.44 21.07
C PRO D 27 29.98 37.32 21.55
N LEU D 28 30.03 37.08 22.85
CA LEU D 28 29.25 36.03 23.48
C LEU D 28 28.58 36.58 24.73
N THR D 29 27.44 36.01 25.08
CA THR D 29 26.71 36.44 26.27
C THR D 29 27.61 36.30 27.52
N GLU D 30 27.47 37.25 28.45
CA GLU D 30 28.23 37.13 29.70
C GLU D 30 27.67 36.02 30.60
N GLU D 31 26.43 35.58 30.33
CA GLU D 31 26.02 34.21 30.67
C GLU D 31 27.14 33.21 30.47
N LYS D 32 27.73 33.20 29.28
CA LYS D 32 28.69 32.22 28.82
C LYS D 32 30.11 32.74 28.81
N ILE D 33 30.37 33.85 29.52
CA ILE D 33 31.71 34.42 29.61
C ILE D 33 32.28 34.03 30.96
N LYS D 34 31.44 33.97 32.00
CA LYS D 34 32.00 33.53 33.26
C LYS D 34 31.77 32.04 33.48
N ALA D 35 30.93 31.40 32.66
CA ALA D 35 31.03 29.95 32.53
C ALA D 35 32.42 29.56 32.03
N LEU D 36 33.05 30.42 31.21
CA LEU D 36 34.34 30.14 30.61
C LEU D 36 35.50 30.53 31.52
N VAL D 37 35.58 31.81 31.93
CA VAL D 37 36.67 32.33 32.77
C VAL D 37 36.85 31.47 34.01
N GLU D 38 35.77 30.80 34.45
CA GLU D 38 35.87 29.99 35.66
C GLU D 38 36.72 28.74 35.40
N ILE D 39 36.27 27.86 34.50
CA ILE D 39 37.07 26.67 34.26
C ILE D 39 38.35 27.04 33.48
N CYS D 40 38.33 28.16 32.74
CA CYS D 40 39.57 28.63 32.12
C CYS D 40 40.61 28.95 33.18
N THR D 41 40.20 29.65 34.24
CA THR D 41 41.13 29.92 35.32
C THR D 41 41.57 28.63 36.00
N GLU D 42 40.67 27.65 36.11
CA GLU D 42 41.04 26.41 36.78
C GLU D 42 41.91 25.55 35.86
N MET D 43 41.50 25.40 34.60
CA MET D 43 42.30 24.65 33.65
C MET D 43 43.73 25.17 33.58
N GLU D 44 43.90 26.49 33.64
CA GLU D 44 45.25 27.03 33.69
C GLU D 44 45.97 26.64 34.97
N LYS D 45 45.22 26.37 36.05
CA LYS D 45 45.83 25.93 37.30
C LYS D 45 46.35 24.50 37.20
N GLU D 46 45.73 23.67 36.35
CA GLU D 46 46.10 22.27 36.22
C GLU D 46 47.04 22.03 35.06
N GLY D 47 47.68 23.07 34.55
CA GLY D 47 48.51 22.91 33.39
C GLY D 47 47.80 22.56 32.09
N LYS D 48 46.46 22.50 32.08
CA LYS D 48 45.76 22.17 30.84
C LYS D 48 45.99 23.23 29.76
N ILE D 49 46.06 24.50 30.17
CA ILE D 49 46.31 25.62 29.28
C ILE D 49 47.31 26.55 29.94
N SER D 50 48.04 27.30 29.11
CA SER D 50 48.94 28.33 29.58
C SER D 50 48.60 29.66 28.91
N LYS D 51 49.17 30.73 29.46
CA LYS D 51 48.95 32.09 29.01
C LYS D 51 49.93 32.49 27.90
N ILE D 52 49.44 33.34 27.01
CA ILE D 52 50.09 33.67 25.75
C ILE D 52 50.60 35.11 25.80
N GLY D 53 51.75 35.35 25.18
CA GLY D 53 52.26 36.69 24.99
C GLY D 53 51.91 37.21 23.61
N PRO D 54 52.38 38.42 23.28
CA PRO D 54 52.07 38.99 21.96
C PRO D 54 52.80 38.30 20.81
N GLU D 55 53.82 37.48 21.10
CA GLU D 55 54.61 36.82 20.06
C GLU D 55 53.89 35.61 19.44
N ASN D 56 52.64 35.34 19.81
CA ASN D 56 51.85 34.27 19.20
C ASN D 56 50.76 34.91 18.34
N PRO D 57 50.86 34.83 17.02
CA PRO D 57 49.96 35.60 16.16
C PRO D 57 48.60 34.96 15.91
N TYR D 58 48.32 33.84 16.56
CA TYR D 58 47.17 33.01 16.20
C TYR D 58 46.00 33.22 17.16
N ASN D 59 44.82 32.77 16.72
CA ASN D 59 43.63 32.81 17.56
C ASN D 59 42.53 32.00 16.91
N THR D 60 41.55 31.60 17.72
CA THR D 60 40.38 30.85 17.27
C THR D 60 39.25 31.15 18.25
N PRO D 61 38.03 31.35 17.77
CA PRO D 61 36.91 31.64 18.68
C PRO D 61 36.54 30.45 19.57
N VAL D 62 35.95 30.78 20.72
CA VAL D 62 35.45 29.80 21.67
C VAL D 62 33.96 29.98 21.90
N PHE D 63 33.36 28.96 22.51
CA PHE D 63 32.02 29.02 23.08
C PHE D 63 31.88 27.84 24.04
N ALA D 64 30.66 27.60 24.53
CA ALA D 64 30.40 26.52 25.48
C ALA D 64 28.97 26.02 25.32
N ILE D 65 28.79 24.72 25.55
CA ILE D 65 27.48 24.06 25.56
C ILE D 65 27.29 23.44 26.94
N LYS D 66 26.06 23.46 27.45
CA LYS D 66 25.76 22.83 28.73
C LYS D 66 25.33 21.38 28.48
N LYS D 67 25.90 20.46 29.25
CA LYS D 67 25.86 19.03 28.96
C LYS D 67 24.61 18.38 29.53
N LYS D 68 24.66 17.05 29.63
CA LYS D 68 23.71 16.26 30.40
C LYS D 68 23.21 16.94 31.66
N ASP D 69 24.10 17.48 32.50
CA ASP D 69 23.63 17.80 33.86
C ASP D 69 22.92 19.17 33.92
N SER D 70 23.24 20.10 33.00
CA SER D 70 22.73 21.48 32.89
C SER D 70 23.52 22.37 33.85
N THR D 71 24.16 21.76 34.85
CA THR D 71 25.10 22.45 35.71
C THR D 71 26.40 22.73 34.97
N LYS D 72 27.07 21.68 34.51
CA LYS D 72 28.36 21.82 33.86
C LYS D 72 28.20 22.21 32.39
N TRP D 73 29.17 22.97 31.91
CA TRP D 73 29.32 23.33 30.51
C TRP D 73 30.39 22.47 29.87
N ARG D 74 30.57 22.66 28.57
CA ARG D 74 31.63 21.97 27.83
C ARG D 74 32.30 23.02 26.95
N LYS D 75 33.47 23.51 27.38
CA LYS D 75 34.21 24.45 26.57
C LYS D 75 34.57 23.82 25.23
N VAL D 76 34.33 24.56 24.17
CA VAL D 76 34.38 24.05 22.82
C VAL D 76 34.94 25.16 21.95
N VAL D 77 35.80 24.79 21.00
CA VAL D 77 36.47 25.77 20.16
C VAL D 77 36.10 25.50 18.72
N ASP D 78 35.79 26.56 17.97
CA ASP D 78 35.47 26.43 16.56
C ASP D 78 36.76 26.41 15.75
N PHE D 79 37.47 25.29 15.91
CA PHE D 79 38.75 25.02 15.27
C PHE D 79 38.62 24.68 13.79
N ARG D 80 37.53 25.08 13.13
CA ARG D 80 37.31 24.64 11.75
C ARG D 80 38.45 25.07 10.82
N GLU D 81 39.05 26.25 11.04
CA GLU D 81 40.14 26.62 10.14
C GLU D 81 41.46 25.91 10.50
N LEU D 82 41.79 25.79 11.80
CA LEU D 82 42.94 24.97 12.16
C LEU D 82 42.75 23.55 11.67
N ASN D 83 41.51 23.05 11.74
CA ASN D 83 41.22 21.70 11.29
C ASN D 83 41.48 21.54 9.79
N LYS D 84 41.06 22.52 8.98
CA LYS D 84 41.39 22.44 7.57
C LYS D 84 42.90 22.42 7.36
N ARG D 85 43.66 23.10 8.19
CA ARG D 85 45.10 23.18 7.96
C ARG D 85 45.88 22.04 8.63
N THR D 86 45.23 21.22 9.44
CA THR D 86 45.92 20.14 10.14
C THR D 86 46.04 18.94 9.23
N GLN D 87 47.15 18.22 9.36
CA GLN D 87 47.38 16.98 8.62
C GLN D 87 46.20 16.02 8.73
N ASP D 88 46.03 15.16 7.72
CA ASP D 88 45.05 14.11 7.81
C ASP D 88 45.49 13.04 8.83
N PHE D 89 44.52 12.30 9.32
CA PHE D 89 44.74 11.17 10.20
C PHE D 89 44.03 9.96 9.61
N TRP D 90 44.55 8.79 9.93
CA TRP D 90 43.80 7.55 9.70
C TRP D 90 43.04 7.25 10.99
N GLU D 91 41.70 7.29 10.93
CA GLU D 91 40.88 7.11 12.11
C GLU D 91 40.85 5.64 12.50
N VAL D 92 40.99 5.36 13.82
CA VAL D 92 41.09 3.99 14.33
C VAL D 92 39.75 3.45 14.82
N GLN D 93 38.75 4.31 15.07
CA GLN D 93 37.39 3.86 15.38
C GLN D 93 36.79 3.32 14.08
N LEU D 94 36.73 1.99 13.94
CA LEU D 94 36.23 1.39 12.70
C LEU D 94 34.73 1.15 12.71
N GLY D 95 34.11 1.22 13.89
CA GLY D 95 32.69 0.90 13.96
C GLY D 95 32.22 1.05 15.39
N ILE D 96 30.96 0.68 15.60
CA ILE D 96 30.21 0.95 16.80
C ILE D 96 29.85 -0.41 17.39
N PRO D 97 30.28 -0.74 18.61
CA PRO D 97 29.91 -2.04 19.20
C PRO D 97 28.41 -2.10 19.35
N HIS D 98 27.91 -3.33 19.40
CA HIS D 98 26.48 -3.55 19.47
C HIS D 98 26.19 -4.55 20.57
N PRO D 99 25.15 -4.34 21.38
CA PRO D 99 24.89 -5.26 22.51
C PRO D 99 24.60 -6.66 22.06
N ALA D 100 24.01 -6.86 20.87
CA ALA D 100 23.79 -8.23 20.40
C ALA D 100 25.08 -9.03 20.28
N GLY D 101 26.23 -8.35 20.18
CA GLY D 101 27.50 -9.06 20.14
C GLY D 101 28.12 -9.36 21.50
N LEU D 102 27.57 -8.81 22.60
CA LEU D 102 28.04 -9.16 23.94
C LEU D 102 27.63 -10.57 24.29
N LYS D 103 28.49 -11.24 25.04
CA LYS D 103 28.13 -12.52 25.64
C LYS D 103 27.63 -12.28 27.06
N GLN D 104 26.84 -13.22 27.54
CA GLN D 104 26.32 -13.11 28.90
C GLN D 104 27.47 -13.32 29.87
N LYS D 105 27.66 -12.36 30.77
CA LYS D 105 28.75 -12.38 31.73
C LYS D 105 28.16 -12.47 33.12
N LYS D 106 28.89 -13.13 34.01
CA LYS D 106 28.46 -13.16 35.41
C LYS D 106 28.51 -11.76 36.04
N SER D 107 29.61 -11.04 35.86
CA SER D 107 29.77 -9.73 36.49
C SER D 107 30.12 -8.67 35.46
N VAL D 108 29.62 -7.46 35.69
CA VAL D 108 29.68 -6.40 34.70
C VAL D 108 29.88 -5.06 35.41
N THR D 109 30.72 -4.22 34.84
CA THR D 109 30.95 -2.85 35.29
C THR D 109 31.05 -1.95 34.06
N VAL D 110 30.60 -0.70 34.20
CA VAL D 110 30.76 0.30 33.14
C VAL D 110 31.38 1.54 33.76
N LEU D 111 32.58 1.89 33.30
CA LEU D 111 33.36 3.00 33.83
C LEU D 111 33.58 4.04 32.75
N ASP D 112 33.57 5.31 33.16
CA ASP D 112 33.85 6.44 32.29
C ASP D 112 35.01 7.26 32.82
N VAL D 113 35.91 7.66 31.93
CA VAL D 113 37.09 8.41 32.33
C VAL D 113 36.73 9.87 32.54
N GLY D 114 37.21 10.47 33.63
CA GLY D 114 36.95 11.87 33.88
C GLY D 114 37.84 12.76 33.03
N ASP D 115 37.24 13.75 32.36
CA ASP D 115 37.96 14.76 31.59
C ASP D 115 38.99 14.13 30.66
N ALA D 116 38.47 13.30 29.76
CA ALA D 116 39.31 12.40 28.97
C ALA D 116 40.34 13.19 28.16
N PHE D 117 39.86 14.00 27.24
CA PHE D 117 40.74 14.71 26.31
C PHE D 117 41.74 15.56 27.06
N TYR D 118 41.28 16.21 28.14
CA TYR D 118 42.17 17.07 28.91
C TYR D 118 43.19 16.28 29.73
N SER D 119 43.17 14.95 29.69
CA SER D 119 44.18 14.16 30.39
C SER D 119 45.29 13.66 29.47
N VAL D 120 45.27 14.03 28.19
CA VAL D 120 46.25 13.56 27.21
C VAL D 120 47.05 14.77 26.72
N PRO D 121 48.38 14.75 26.78
CA PRO D 121 49.14 15.94 26.38
C PRO D 121 49.21 16.07 24.86
N LEU D 122 49.35 17.30 24.42
CA LEU D 122 49.44 17.66 23.01
C LEU D 122 50.89 17.92 22.62
N ASP D 123 51.25 17.52 21.40
CA ASP D 123 52.59 17.74 20.87
C ASP D 123 53.02 19.19 21.07
N LYS D 124 54.17 19.35 21.73
CA LYS D 124 54.68 20.66 22.12
C LYS D 124 54.84 21.60 20.93
N ASP D 125 55.25 21.08 19.78
CA ASP D 125 55.44 21.93 18.62
C ASP D 125 54.11 22.46 18.06
N PHE D 126 53.00 21.84 18.43
CA PHE D 126 51.70 22.18 17.87
C PHE D 126 50.90 23.11 18.76
N ARG D 127 51.36 23.35 19.99
CA ARG D 127 50.53 24.11 20.93
C ARG D 127 50.32 25.56 20.48
N LYS D 128 51.27 26.14 19.75
CA LYS D 128 51.12 27.54 19.37
C LYS D 128 49.91 27.76 18.46
N TYR D 129 49.35 26.70 17.87
CA TYR D 129 48.26 26.86 16.93
C TYR D 129 46.88 26.82 17.60
N THR D 130 46.82 26.46 18.89
CA THR D 130 45.56 26.36 19.62
C THR D 130 45.24 27.61 20.45
N ALA D 131 45.88 28.75 20.14
CA ALA D 131 45.60 30.00 20.84
C ALA D 131 44.13 30.39 20.82
N PHE D 132 43.66 30.98 21.91
CA PHE D 132 42.32 31.55 21.95
C PHE D 132 42.32 32.73 22.91
N THR D 133 41.17 33.41 23.00
CA THR D 133 40.98 34.62 23.80
C THR D 133 39.62 34.60 24.48
N ILE D 134 39.59 35.01 25.77
CA ILE D 134 38.35 35.18 26.60
C ILE D 134 38.19 36.68 26.88
N PRO D 135 37.20 37.37 26.25
CA PRO D 135 37.00 38.84 26.31
C PRO D 135 36.59 39.80 27.44
N SER D 136 35.59 39.47 28.28
CA SER D 136 35.03 40.40 29.30
C SER D 136 34.48 41.66 28.62
N ILE D 137 34.85 42.87 29.08
CA ILE D 137 34.41 44.14 28.41
C ILE D 137 35.44 44.45 27.32
N ASN D 138 35.00 44.94 26.15
CA ASN D 138 35.87 45.07 24.96
C ASN D 138 36.90 46.22 25.01
N ASN D 139 37.90 46.11 24.13
CA ASN D 139 38.94 47.13 23.88
C ASN D 139 39.51 47.79 25.15
N GLU D 140 38.66 48.37 26.00
CA GLU D 140 39.18 49.09 27.19
C GLU D 140 40.00 48.12 28.05
N THR D 141 39.47 46.91 28.28
CA THR D 141 40.20 45.87 29.03
C THR D 141 40.40 44.73 28.03
N PRO D 142 41.74 44.37 27.48
CA PRO D 142 42.24 43.43 26.48
C PRO D 142 41.81 42.02 26.91
N GLY D 143 41.38 41.19 25.96
CA GLY D 143 40.94 39.82 26.26
C GLY D 143 42.08 38.95 26.79
N ILE D 144 41.77 37.98 27.65
CA ILE D 144 42.79 37.10 28.20
C ILE D 144 43.08 35.99 27.18
N ARG D 145 44.35 35.71 26.93
CA ARG D 145 44.80 34.78 25.89
C ARG D 145 45.45 33.54 26.49
N TYR D 146 45.10 32.37 25.95
CA TYR D 146 45.61 31.10 26.42
C TYR D 146 45.94 30.19 25.23
N GLN D 147 46.78 29.20 25.50
CA GLN D 147 47.01 28.12 24.54
C GLN D 147 46.91 26.77 25.26
N TYR D 148 46.50 25.76 24.50
CA TYR D 148 46.25 24.43 25.03
C TYR D 148 47.54 23.66 25.22
N ASN D 149 47.59 22.85 26.29
CA ASN D 149 48.65 21.90 26.52
C ASN D 149 48.20 20.45 26.33
N VAL D 150 46.89 20.21 26.27
CA VAL D 150 46.29 18.89 26.13
C VAL D 150 45.42 18.88 24.87
N LEU D 151 44.70 17.77 24.63
CA LEU D 151 43.85 17.65 23.46
C LEU D 151 42.61 18.51 23.64
N PRO D 152 42.40 19.53 22.82
CA PRO D 152 41.21 20.38 22.99
C PRO D 152 39.99 19.74 22.35
N MET D 153 38.82 20.08 22.87
CA MET D 153 37.56 19.66 22.25
C MET D 153 37.27 20.60 21.09
N GLY D 154 37.13 20.01 19.91
CA GLY D 154 36.89 20.75 18.68
C GLY D 154 37.97 20.54 17.64
N TRP D 155 39.14 20.03 18.03
CA TRP D 155 40.23 19.82 17.11
C TRP D 155 40.07 18.48 16.37
N LYS D 156 40.39 18.50 15.08
CA LYS D 156 40.22 17.31 14.25
C LYS D 156 41.02 16.12 14.79
N GLY D 157 42.21 16.39 15.33
CA GLY D 157 43.05 15.30 15.76
C GLY D 157 42.70 14.69 17.09
N SER D 158 41.81 15.32 17.88
CA SER D 158 41.73 14.93 19.30
C SER D 158 41.13 13.54 19.50
N PRO D 159 40.03 13.18 18.80
CA PRO D 159 39.48 11.83 19.05
C PRO D 159 40.45 10.71 18.72
N ALA D 160 41.17 10.80 17.60
CA ALA D 160 42.04 9.70 17.20
C ALA D 160 43.25 9.59 18.13
N ILE D 161 43.85 10.71 18.50
CA ILE D 161 45.00 10.63 19.39
C ILE D 161 44.56 10.15 20.78
N PHE D 162 43.37 10.58 21.24
CA PHE D 162 42.91 10.07 22.52
C PHE D 162 42.69 8.57 22.45
N GLN D 163 41.95 8.13 21.43
CA GLN D 163 41.59 6.72 21.29
C GLN D 163 42.84 5.85 21.21
N SER D 164 43.81 6.28 20.42
CA SER D 164 45.04 5.50 20.27
C SER D 164 45.81 5.47 21.59
N SER D 165 45.85 6.59 22.32
CA SER D 165 46.53 6.59 23.62
C SER D 165 45.81 5.68 24.62
N MET D 166 44.46 5.65 24.57
CA MET D 166 43.74 4.74 25.46
C MET D 166 44.07 3.30 25.14
N THR D 167 44.18 2.96 23.84
CA THR D 167 44.48 1.60 23.45
C THR D 167 45.86 1.18 23.93
N LYS D 168 46.84 2.10 23.88
CA LYS D 168 48.18 1.79 24.36
C LYS D 168 48.19 1.62 25.88
N ILE D 169 47.49 2.48 26.62
CA ILE D 169 47.43 2.35 28.07
C ILE D 169 46.74 1.05 28.46
N LEU D 170 45.72 0.65 27.69
CA LEU D 170 44.95 -0.53 28.04
C LEU D 170 45.64 -1.84 27.65
N GLU D 171 46.57 -1.81 26.70
CA GLU D 171 47.07 -3.07 26.14
C GLU D 171 47.77 -3.94 27.17
N PRO D 172 48.67 -3.44 28.02
CA PRO D 172 49.29 -4.34 29.02
C PRO D 172 48.27 -4.98 29.95
N PHE D 173 47.21 -4.26 30.32
CA PHE D 173 46.18 -4.85 31.17
C PHE D 173 45.38 -5.91 30.41
N ARG D 174 45.05 -5.64 29.14
CA ARG D 174 44.40 -6.68 28.33
C ARG D 174 45.25 -7.94 28.32
N LYS D 175 46.54 -7.80 27.99
CA LYS D 175 47.38 -8.99 27.88
C LYS D 175 47.48 -9.75 29.21
N GLN D 176 47.55 -9.03 30.34
CA GLN D 176 47.65 -9.74 31.61
C GLN D 176 46.32 -10.33 32.09
N ASN D 177 45.19 -9.93 31.51
CA ASN D 177 43.90 -10.39 31.99
C ASN D 177 43.06 -10.90 30.83
N PRO D 178 43.53 -11.95 30.14
CA PRO D 178 42.99 -12.26 28.78
C PRO D 178 41.53 -12.67 28.75
N ASP D 179 40.94 -13.07 29.87
CA ASP D 179 39.57 -13.55 29.90
C ASP D 179 38.63 -12.52 30.54
N ILE D 180 39.00 -11.25 30.46
CA ILE D 180 38.18 -10.15 30.93
C ILE D 180 37.90 -9.25 29.74
N VAL D 181 36.64 -9.14 29.36
CA VAL D 181 36.30 -8.38 28.16
C VAL D 181 36.22 -6.90 28.51
N ILE D 182 36.98 -6.10 27.79
CA ILE D 182 36.94 -4.64 27.94
C ILE D 182 36.48 -4.04 26.61
N TYR D 183 35.22 -3.60 26.55
CA TYR D 183 34.75 -2.82 25.41
C TYR D 183 35.14 -1.37 25.58
N GLN D 184 36.00 -0.86 24.70
CA GLN D 184 36.52 0.51 24.83
C GLN D 184 36.00 1.40 23.70
N TYR D 185 34.97 2.18 23.99
CA TYR D 185 34.42 3.13 23.05
C TYR D 185 34.75 4.54 23.55
N MET D 186 35.71 5.19 22.89
CA MET D 186 36.24 6.51 23.32
C MET D 186 36.70 6.40 24.78
N ASP D 187 36.05 7.12 25.68
CA ASP D 187 36.49 7.12 27.07
C ASP D 187 35.56 6.30 27.96
N ASP D 188 34.71 5.47 27.36
CA ASP D 188 33.72 4.67 28.06
C ASP D 188 34.12 3.21 28.01
N LEU D 189 34.24 2.58 29.18
CA LEU D 189 34.73 1.19 29.32
C LEU D 189 33.63 0.29 29.88
N TYR D 190 33.21 -0.68 29.09
CA TYR D 190 32.40 -1.79 29.58
C TYR D 190 33.38 -2.90 29.96
N VAL D 191 33.19 -3.50 31.12
CA VAL D 191 34.11 -4.52 31.60
C VAL D 191 33.30 -5.70 32.08
N GLY D 192 33.45 -6.83 31.40
CA GLY D 192 32.73 -8.05 31.75
C GLY D 192 33.67 -9.18 32.13
N SER D 193 33.22 -10.02 33.06
CA SER D 193 33.97 -11.21 33.46
C SER D 193 33.00 -12.26 34.01
N ASP D 194 33.49 -13.48 34.09
CA ASP D 194 32.77 -14.56 34.78
C ASP D 194 33.34 -14.83 36.16
N LEU D 195 34.07 -13.87 36.72
CA LEU D 195 34.59 -14.01 38.08
C LEU D 195 33.47 -13.80 39.08
N GLU D 196 33.73 -14.17 40.33
CA GLU D 196 32.74 -13.87 41.38
C GLU D 196 32.81 -12.38 41.67
N ILE D 197 31.79 -11.80 42.30
CA ILE D 197 31.77 -10.32 42.39
C ILE D 197 32.99 -9.74 43.11
N GLY D 198 33.50 -10.36 44.18
CA GLY D 198 34.69 -9.79 44.84
C GLY D 198 35.92 -9.81 43.96
N GLN D 199 36.17 -10.93 43.31
CA GLN D 199 37.31 -11.04 42.37
C GLN D 199 37.11 -10.06 41.19
N HIS D 200 35.86 -9.90 40.73
CA HIS D 200 35.57 -8.95 39.62
C HIS D 200 35.93 -7.55 40.07
N ARG D 201 35.56 -7.20 41.29
CA ARG D 201 35.82 -5.87 41.89
C ARG D 201 37.33 -5.66 42.00
N THR D 202 38.06 -6.71 42.35
CA THR D 202 39.53 -6.60 42.43
C THR D 202 40.08 -6.21 41.07
N LYS D 203 39.70 -6.94 40.03
CA LYS D 203 40.18 -6.61 38.69
C LYS D 203 39.81 -5.18 38.34
N ILE D 204 38.59 -4.75 38.66
CA ILE D 204 38.16 -3.39 38.35
C ILE D 204 39.07 -2.36 39.02
N GLU D 205 39.32 -2.53 40.32
CA GLU D 205 40.21 -1.61 41.02
C GLU D 205 41.64 -1.68 40.48
N GLU D 206 42.15 -2.88 40.17
CA GLU D 206 43.41 -2.97 39.43
C GLU D 206 43.36 -2.10 38.17
N LEU D 207 42.26 -2.18 37.43
CA LEU D 207 42.14 -1.42 36.19
C LEU D 207 42.11 0.08 36.47
N ARG D 208 41.39 0.50 37.51
CA ARG D 208 41.32 1.91 37.84
C ARG D 208 42.67 2.45 38.29
N GLN D 209 43.37 1.69 39.14
CA GLN D 209 44.71 2.05 39.54
C GLN D 209 45.59 2.26 38.31
N HIS D 210 45.59 1.25 37.44
CA HIS D 210 46.41 1.30 36.24
C HIS D 210 46.09 2.53 35.40
N LEU D 211 44.80 2.83 35.26
CA LEU D 211 44.41 4.01 34.50
C LEU D 211 44.84 5.29 35.22
N LEU D 212 44.78 5.30 36.56
CA LEU D 212 45.15 6.50 37.28
C LEU D 212 46.65 6.74 37.24
N ARG D 213 47.46 5.68 37.26
CA ARG D 213 48.89 5.89 37.09
C ARG D 213 49.20 6.51 35.74
N TRP D 214 48.40 6.18 34.73
CA TRP D 214 48.50 6.83 33.44
C TRP D 214 47.61 8.07 33.32
N GLY D 215 47.29 8.75 34.41
CA GLY D 215 46.64 10.06 34.34
C GLY D 215 45.14 10.06 34.07
N PHE D 216 44.48 8.94 34.20
CA PHE D 216 43.07 8.80 33.84
C PHE D 216 42.29 8.45 35.10
N THR D 217 41.58 9.42 35.67
CA THR D 217 40.71 9.08 36.77
C THR D 217 39.44 8.44 36.25
N THR D 218 38.66 7.85 37.16
CA THR D 218 37.36 7.27 36.81
C THR D 218 36.41 7.57 37.95
N PRO D 219 35.78 8.76 37.94
CA PRO D 219 35.07 9.22 39.15
C PRO D 219 33.91 8.29 39.46
N ASP D 220 33.56 8.24 40.74
CA ASP D 220 32.53 7.32 41.21
C ASP D 220 31.20 7.58 40.54
N LYS D 221 30.91 8.83 40.16
CA LYS D 221 29.58 9.11 39.65
C LYS D 221 29.36 8.54 38.26
N LYS D 222 30.40 8.22 37.50
CA LYS D 222 30.22 7.57 36.21
C LYS D 222 30.57 6.08 36.26
N HIS D 223 30.49 5.50 37.45
CA HIS D 223 30.95 4.15 37.74
C HIS D 223 29.73 3.33 38.13
N GLN D 224 29.08 2.77 37.12
CA GLN D 224 27.89 1.94 37.30
C GLN D 224 28.30 0.56 37.79
N LYS D 225 27.63 0.10 38.85
CA LYS D 225 27.98 -1.21 39.42
C LYS D 225 26.83 -2.21 39.41
N GLU D 226 25.58 -1.76 39.26
CA GLU D 226 24.45 -2.67 39.26
C GLU D 226 23.61 -2.52 38.00
N PRO D 227 22.89 -3.56 37.59
CA PRO D 227 21.98 -3.45 36.44
C PRO D 227 20.72 -2.72 36.83
N PRO D 228 20.04 -2.07 35.88
CA PRO D 228 20.40 -2.04 34.46
C PRO D 228 21.58 -1.14 34.15
N PHE D 229 22.44 -1.57 33.23
CA PHE D 229 23.61 -0.79 32.86
C PHE D 229 23.29 0.08 31.63
N LEU D 230 23.51 1.38 31.76
CA LEU D 230 23.33 2.32 30.68
C LEU D 230 24.62 2.37 29.89
N TRP D 231 24.55 1.96 28.62
CA TRP D 231 25.73 1.73 27.80
C TRP D 231 25.38 1.89 26.33
N MET D 232 26.08 2.82 25.67
CA MET D 232 26.01 3.02 24.22
C MET D 232 24.58 3.29 23.72
N GLY D 233 23.67 3.75 24.56
CA GLY D 233 22.30 4.03 24.15
C GLY D 233 21.34 2.93 24.50
N TYR D 234 21.79 1.92 25.21
CA TYR D 234 21.02 0.78 25.63
C TYR D 234 20.97 0.67 27.15
N GLU D 235 20.08 -0.17 27.62
CA GLU D 235 20.03 -0.65 28.99
C GLU D 235 20.39 -2.13 28.96
N LEU D 236 21.50 -2.48 29.61
CA LEU D 236 21.91 -3.88 29.70
C LEU D 236 21.38 -4.45 31.00
N HIS D 237 20.53 -5.45 30.89
CA HIS D 237 20.09 -6.28 31.99
C HIS D 237 20.88 -7.58 31.97
N PRO D 238 20.77 -8.41 33.03
CA PRO D 238 21.60 -9.63 33.06
C PRO D 238 21.35 -10.58 31.91
N ASP D 239 20.10 -10.80 31.51
CA ASP D 239 19.70 -11.78 30.53
C ASP D 239 19.21 -11.15 29.23
N LYS D 240 19.02 -9.84 29.20
CA LYS D 240 18.38 -9.15 28.09
C LYS D 240 18.95 -7.76 28.00
N TRP D 241 18.78 -7.17 26.84
CA TRP D 241 19.13 -5.78 26.63
C TRP D 241 17.98 -5.08 25.92
N THR D 242 17.85 -3.79 26.19
CA THR D 242 16.82 -2.97 25.57
C THR D 242 17.47 -1.68 25.07
N VAL D 243 16.74 -1.00 24.17
CA VAL D 243 17.12 0.31 23.69
C VAL D 243 16.57 1.34 24.65
N GLN D 244 17.31 2.42 24.91
CA GLN D 244 16.75 3.51 25.70
C GLN D 244 15.51 4.05 25.00
N PRO D 245 14.52 4.55 25.75
CA PRO D 245 13.22 4.90 25.14
C PRO D 245 13.36 5.73 23.87
N ILE D 246 12.62 5.37 22.84
CA ILE D 246 12.57 6.13 21.60
C ILE D 246 11.31 6.98 21.59
N VAL D 247 11.47 8.30 21.52
CA VAL D 247 10.33 9.21 21.49
C VAL D 247 10.18 9.77 20.07
N LEU D 248 9.08 9.43 19.43
CA LEU D 248 8.76 9.96 18.10
C LEU D 248 8.15 11.35 18.20
N PRO D 249 8.47 12.25 17.27
CA PRO D 249 7.71 13.50 17.21
C PRO D 249 6.26 13.24 16.85
N GLU D 250 5.39 14.12 17.38
CA GLU D 250 3.97 14.17 17.03
C GLU D 250 3.64 15.60 16.62
N LYS D 251 3.22 15.79 15.39
CA LYS D 251 2.87 17.10 14.88
C LYS D 251 1.53 17.06 14.18
N ASP D 252 0.85 18.20 14.16
CA ASP D 252 -0.27 18.36 13.23
C ASP D 252 0.22 18.77 11.85
N SER D 253 1.28 19.56 11.79
CA SER D 253 1.91 19.98 10.55
C SER D 253 3.37 19.55 10.54
N TRP D 254 3.78 18.89 9.47
CA TRP D 254 5.13 18.36 9.36
C TRP D 254 5.97 19.18 8.38
N THR D 255 7.18 19.53 8.80
CA THR D 255 8.16 20.05 7.85
C THR D 255 9.01 18.92 7.32
N VAL D 256 9.70 19.19 6.21
CA VAL D 256 10.72 18.27 5.72
C VAL D 256 11.64 17.82 6.86
N ASN D 257 12.07 18.78 7.69
CA ASN D 257 13.04 18.48 8.74
C ASN D 257 12.44 17.52 9.76
N ASP D 258 11.17 17.75 10.16
CA ASP D 258 10.47 16.83 11.06
C ASP D 258 10.44 15.39 10.53
N ILE D 259 10.13 15.22 9.25
CA ILE D 259 10.07 13.87 8.70
C ILE D 259 11.47 13.23 8.67
N GLN D 260 12.49 14.00 8.26
CA GLN D 260 13.85 13.46 8.32
C GLN D 260 14.20 12.97 9.72
N LYS D 261 13.85 13.78 10.74
CA LYS D 261 14.10 13.37 12.11
C LYS D 261 13.33 12.10 12.44
N LEU D 262 12.05 12.05 12.04
CA LEU D 262 11.25 10.86 12.30
C LEU D 262 11.82 9.63 11.60
N VAL D 263 12.22 9.76 10.34
CA VAL D 263 12.77 8.61 9.64
C VAL D 263 14.03 8.10 10.34
N GLY D 264 14.87 9.02 10.84
CA GLY D 264 16.09 8.59 11.52
C GLY D 264 15.81 7.87 12.83
N LYS D 265 14.80 8.34 13.57
CA LYS D 265 14.43 7.64 14.81
C LYS D 265 13.93 6.21 14.52
N LEU D 266 13.15 6.04 13.43
CA LEU D 266 12.64 4.71 13.08
C LEU D 266 13.75 3.79 12.64
N ASN D 267 14.70 4.30 11.82
CA ASN D 267 15.85 3.45 11.47
C ASN D 267 16.58 3.01 12.72
N TRP D 268 16.79 3.94 13.68
CA TRP D 268 17.40 3.58 14.96
C TRP D 268 16.58 2.51 15.67
N ALA D 269 15.26 2.70 15.75
CA ALA D 269 14.40 1.68 16.36
C ALA D 269 14.50 0.32 15.67
N SER D 270 14.85 0.27 14.36
CA SER D 270 14.67 -0.99 13.63
C SER D 270 15.74 -2.04 13.97
N GLN D 271 16.73 -1.65 14.74
CA GLN D 271 17.71 -2.63 15.20
C GLN D 271 17.12 -3.64 16.20
N ILE D 272 15.95 -3.37 16.78
CA ILE D 272 15.38 -4.29 17.76
C ILE D 272 13.86 -4.41 17.60
N TYR D 273 13.20 -3.40 17.05
CA TYR D 273 11.76 -3.48 16.80
C TYR D 273 11.54 -4.10 15.43
N ALA D 274 11.02 -5.32 15.41
CA ALA D 274 10.81 -6.04 14.15
C ALA D 274 9.76 -5.35 13.28
N GLY D 275 10.05 -5.24 11.97
CA GLY D 275 9.06 -4.84 10.98
C GLY D 275 8.83 -3.34 10.79
N ILE D 276 9.71 -2.48 11.33
CA ILE D 276 9.63 -1.05 11.05
C ILE D 276 9.73 -0.77 9.55
N LYS D 277 8.92 0.16 9.05
CA LYS D 277 8.95 0.53 7.64
C LYS D 277 9.04 2.04 7.53
N VAL D 278 9.85 2.54 6.58
CA VAL D 278 9.99 3.97 6.39
C VAL D 278 9.82 4.41 4.95
N ARG D 279 9.51 3.49 4.03
CA ARG D 279 9.50 3.84 2.62
C ARG D 279 8.50 4.96 2.33
N GLN D 280 7.29 4.85 2.87
CA GLN D 280 6.26 5.84 2.56
C GLN D 280 6.55 7.18 3.22
N LEU D 281 7.14 7.18 4.42
CA LEU D 281 7.53 8.45 5.04
C LEU D 281 8.74 9.07 4.32
N SER D 282 9.70 8.26 3.87
CA SER D 282 10.84 8.93 3.24
C SER D 282 10.46 9.44 1.84
N LYS D 283 9.50 8.79 1.17
CA LYS D 283 9.04 9.28 -0.12
C LYS D 283 8.59 10.72 -0.04
N LEU D 284 8.00 11.14 1.08
CA LEU D 284 7.65 12.54 1.28
C LEU D 284 8.81 13.50 1.14
N LEU D 285 10.05 13.01 1.28
CA LEU D 285 11.22 13.86 1.20
C LEU D 285 11.63 14.10 -0.26
N ARG D 286 11.30 13.17 -1.15
CA ARG D 286 11.67 13.34 -2.55
C ARG D 286 11.08 14.62 -3.13
N GLY D 287 11.93 15.42 -3.78
CA GLY D 287 11.47 16.55 -4.55
C GLY D 287 11.29 17.81 -3.75
N THR D 288 11.47 17.76 -2.44
CA THR D 288 11.38 18.96 -1.63
C THR D 288 12.61 19.84 -1.85
N LYS D 289 12.57 21.02 -1.27
CA LYS D 289 13.59 22.00 -1.58
C LYS D 289 13.94 22.90 -0.42
N ALA D 290 13.42 22.67 0.79
CA ALA D 290 13.78 23.46 1.96
C ALA D 290 13.42 22.70 3.22
N LEU D 291 14.33 22.74 4.20
CA LEU D 291 14.13 22.02 5.46
C LEU D 291 12.88 22.47 6.19
N THR D 292 12.46 23.70 5.98
CA THR D 292 11.31 24.25 6.66
C THR D 292 10.06 24.15 5.79
N GLU D 293 10.16 23.52 4.63
CA GLU D 293 9.00 23.39 3.75
C GLU D 293 7.97 22.45 4.39
N VAL D 294 6.73 22.92 4.53
CA VAL D 294 5.67 22.09 5.06
C VAL D 294 5.33 21.00 4.04
N VAL D 295 5.23 19.76 4.52
CA VAL D 295 4.97 18.60 3.68
C VAL D 295 3.77 17.89 4.29
N PRO D 296 2.66 17.73 3.56
CA PRO D 296 1.52 17.00 4.13
C PRO D 296 1.81 15.50 4.08
N LEU D 297 1.43 14.79 5.15
CA LEU D 297 1.53 13.33 5.14
C LEU D 297 0.46 12.72 4.23
N THR D 298 0.88 12.06 3.16
CA THR D 298 -0.03 11.20 2.41
C THR D 298 -0.68 10.14 3.31
N GLU D 299 -1.78 9.57 2.80
CA GLU D 299 -2.50 8.51 3.50
C GLU D 299 -1.59 7.32 3.76
N GLU D 300 -0.81 6.92 2.75
CA GLU D 300 0.08 5.79 2.92
C GLU D 300 1.10 6.07 4.01
N ALA D 301 1.67 7.29 4.02
CA ALA D 301 2.66 7.62 5.03
C ALA D 301 2.01 7.63 6.40
N GLU D 302 0.76 8.05 6.47
CA GLU D 302 0.02 8.04 7.73
C GLU D 302 -0.20 6.61 8.22
N LEU D 303 -0.53 5.70 7.30
CA LEU D 303 -0.71 4.30 7.69
C LEU D 303 0.60 3.71 8.17
N GLU D 304 1.70 4.00 7.45
CA GLU D 304 2.99 3.50 7.85
C GLU D 304 3.37 4.04 9.21
N LEU D 305 3.15 5.33 9.44
CA LEU D 305 3.49 5.89 10.73
C LEU D 305 2.67 5.23 11.84
N ALA D 306 1.36 5.02 11.62
CA ALA D 306 0.51 4.39 12.64
C ALA D 306 0.96 2.97 12.96
N GLU D 307 1.34 2.18 11.93
CA GLU D 307 1.81 0.82 12.15
C GLU D 307 3.07 0.82 12.99
N ASN D 308 4.04 1.66 12.60
CA ASN D 308 5.30 1.80 13.33
C ASN D 308 5.03 2.13 14.78
N ARG D 309 4.14 3.10 15.01
CA ARG D 309 3.79 3.50 16.36
C ARG D 309 3.20 2.33 17.15
N GLU D 310 2.37 1.50 16.52
CA GLU D 310 1.86 0.31 17.20
C GLU D 310 3.00 -0.64 17.54
N ILE D 311 3.95 -0.80 16.62
CA ILE D 311 5.11 -1.64 16.89
C ILE D 311 5.90 -1.09 18.07
N LEU D 312 6.00 0.24 18.20
CA LEU D 312 6.83 0.86 19.23
C LEU D 312 6.19 0.86 20.61
N LYS D 313 4.88 0.64 20.71
CA LYS D 313 4.25 0.63 22.03
C LYS D 313 4.48 -0.71 22.74
N GLU D 314 4.80 -1.76 22.00
CA GLU D 314 5.07 -3.06 22.60
C GLU D 314 6.43 -3.06 23.29
N PRO D 315 6.55 -3.70 24.45
CA PRO D 315 7.87 -3.92 25.03
C PRO D 315 8.64 -4.92 24.18
N VAL D 316 9.94 -4.67 24.03
CA VAL D 316 10.78 -5.56 23.26
C VAL D 316 12.18 -5.54 23.86
N HIS D 317 12.91 -6.64 23.67
CA HIS D 317 14.28 -6.72 24.17
C HIS D 317 15.05 -7.65 23.26
N GLY D 318 16.36 -7.40 23.12
CA GLY D 318 17.25 -8.38 22.55
C GLY D 318 17.86 -9.30 23.63
N VAL D 319 18.49 -10.37 23.18
CA VAL D 319 19.23 -11.23 24.12
C VAL D 319 20.70 -11.14 23.77
N TYR D 320 21.52 -11.90 24.48
CA TYR D 320 22.96 -11.84 24.27
C TYR D 320 23.42 -13.03 23.44
N TYR D 321 24.64 -12.96 22.96
CA TYR D 321 25.17 -13.96 22.03
C TYR D 321 25.75 -15.17 22.79
N ASP D 322 25.38 -16.37 22.36
CA ASP D 322 25.94 -17.63 22.83
C ASP D 322 26.80 -18.22 21.72
N PRO D 323 28.15 -18.13 21.81
CA PRO D 323 28.99 -18.67 20.72
C PRO D 323 28.90 -20.18 20.59
N SER D 324 28.30 -20.86 21.56
CA SER D 324 28.09 -22.29 21.47
C SER D 324 26.94 -22.70 20.55
N LYS D 325 26.23 -21.73 19.96
CA LYS D 325 25.09 -22.03 19.11
C LYS D 325 25.20 -21.30 17.78
N ASP D 326 24.46 -21.80 16.80
CA ASP D 326 24.42 -21.19 15.48
C ASP D 326 23.77 -19.82 15.53
N LEU D 327 24.18 -18.96 14.60
CA LEU D 327 23.44 -17.75 14.26
C LEU D 327 22.47 -18.05 13.13
N ILE D 328 21.24 -17.57 13.27
CA ILE D 328 20.16 -17.82 12.32
C ILE D 328 19.53 -16.48 11.95
N ALA D 329 19.47 -16.21 10.65
CA ALA D 329 18.90 -14.99 10.09
C ALA D 329 17.68 -15.36 9.25
N GLU D 330 16.56 -14.75 9.56
CA GLU D 330 15.32 -14.95 8.86
C GLU D 330 14.89 -13.62 8.25
N ILE D 331 14.35 -13.66 7.03
CA ILE D 331 13.99 -12.46 6.28
C ILE D 331 12.54 -12.58 5.83
N GLN D 332 11.80 -11.49 5.87
CA GLN D 332 10.47 -11.46 5.28
C GLN D 332 10.41 -10.28 4.32
N LYS D 333 9.58 -10.46 3.29
CA LYS D 333 9.31 -9.44 2.29
C LYS D 333 8.18 -8.55 2.80
N GLN D 334 8.33 -7.23 2.72
CA GLN D 334 7.22 -6.38 3.15
C GLN D 334 6.55 -5.58 2.04
N GLY D 335 7.03 -5.69 0.80
CA GLY D 335 6.48 -4.92 -0.29
C GLY D 335 7.30 -3.68 -0.59
N GLN D 336 7.21 -3.22 -1.86
CA GLN D 336 7.89 -2.01 -2.36
C GLN D 336 9.40 -1.99 -2.07
N GLY D 337 10.06 -3.12 -2.31
CA GLY D 337 11.49 -3.20 -2.06
C GLY D 337 11.87 -3.09 -0.58
N GLN D 338 10.98 -3.46 0.33
CA GLN D 338 11.29 -3.41 1.76
C GLN D 338 11.42 -4.83 2.29
N TRP D 339 12.42 -5.03 3.11
CA TRP D 339 12.76 -6.32 3.69
C TRP D 339 13.05 -6.09 5.16
N THR D 340 12.61 -7.02 6.01
CA THR D 340 12.89 -6.97 7.42
C THR D 340 13.42 -8.34 7.85
N TYR D 341 14.33 -8.33 8.81
CA TYR D 341 14.96 -9.57 9.19
C TYR D 341 15.14 -9.63 10.70
N GLN D 342 15.35 -10.85 11.19
CA GLN D 342 15.57 -11.12 12.60
C GLN D 342 16.78 -12.05 12.72
N ILE D 343 17.67 -11.77 13.66
CA ILE D 343 18.77 -12.69 13.92
C ILE D 343 18.62 -13.25 15.32
N TYR D 344 18.61 -14.57 15.42
CA TYR D 344 18.41 -15.23 16.70
C TYR D 344 19.21 -16.52 16.71
N GLN D 345 19.22 -17.15 17.88
CA GLN D 345 19.80 -18.46 18.09
C GLN D 345 18.76 -19.45 18.58
N GLU D 346 18.03 -19.11 19.61
CA GLU D 346 16.87 -19.94 19.89
C GLU D 346 15.61 -19.25 19.43
N PRO D 347 14.59 -20.02 19.05
CA PRO D 347 13.37 -19.43 18.48
C PRO D 347 12.75 -18.39 19.39
N PHE D 348 12.24 -17.33 18.77
CA PHE D 348 11.56 -16.22 19.45
C PHE D 348 12.45 -15.50 20.46
N LYS D 349 13.76 -15.60 20.35
CA LYS D 349 14.67 -14.87 21.22
C LYS D 349 15.65 -14.12 20.32
N ASN D 350 15.23 -12.97 19.79
CA ASN D 350 16.09 -12.26 18.85
C ASN D 350 17.35 -11.70 19.53
N LEU D 351 18.47 -11.79 18.83
CA LEU D 351 19.62 -10.95 19.19
C LEU D 351 19.44 -9.52 18.73
N LYS D 352 19.00 -9.34 17.49
CA LYS D 352 18.66 -8.04 16.94
C LYS D 352 17.78 -8.26 15.71
N THR D 353 17.30 -7.14 15.17
CA THR D 353 16.49 -7.10 13.96
C THR D 353 17.13 -6.07 13.05
N GLY D 354 16.55 -5.88 11.88
CA GLY D 354 17.04 -4.95 10.87
C GLY D 354 16.09 -4.84 9.70
N LYS D 355 16.42 -3.92 8.81
CA LYS D 355 15.67 -3.76 7.57
C LYS D 355 16.63 -3.49 6.44
N TYR D 356 16.21 -3.87 5.24
CA TYR D 356 16.91 -3.50 4.02
C TYR D 356 15.86 -2.93 3.09
N ALA D 357 16.10 -1.76 2.60
CA ALA D 357 15.08 -1.15 1.75
C ALA D 357 15.71 -0.32 0.65
N ARG D 358 17.01 -0.49 0.40
CA ARG D 358 17.65 0.35 -0.60
C ARG D 358 17.18 -0.04 -1.99
N MET D 359 16.93 0.95 -2.83
N MET D 359 16.88 0.97 -2.82
CA MET D 359 16.53 0.73 -4.22
CA MET D 359 16.50 0.72 -4.23
C MET D 359 17.77 0.87 -5.11
C MET D 359 17.77 0.86 -5.07
N LYS D 360 18.26 -0.25 -5.61
CA LYS D 360 19.50 -0.28 -6.36
C LYS D 360 19.21 -0.59 -7.82
N GLY D 361 19.57 0.33 -8.72
CA GLY D 361 19.33 0.13 -10.13
C GLY D 361 17.95 0.63 -10.56
N ALA D 362 17.84 0.97 -11.85
CA ALA D 362 16.57 1.43 -12.41
C ALA D 362 15.57 0.30 -12.51
N HIS D 363 16.05 -0.92 -12.77
CA HIS D 363 15.21 -2.08 -13.03
C HIS D 363 15.80 -3.24 -12.25
N THR D 364 14.95 -3.98 -11.52
CA THR D 364 15.46 -5.04 -10.66
C THR D 364 14.34 -6.01 -10.40
N ASN D 365 14.61 -7.05 -9.60
CA ASN D 365 13.52 -7.95 -9.22
C ASN D 365 13.72 -8.42 -7.77
N ASP D 366 12.72 -9.15 -7.25
CA ASP D 366 12.76 -9.57 -5.86
C ASP D 366 13.93 -10.49 -5.56
N VAL D 367 14.37 -11.30 -6.52
CA VAL D 367 15.44 -12.23 -6.21
C VAL D 367 16.74 -11.46 -6.02
N LYS D 368 16.99 -10.45 -6.86
CA LYS D 368 18.19 -9.63 -6.69
C LYS D 368 18.13 -8.90 -5.35
N GLN D 369 16.96 -8.35 -5.00
CA GLN D 369 16.85 -7.63 -3.75
C GLN D 369 17.01 -8.56 -2.55
N LEU D 370 16.43 -9.78 -2.61
CA LEU D 370 16.69 -10.75 -1.56
C LEU D 370 18.18 -11.02 -1.42
N THR D 371 18.88 -11.07 -2.56
CA THR D 371 20.31 -11.33 -2.54
C THR D 371 21.07 -10.18 -1.90
N GLU D 372 20.66 -8.94 -2.20
CA GLU D 372 21.28 -7.79 -1.54
C GLU D 372 21.01 -7.81 -0.04
N ALA D 373 19.81 -8.22 0.35
CA ALA D 373 19.49 -8.27 1.76
C ALA D 373 20.37 -9.30 2.48
N VAL D 374 20.49 -10.50 1.90
CA VAL D 374 21.41 -11.51 2.42
C VAL D 374 22.80 -10.93 2.60
N GLN D 375 23.30 -10.23 1.57
CA GLN D 375 24.66 -9.65 1.63
C GLN D 375 24.75 -8.64 2.77
N LYS D 376 23.76 -7.75 2.89
CA LYS D 376 23.75 -6.82 4.00
C LYS D 376 23.84 -7.57 5.34
N ILE D 377 23.02 -8.61 5.51
CA ILE D 377 23.00 -9.32 6.78
C ILE D 377 24.34 -10.03 7.00
N ALA D 378 24.94 -10.58 5.95
CA ALA D 378 26.19 -11.30 6.15
C ALA D 378 27.31 -10.35 6.61
N THR D 379 27.38 -9.16 6.01
CA THR D 379 28.38 -8.18 6.39
C THR D 379 28.18 -7.74 7.84
N GLU D 380 26.95 -7.35 8.18
CA GLU D 380 26.62 -7.01 9.55
C GLU D 380 27.03 -8.12 10.54
N SER D 381 26.81 -9.38 10.18
CA SER D 381 27.08 -10.38 11.20
C SER D 381 28.58 -10.67 11.31
N ILE D 382 29.33 -10.49 10.21
CA ILE D 382 30.79 -10.56 10.34
C ILE D 382 31.26 -9.48 11.30
N VAL D 383 30.71 -8.27 11.15
CA VAL D 383 31.10 -7.15 12.01
C VAL D 383 30.78 -7.45 13.49
N ILE D 384 29.58 -7.95 13.76
CA ILE D 384 29.12 -8.06 15.14
C ILE D 384 29.69 -9.32 15.80
N TRP D 385 29.56 -10.49 15.15
CA TRP D 385 29.92 -11.79 15.72
C TRP D 385 31.10 -12.47 14.99
N GLY D 386 31.63 -11.91 13.90
CA GLY D 386 32.77 -12.55 13.28
C GLY D 386 32.48 -13.82 12.49
N LYS D 387 31.22 -14.03 12.09
CA LYS D 387 30.85 -15.21 11.33
C LYS D 387 29.53 -14.88 10.64
N THR D 388 29.24 -15.69 9.63
CA THR D 388 28.05 -15.73 8.78
C THR D 388 26.95 -16.49 9.51
N PRO D 389 25.71 -16.04 9.41
CA PRO D 389 24.60 -16.80 9.97
C PRO D 389 24.09 -17.84 8.99
N LYS D 390 23.34 -18.79 9.53
CA LYS D 390 22.48 -19.66 8.74
C LYS D 390 21.22 -18.88 8.32
N PHE D 391 20.80 -19.06 7.09
CA PHE D 391 19.70 -18.29 6.56
C PHE D 391 18.41 -19.11 6.45
N LYS D 392 17.31 -18.48 6.85
CA LYS D 392 15.95 -18.98 6.62
C LYS D 392 15.22 -17.96 5.75
N LEU D 393 14.82 -18.39 4.54
CA LEU D 393 14.42 -17.46 3.49
C LEU D 393 13.10 -17.87 2.87
N PRO D 394 12.21 -16.89 2.57
CA PRO D 394 10.95 -17.15 1.86
C PRO D 394 11.11 -17.25 0.34
N ILE D 395 12.02 -18.10 -0.09
CA ILE D 395 12.20 -18.39 -1.51
C ILE D 395 12.37 -19.91 -1.66
N GLN D 396 11.70 -20.49 -2.66
CA GLN D 396 11.80 -21.93 -2.92
C GLN D 396 13.13 -22.26 -3.58
N LYS D 397 13.68 -23.40 -3.18
CA LYS D 397 14.89 -23.91 -3.82
C LYS D 397 14.77 -23.85 -5.34
N GLU D 398 13.63 -24.33 -5.85
CA GLU D 398 13.38 -24.35 -7.29
C GLU D 398 13.42 -22.95 -7.90
N THR D 399 12.87 -21.96 -7.20
CA THR D 399 12.92 -20.59 -7.71
C THR D 399 14.36 -20.11 -7.84
N TRP D 400 15.15 -20.28 -6.77
CA TRP D 400 16.53 -19.86 -6.84
C TRP D 400 17.31 -20.58 -7.95
N GLU D 401 17.04 -21.89 -8.14
CA GLU D 401 17.73 -22.65 -9.18
C GLU D 401 17.43 -22.10 -10.57
N ALA D 402 16.16 -21.78 -10.81
CA ALA D 402 15.82 -21.20 -12.11
C ALA D 402 16.49 -19.86 -12.30
N TRP D 403 16.61 -19.06 -11.22
CA TRP D 403 17.28 -17.78 -11.33
C TRP D 403 18.76 -17.98 -11.64
N TRP D 404 19.45 -18.77 -10.83
CA TRP D 404 20.87 -18.96 -11.02
C TRP D 404 21.19 -19.52 -12.42
N THR D 405 20.27 -20.33 -12.96
CA THR D 405 20.47 -20.93 -14.27
C THR D 405 20.34 -19.90 -15.37
N GLU D 406 19.29 -19.09 -15.35
CA GLU D 406 19.02 -18.22 -16.49
C GLU D 406 19.61 -16.82 -16.35
N TYR D 407 20.32 -16.53 -15.26
CA TYR D 407 20.94 -15.22 -15.10
C TYR D 407 22.42 -15.35 -15.40
N TRP D 408 22.94 -14.44 -16.21
CA TRP D 408 24.26 -14.62 -16.83
C TRP D 408 25.39 -14.09 -15.96
N GLN D 409 25.09 -13.50 -14.82
CA GLN D 409 26.09 -13.06 -13.85
C GLN D 409 26.24 -14.11 -12.76
N ALA D 410 27.45 -14.22 -12.24
CA ALA D 410 27.68 -15.09 -11.12
C ALA D 410 26.87 -14.60 -9.92
N THR D 411 26.18 -15.52 -9.26
CA THR D 411 25.44 -15.13 -8.09
C THR D 411 25.35 -16.33 -7.16
N TRP D 412 25.09 -16.05 -5.88
CA TRP D 412 25.13 -17.07 -4.83
C TRP D 412 24.49 -16.52 -3.56
N ILE D 413 23.99 -17.42 -2.73
CA ILE D 413 23.60 -17.11 -1.35
C ILE D 413 24.04 -18.30 -0.50
N PRO D 414 24.51 -18.08 0.73
CA PRO D 414 25.06 -19.21 1.50
C PRO D 414 24.00 -20.19 1.97
N GLU D 415 24.43 -21.11 2.84
CA GLU D 415 23.58 -22.16 3.42
C GLU D 415 22.23 -21.58 3.81
N TRP D 416 21.16 -22.08 3.17
CA TRP D 416 19.84 -21.60 3.60
C TRP D 416 18.78 -22.67 3.48
N GLU D 417 17.75 -22.55 4.33
CA GLU D 417 16.59 -23.42 4.30
C GLU D 417 15.32 -22.61 4.03
N PHE D 418 14.41 -23.23 3.30
CA PHE D 418 13.20 -22.54 2.86
C PHE D 418 12.23 -22.37 4.02
N VAL D 419 11.62 -21.19 4.12
CA VAL D 419 10.62 -20.97 5.16
C VAL D 419 9.36 -20.42 4.51
N ASN D 420 8.22 -21.02 4.84
CA ASN D 420 7.00 -20.74 4.10
C ASN D 420 6.21 -19.63 4.82
N THR D 421 6.68 -18.41 4.65
CA THR D 421 6.07 -17.23 5.24
C THR D 421 5.71 -16.30 4.10
N PRO D 422 4.48 -16.37 3.59
CA PRO D 422 4.12 -15.53 2.45
C PRO D 422 4.18 -14.06 2.82
N PRO D 423 4.39 -13.18 1.84
CA PRO D 423 4.59 -13.46 0.41
C PRO D 423 5.97 -14.03 0.13
N LEU D 424 6.01 -15.17 -0.56
CA LEU D 424 7.24 -15.76 -1.02
C LEU D 424 7.89 -14.94 -2.14
N VAL D 425 9.21 -14.94 -2.15
CA VAL D 425 9.99 -14.42 -3.27
C VAL D 425 9.88 -15.38 -4.44
N LYS D 426 9.45 -14.87 -5.58
CA LYS D 426 9.30 -15.69 -6.76
C LYS D 426 9.78 -14.91 -7.97
N LEU D 427 9.97 -15.63 -9.07
CA LEU D 427 10.18 -15.04 -10.38
C LEU D 427 8.82 -14.85 -11.00
N TRP D 428 8.56 -13.67 -11.49
CA TRP D 428 7.21 -13.37 -11.94
C TRP D 428 6.96 -13.76 -13.39
N TYR D 429 8.00 -14.04 -14.14
CA TYR D 429 7.84 -14.69 -15.45
C TYR D 429 9.20 -15.29 -15.78
N GLN D 430 9.22 -16.22 -16.71
CA GLN D 430 10.47 -16.81 -17.15
C GLN D 430 10.43 -16.87 -18.67
N LEU D 431 11.33 -16.12 -19.30
CA LEU D 431 11.43 -16.14 -20.75
C LEU D 431 11.77 -17.54 -21.25
N GLU D 432 11.22 -17.90 -22.39
CA GLU D 432 11.51 -19.19 -23.00
C GLU D 432 12.95 -19.22 -23.46
N LYS D 433 13.59 -20.37 -23.31
CA LYS D 433 14.97 -20.51 -23.78
C LYS D 433 15.04 -20.82 -25.26
N GLU D 434 13.96 -21.29 -25.86
CA GLU D 434 13.90 -21.63 -27.28
C GLU D 434 12.68 -20.98 -27.89
N PRO D 435 12.67 -20.76 -29.20
CA PRO D 435 11.45 -20.23 -29.85
C PRO D 435 10.28 -21.21 -29.73
N ILE D 436 9.08 -20.67 -29.80
CA ILE D 436 7.86 -21.38 -29.47
C ILE D 436 7.19 -21.79 -30.79
N ILE D 437 7.16 -23.10 -31.06
CA ILE D 437 6.39 -23.58 -32.20
C ILE D 437 4.92 -23.30 -31.94
N GLY D 438 4.22 -22.81 -32.97
CA GLY D 438 2.83 -22.48 -32.85
C GLY D 438 2.54 -21.06 -32.43
N ALA D 439 3.55 -20.27 -32.07
CA ALA D 439 3.35 -18.89 -31.64
C ALA D 439 3.76 -17.92 -32.75
N GLU D 440 3.09 -16.77 -32.79
CA GLU D 440 3.39 -15.76 -33.80
C GLU D 440 4.79 -15.18 -33.59
N THR D 441 5.46 -14.83 -34.68
CA THR D 441 6.73 -14.12 -34.59
C THR D 441 6.52 -12.66 -34.96
N PHE D 442 6.81 -11.77 -34.01
CA PHE D 442 6.82 -10.32 -34.20
C PHE D 442 8.26 -9.85 -34.41
N TYR D 443 8.53 -9.22 -35.54
CA TYR D 443 9.78 -8.47 -35.73
C TYR D 443 9.48 -7.01 -35.41
N VAL D 444 10.06 -6.50 -34.32
CA VAL D 444 9.79 -5.15 -33.86
C VAL D 444 10.98 -4.24 -34.17
N ASP D 445 10.73 -2.94 -34.06
CA ASP D 445 11.73 -1.89 -34.20
C ASP D 445 11.07 -0.55 -33.91
N GLY D 446 11.84 0.36 -33.30
CA GLY D 446 11.48 1.76 -33.22
C GLY D 446 12.63 2.63 -33.68
N ALA D 447 12.31 3.89 -33.99
CA ALA D 447 13.37 4.87 -34.23
C ALA D 447 12.83 6.28 -34.00
N ALA D 448 13.73 7.16 -33.56
CA ALA D 448 13.41 8.55 -33.26
C ALA D 448 14.41 9.48 -33.91
N ASN D 449 13.91 10.51 -34.59
CA ASN D 449 14.76 11.59 -35.08
C ASN D 449 15.31 12.36 -33.88
N ARG D 450 16.62 12.61 -33.87
CA ARG D 450 17.23 13.00 -32.60
C ARG D 450 16.95 14.44 -32.21
N GLU D 451 16.46 15.28 -33.11
CA GLU D 451 16.24 16.67 -32.77
C GLU D 451 14.80 17.14 -32.87
N THR D 452 13.91 16.35 -33.47
CA THR D 452 12.49 16.64 -33.36
C THR D 452 11.81 15.84 -32.25
N LYS D 453 12.50 14.87 -31.64
CA LYS D 453 12.02 13.93 -30.62
C LYS D 453 10.69 13.25 -30.97
N LEU D 454 10.30 13.21 -32.24
CA LEU D 454 9.23 12.32 -32.68
C LEU D 454 9.86 11.02 -33.17
N GLY D 455 9.05 9.96 -33.16
CA GLY D 455 9.55 8.67 -33.59
C GLY D 455 8.38 7.76 -33.87
N LYS D 456 8.70 6.52 -34.21
CA LYS D 456 7.67 5.51 -34.35
C LYS D 456 8.17 4.17 -33.82
N ALA D 457 7.24 3.22 -33.76
CA ALA D 457 7.50 1.88 -33.26
C ALA D 457 6.51 0.97 -33.98
N GLY D 458 7.01 -0.19 -34.41
CA GLY D 458 6.23 -1.06 -35.27
C GLY D 458 6.61 -2.52 -35.15
N TYR D 459 5.83 -3.34 -35.86
CA TYR D 459 6.07 -4.77 -35.99
C TYR D 459 5.51 -5.26 -37.31
N VAL D 460 6.23 -6.21 -37.92
CA VAL D 460 5.65 -7.12 -38.91
C VAL D 460 5.69 -8.50 -38.27
N THR D 461 4.76 -9.38 -38.71
CA THR D 461 4.70 -10.74 -38.16
C THR D 461 4.63 -11.77 -39.27
N ASP D 462 4.99 -13.02 -38.91
CA ASP D 462 4.99 -14.12 -39.86
C ASP D 462 3.58 -14.54 -40.27
N ARG D 463 2.55 -14.00 -39.63
CA ARG D 463 1.16 -14.26 -39.99
C ARG D 463 0.59 -13.14 -40.85
N GLY D 464 1.44 -12.22 -41.33
CA GLY D 464 1.04 -11.19 -42.26
C GLY D 464 0.69 -9.85 -41.63
N ARG D 465 0.45 -9.82 -40.32
CA ARG D 465 0.09 -8.59 -39.64
C ARG D 465 1.25 -7.60 -39.62
N GLN D 466 0.89 -6.32 -39.55
CA GLN D 466 1.86 -5.26 -39.30
C GLN D 466 1.12 -4.09 -38.67
N LYS D 467 1.89 -3.14 -38.14
CA LYS D 467 1.34 -2.02 -37.41
C LYS D 467 2.45 -1.05 -37.03
N VAL D 468 2.18 0.25 -37.23
CA VAL D 468 3.12 1.30 -36.87
C VAL D 468 2.37 2.32 -36.03
N VAL D 469 3.09 2.97 -35.13
CA VAL D 469 2.48 3.91 -34.19
C VAL D 469 3.41 5.11 -34.04
N PRO D 470 2.89 6.34 -34.05
CA PRO D 470 3.72 7.51 -33.79
C PRO D 470 3.82 7.82 -32.31
N LEU D 471 4.88 8.56 -31.97
CA LEU D 471 5.23 8.89 -30.59
C LEU D 471 5.86 10.27 -30.54
N THR D 472 5.77 10.90 -29.37
CA THR D 472 6.28 12.25 -29.16
C THR D 472 7.13 12.31 -27.90
N ASP D 473 8.10 13.22 -27.93
CA ASP D 473 9.02 13.44 -26.81
C ASP D 473 9.71 12.14 -26.38
N THR D 474 10.37 11.50 -27.35
CA THR D 474 10.87 10.15 -27.15
C THR D 474 12.30 10.07 -27.66
N THR D 475 12.93 8.90 -27.42
CA THR D 475 14.29 8.60 -27.87
C THR D 475 14.29 7.28 -28.65
N ASN D 476 15.43 6.97 -29.27
CA ASN D 476 15.59 5.64 -29.87
C ASN D 476 15.38 4.56 -28.84
N GLN D 477 16.10 4.65 -27.73
CA GLN D 477 15.94 3.66 -26.66
C GLN D 477 14.48 3.48 -26.30
N LYS D 478 13.76 4.59 -26.10
CA LYS D 478 12.35 4.49 -25.73
C LYS D 478 11.51 3.83 -26.83
N THR D 479 11.78 4.18 -28.09
CA THR D 479 10.95 3.61 -29.16
C THR D 479 11.16 2.10 -29.27
N GLU D 480 12.41 1.65 -29.08
CA GLU D 480 12.67 0.21 -29.05
C GLU D 480 11.88 -0.45 -27.93
N LEU D 481 11.83 0.18 -26.76
CA LEU D 481 10.98 -0.38 -25.70
C LEU D 481 9.52 -0.34 -26.10
N GLN D 482 9.06 0.80 -26.64
CA GLN D 482 7.67 0.91 -27.07
C GLN D 482 7.30 -0.18 -28.07
N ALA D 483 8.22 -0.49 -29.00
CA ALA D 483 7.96 -1.52 -30.01
C ALA D 483 7.74 -2.89 -29.36
N ILE D 484 8.51 -3.20 -28.32
CA ILE D 484 8.28 -4.44 -27.58
C ILE D 484 6.94 -4.37 -26.87
N HIS D 485 6.65 -3.24 -26.23
CA HIS D 485 5.34 -3.02 -25.62
C HIS D 485 4.22 -3.25 -26.62
N LEU D 486 4.40 -2.77 -27.85
CA LEU D 486 3.34 -2.85 -28.83
C LEU D 486 3.08 -4.28 -29.27
N ALA D 487 4.13 -5.11 -29.34
CA ALA D 487 3.96 -6.48 -29.81
C ALA D 487 3.41 -7.35 -28.70
N LEU D 488 3.81 -7.08 -27.46
CA LEU D 488 3.18 -7.75 -26.33
C LEU D 488 1.68 -7.42 -26.29
N GLN D 489 1.33 -6.15 -26.56
CA GLN D 489 -0.05 -5.71 -26.51
C GLN D 489 -0.91 -6.46 -27.52
N ASP D 490 -0.40 -6.67 -28.74
CA ASP D 490 -1.19 -7.21 -29.83
C ASP D 490 -1.00 -8.71 -30.02
N SER D 491 -0.36 -9.41 -29.09
CA SER D 491 -0.07 -10.84 -29.28
C SER D 491 -1.03 -11.72 -28.48
N GLY D 492 -1.12 -12.98 -28.92
CA GLY D 492 -1.70 -14.02 -28.08
C GLY D 492 -0.92 -14.24 -26.79
N LEU D 493 -1.28 -15.28 -26.02
CA LEU D 493 -0.62 -15.56 -24.74
C LEU D 493 0.78 -16.19 -24.90
N GLU D 494 1.13 -16.60 -26.13
CA GLU D 494 2.43 -17.14 -26.48
C GLU D 494 2.97 -16.32 -27.63
N VAL D 495 4.21 -15.82 -27.53
CA VAL D 495 4.72 -14.98 -28.62
C VAL D 495 6.25 -15.05 -28.71
N ASN D 496 6.76 -15.02 -29.96
CA ASN D 496 8.18 -14.80 -30.27
C ASN D 496 8.40 -13.36 -30.72
N ILE D 497 9.42 -12.70 -30.17
CA ILE D 497 9.71 -11.30 -30.51
C ILE D 497 11.17 -11.19 -30.91
N VAL D 498 11.43 -10.54 -32.04
CA VAL D 498 12.78 -10.31 -32.55
C VAL D 498 13.05 -8.82 -32.57
N THR D 499 14.16 -8.40 -31.93
CA THR D 499 14.54 -6.99 -31.89
C THR D 499 16.01 -6.85 -32.22
N ASP D 500 16.42 -5.65 -32.62
CA ASP D 500 17.83 -5.35 -32.76
C ASP D 500 18.36 -4.45 -31.65
N SER D 501 17.55 -4.16 -30.64
CA SER D 501 17.94 -3.25 -29.57
C SER D 501 18.67 -4.00 -28.45
N GLN D 502 19.99 -3.86 -28.41
CA GLN D 502 20.73 -4.38 -27.26
C GLN D 502 20.27 -3.74 -25.97
N TYR D 503 19.88 -2.47 -26.02
CA TYR D 503 19.43 -1.80 -24.81
C TYR D 503 18.17 -2.48 -24.26
N ALA D 504 17.16 -2.66 -25.10
CA ALA D 504 15.93 -3.24 -24.59
C ALA D 504 16.13 -4.69 -24.15
N LEU D 505 16.92 -5.44 -24.91
CA LEU D 505 17.18 -6.83 -24.56
C LEU D 505 17.87 -6.94 -23.22
N GLY D 506 18.89 -6.10 -22.99
CA GLY D 506 19.58 -6.12 -21.71
C GLY D 506 18.64 -5.95 -20.54
N ILE D 507 17.71 -4.99 -20.65
CA ILE D 507 16.74 -4.77 -19.58
C ILE D 507 15.84 -5.99 -19.39
N ILE D 508 15.25 -6.48 -20.49
CA ILE D 508 14.24 -7.53 -20.37
C ILE D 508 14.85 -8.91 -20.07
N GLN D 509 16.01 -9.23 -20.65
CA GLN D 509 16.55 -10.56 -20.36
C GLN D 509 16.94 -10.72 -18.89
N ALA D 510 17.12 -9.61 -18.14
CA ALA D 510 17.38 -9.78 -16.69
C ALA D 510 16.11 -9.92 -15.88
N GLN D 511 14.97 -10.06 -16.54
CA GLN D 511 13.73 -10.42 -15.88
C GLN D 511 13.38 -9.51 -14.71
N PRO D 512 13.38 -8.19 -14.91
CA PRO D 512 12.94 -7.30 -13.82
C PRO D 512 11.48 -7.52 -13.51
N ASP D 513 11.11 -7.40 -12.22
CA ASP D 513 9.70 -7.36 -11.81
C ASP D 513 9.29 -5.99 -11.30
N LYS D 514 10.20 -5.03 -11.26
CA LYS D 514 9.86 -3.66 -10.91
C LYS D 514 10.87 -2.74 -11.58
N SER D 515 10.50 -1.46 -11.70
CA SER D 515 11.31 -0.50 -12.41
C SER D 515 10.85 0.91 -12.06
N GLU D 516 11.80 1.83 -12.05
CA GLU D 516 11.46 3.23 -11.92
C GLU D 516 10.85 3.80 -13.19
N SER D 517 10.93 3.09 -14.32
CA SER D 517 10.36 3.56 -15.57
C SER D 517 8.95 3.04 -15.71
N GLU D 518 8.01 3.93 -16.07
CA GLU D 518 6.62 3.51 -16.21
C GLU D 518 6.44 2.66 -17.47
N LEU D 519 7.16 2.98 -18.54
CA LEU D 519 7.10 2.14 -19.74
C LEU D 519 7.63 0.73 -19.44
N VAL D 520 8.75 0.62 -18.70
CA VAL D 520 9.28 -0.71 -18.39
C VAL D 520 8.33 -1.47 -17.47
N SER D 521 7.70 -0.75 -16.51
CA SER D 521 6.69 -1.34 -15.64
C SER D 521 5.52 -1.88 -16.44
N GLN D 522 5.08 -1.14 -17.46
CA GLN D 522 4.02 -1.65 -18.32
C GLN D 522 4.45 -2.93 -19.03
N ILE D 523 5.70 -2.98 -19.49
CA ILE D 523 6.16 -4.17 -20.19
C ILE D 523 6.23 -5.35 -19.23
N ILE D 524 6.79 -5.10 -18.05
CA ILE D 524 6.78 -6.12 -17.00
C ILE D 524 5.37 -6.66 -16.77
N GLU D 525 4.40 -5.77 -16.58
CA GLU D 525 3.02 -6.22 -16.40
C GLU D 525 2.56 -7.10 -17.55
N GLN D 526 2.85 -6.69 -18.78
CA GLN D 526 2.53 -7.53 -19.92
C GLN D 526 3.23 -8.89 -19.84
N LEU D 527 4.55 -8.90 -19.53
CA LEU D 527 5.24 -10.19 -19.55
C LEU D 527 4.64 -11.14 -18.50
N ILE D 528 4.22 -10.61 -17.38
CA ILE D 528 3.66 -11.46 -16.30
C ILE D 528 2.37 -12.15 -16.76
N LYS D 529 1.56 -11.43 -17.53
CA LYS D 529 0.25 -11.92 -18.02
C LYS D 529 0.42 -12.99 -19.10
N LYS D 530 1.49 -12.92 -19.86
CA LYS D 530 1.70 -13.90 -20.96
C LYS D 530 1.95 -15.32 -20.47
N GLU D 531 1.66 -16.27 -21.33
CA GLU D 531 1.96 -17.66 -20.99
C GLU D 531 3.41 -18.00 -21.33
N LYS D 532 3.85 -17.65 -22.54
CA LYS D 532 5.21 -17.91 -23.01
C LYS D 532 5.68 -16.75 -23.88
N VAL D 533 6.92 -16.34 -23.68
CA VAL D 533 7.55 -15.29 -24.46
C VAL D 533 8.97 -15.72 -24.78
N TYR D 534 9.31 -15.74 -26.06
CA TYR D 534 10.70 -15.89 -26.47
C TYR D 534 11.15 -14.59 -27.10
N LEU D 535 12.36 -14.16 -26.74
CA LEU D 535 12.92 -12.89 -27.16
C LEU D 535 14.29 -13.12 -27.78
N ALA D 536 14.45 -12.70 -29.04
CA ALA D 536 15.66 -12.92 -29.81
C ALA D 536 16.16 -11.58 -30.34
N TRP D 537 17.48 -11.51 -30.53
CA TRP D 537 18.19 -10.35 -31.02
C TRP D 537 18.88 -10.68 -32.32
N VAL D 538 18.90 -9.70 -33.22
CA VAL D 538 19.71 -9.75 -34.43
C VAL D 538 20.36 -8.39 -34.62
N PRO D 539 21.54 -8.36 -35.26
CA PRO D 539 22.18 -7.07 -35.55
C PRO D 539 21.41 -6.30 -36.61
N ALA D 540 21.34 -4.98 -36.42
CA ALA D 540 20.56 -4.11 -37.30
C ALA D 540 21.30 -3.84 -38.59
N HIS D 541 20.54 -3.51 -39.64
CA HIS D 541 21.06 -3.01 -40.91
C HIS D 541 21.97 -4.01 -41.61
N LYS D 542 21.70 -5.29 -41.46
CA LYS D 542 22.44 -6.31 -42.20
C LYS D 542 21.50 -7.18 -43.00
N GLY D 543 20.32 -6.65 -43.34
CA GLY D 543 19.41 -7.24 -44.29
C GLY D 543 18.73 -8.51 -43.82
N ILE D 544 18.55 -8.68 -42.52
CA ILE D 544 17.92 -9.88 -42.03
C ILE D 544 16.42 -9.76 -42.19
N GLY D 545 15.82 -10.72 -42.88
CA GLY D 545 14.42 -10.61 -43.23
C GLY D 545 13.53 -10.49 -42.00
N GLY D 546 12.41 -9.83 -42.18
CA GLY D 546 11.54 -9.56 -41.04
C GLY D 546 11.98 -8.33 -40.31
N ASN D 547 13.25 -8.33 -39.84
CA ASN D 547 13.84 -7.14 -39.25
C ASN D 547 14.07 -6.04 -40.29
N GLU D 548 14.50 -6.40 -41.51
CA GLU D 548 14.65 -5.34 -42.51
C GLU D 548 13.30 -4.74 -42.88
N GLN D 549 12.26 -5.57 -42.95
CA GLN D 549 10.92 -5.08 -43.28
C GLN D 549 10.37 -4.14 -42.20
N VAL D 550 10.44 -4.53 -40.92
CA VAL D 550 9.96 -3.65 -39.87
C VAL D 550 10.82 -2.40 -39.79
N ASP D 551 12.07 -2.47 -40.24
CA ASP D 551 12.93 -1.30 -40.16
C ASP D 551 12.59 -0.27 -41.22
N LYS D 552 12.11 -0.69 -42.39
CA LYS D 552 11.70 0.28 -43.39
C LYS D 552 10.40 0.98 -42.99
N LEU D 553 9.44 0.24 -42.43
CA LEU D 553 8.20 0.85 -41.95
C LEU D 553 8.50 1.98 -40.98
N VAL D 554 9.29 1.68 -39.96
CA VAL D 554 9.63 2.64 -38.93
C VAL D 554 10.58 3.71 -39.44
N SER D 555 11.21 3.47 -40.59
CA SER D 555 12.15 4.43 -41.14
C SER D 555 12.09 4.44 -42.66
N ILE E 21 73.27 -3.54 6.17
CA ILE E 21 72.66 -3.34 4.85
C ILE E 21 71.99 -1.97 4.78
N GLU E 22 72.44 -1.12 3.85
CA GLU E 22 71.81 0.19 3.63
C GLU E 22 70.57 0.03 2.75
N THR E 23 69.67 1.00 2.85
CA THR E 23 68.39 0.91 2.15
C THR E 23 68.47 1.48 0.73
N VAL E 24 67.53 1.04 -0.09
CA VAL E 24 67.39 1.47 -1.47
C VAL E 24 66.25 2.48 -1.50
N PRO E 25 66.50 3.73 -1.85
CA PRO E 25 65.44 4.74 -1.75
C PRO E 25 64.42 4.54 -2.85
N VAL E 26 63.15 4.71 -2.50
CA VAL E 26 62.08 4.45 -3.45
C VAL E 26 61.05 5.56 -3.34
N LYS E 27 60.34 5.78 -4.43
CA LYS E 27 59.43 6.91 -4.56
C LYS E 27 58.08 6.41 -5.02
N LEU E 28 57.06 7.19 -4.70
CA LEU E 28 55.80 7.14 -5.43
C LEU E 28 55.95 7.82 -6.80
N LYS E 29 55.12 7.40 -7.75
CA LYS E 29 55.09 8.09 -9.02
C LYS E 29 54.77 9.58 -8.79
N PRO E 30 55.30 10.47 -9.62
CA PRO E 30 55.12 11.91 -9.38
C PRO E 30 53.65 12.31 -9.33
N GLY E 31 53.33 13.18 -8.37
CA GLY E 31 51.98 13.63 -8.18
C GLY E 31 51.07 12.70 -7.40
N MET E 32 51.53 11.50 -7.09
CA MET E 32 50.67 10.52 -6.40
C MET E 32 50.96 10.51 -4.91
N ASP E 33 49.91 10.32 -4.13
CA ASP E 33 50.02 10.15 -2.70
C ASP E 33 49.87 8.67 -2.36
N GLY E 34 50.13 8.32 -1.11
CA GLY E 34 50.04 6.96 -0.64
C GLY E 34 48.61 6.46 -0.52
N PRO E 35 48.46 5.15 -0.32
CA PRO E 35 47.11 4.55 -0.29
C PRO E 35 46.31 4.97 0.93
N LYS E 36 45.00 5.08 0.75
CA LYS E 36 44.10 5.44 1.83
C LYS E 36 42.84 4.59 1.71
N VAL E 37 42.97 3.28 1.94
CA VAL E 37 41.90 2.31 1.65
C VAL E 37 41.40 1.73 2.98
N LYS E 38 40.09 1.68 3.14
CA LYS E 38 39.51 1.26 4.41
C LYS E 38 39.66 -0.23 4.67
N GLN E 39 39.92 -0.60 5.93
CA GLN E 39 39.87 -2.02 6.29
C GLN E 39 38.44 -2.54 6.21
N TRP E 40 38.27 -3.69 5.56
CA TRP E 40 36.97 -4.31 5.50
C TRP E 40 36.78 -5.30 6.66
N PRO E 41 35.54 -5.70 6.95
CA PRO E 41 35.31 -6.65 8.08
C PRO E 41 35.92 -8.04 7.85
N LEU E 42 36.35 -8.66 8.95
CA LEU E 42 37.02 -9.95 8.93
C LEU E 42 36.35 -10.94 9.87
N THR E 43 36.23 -12.20 9.44
CA THR E 43 35.78 -13.26 10.33
C THR E 43 36.68 -13.37 11.55
N GLU E 44 36.17 -14.10 12.55
CA GLU E 44 36.91 -14.23 13.80
C GLU E 44 38.21 -15.00 13.60
N GLU E 45 38.17 -16.07 12.82
CA GLU E 45 39.39 -16.86 12.70
C GLU E 45 40.47 -16.09 11.94
N LYS E 46 40.11 -15.23 10.98
CA LYS E 46 41.17 -14.47 10.30
C LYS E 46 41.79 -13.44 11.22
N ILE E 47 40.98 -12.78 12.06
CA ILE E 47 41.51 -11.76 12.97
C ILE E 47 42.49 -12.39 13.96
N LYS E 48 42.11 -13.53 14.54
CA LYS E 48 43.00 -14.21 15.48
C LYS E 48 44.29 -14.63 14.79
N ALA E 49 44.18 -15.12 13.55
CA ALA E 49 45.38 -15.48 12.82
C ALA E 49 46.25 -14.25 12.59
N LEU E 50 45.63 -13.15 12.15
CA LEU E 50 46.41 -11.93 11.95
C LEU E 50 47.03 -11.42 13.24
N VAL E 51 46.31 -11.50 14.38
CA VAL E 51 46.86 -10.99 15.64
C VAL E 51 48.11 -11.79 16.05
N GLU E 52 48.05 -13.12 15.90
CA GLU E 52 49.21 -13.95 16.19
C GLU E 52 50.34 -13.67 15.21
N ILE E 53 50.04 -13.60 13.91
CA ILE E 53 51.08 -13.38 12.91
C ILE E 53 51.77 -12.04 13.14
N CYS E 54 51.00 -10.98 13.40
CA CYS E 54 51.61 -9.66 13.52
C CYS E 54 52.34 -9.48 14.86
N THR E 55 51.82 -10.06 15.95
CA THR E 55 52.56 -10.00 17.19
C THR E 55 53.95 -10.60 17.01
N GLU E 56 54.02 -11.78 16.39
CA GLU E 56 55.31 -12.40 16.08
C GLU E 56 56.14 -11.52 15.15
N MET E 57 55.52 -10.96 14.11
CA MET E 57 56.28 -10.11 13.20
C MET E 57 56.80 -8.85 13.91
N GLU E 58 56.05 -8.32 14.87
CA GLU E 58 56.49 -7.12 15.58
C GLU E 58 57.62 -7.43 16.58
N LYS E 59 57.51 -8.54 17.32
CA LYS E 59 58.57 -8.94 18.23
C LYS E 59 59.87 -9.27 17.49
N GLU E 60 59.79 -9.51 16.18
CA GLU E 60 60.96 -9.75 15.36
C GLU E 60 61.45 -8.50 14.62
N GLY E 61 60.86 -7.33 14.85
CA GLY E 61 61.30 -6.13 14.15
C GLY E 61 60.78 -5.95 12.73
N LYS E 62 60.12 -6.96 12.16
CA LYS E 62 59.65 -6.85 10.76
C LYS E 62 58.59 -5.77 10.58
N ILE E 63 57.71 -5.57 11.55
CA ILE E 63 56.74 -4.49 11.54
C ILE E 63 56.79 -3.80 12.90
N SER E 64 56.26 -2.58 12.95
CA SER E 64 56.14 -1.79 14.17
C SER E 64 54.74 -1.22 14.32
N LYS E 65 54.30 -1.08 15.57
CA LYS E 65 53.06 -0.40 15.88
C LYS E 65 53.16 1.09 15.59
N ILE E 66 52.09 1.64 15.04
CA ILE E 66 51.98 3.07 14.72
C ILE E 66 50.60 3.54 15.17
N GLY E 67 50.37 4.84 15.03
CA GLY E 67 49.13 5.45 15.44
C GLY E 67 48.40 6.12 14.29
N PRO E 68 47.42 6.98 14.61
CA PRO E 68 46.59 7.61 13.57
C PRO E 68 47.25 8.78 12.86
N GLU E 69 48.40 9.27 13.35
CA GLU E 69 49.11 10.36 12.68
C GLU E 69 49.68 9.91 11.34
N ASN E 70 49.87 8.61 11.12
CA ASN E 70 50.15 8.11 9.78
C ASN E 70 48.82 8.02 9.01
N PRO E 71 48.63 8.80 7.94
CA PRO E 71 47.32 8.90 7.27
C PRO E 71 47.06 7.86 6.19
N TYR E 72 47.88 6.82 6.08
CA TYR E 72 47.76 5.85 5.01
C TYR E 72 47.18 4.56 5.54
N ASN E 73 46.57 3.78 4.62
CA ASN E 73 46.09 2.47 5.00
C ASN E 73 45.92 1.59 3.79
N THR E 74 46.15 0.32 4.00
CA THR E 74 45.92 -0.69 3.02
C THR E 74 45.16 -1.81 3.72
N PRO E 75 44.16 -2.44 3.08
CA PRO E 75 43.45 -3.53 3.75
C PRO E 75 44.34 -4.74 3.91
N VAL E 76 44.04 -5.51 4.95
CA VAL E 76 44.73 -6.76 5.22
C VAL E 76 43.68 -7.83 5.47
N PHE E 77 43.99 -9.06 5.08
CA PHE E 77 43.24 -10.24 5.49
C PHE E 77 44.22 -11.41 5.54
N ALA E 78 43.70 -12.61 5.42
CA ALA E 78 44.52 -13.80 5.52
C ALA E 78 43.83 -14.92 4.74
N ILE E 79 44.64 -15.82 4.21
CA ILE E 79 44.17 -16.96 3.43
C ILE E 79 44.80 -18.24 3.98
N LYS E 80 44.20 -19.36 3.64
CA LYS E 80 44.80 -20.68 3.76
C LYS E 80 45.12 -21.21 2.36
N LYS E 81 46.39 -21.47 2.11
CA LYS E 81 46.83 -21.99 0.82
C LYS E 81 46.50 -23.48 0.74
N LYS E 82 46.99 -24.14 -0.32
CA LYS E 82 46.69 -25.54 -0.57
C LYS E 82 47.57 -26.48 0.26
N ASP E 83 48.90 -26.38 0.11
CA ASP E 83 49.84 -27.18 0.90
C ASP E 83 49.46 -27.15 2.37
N SER E 84 49.46 -25.95 2.92
CA SER E 84 49.31 -25.66 4.32
C SER E 84 47.85 -25.78 4.76
N THR E 85 47.66 -25.88 6.08
CA THR E 85 46.45 -25.37 6.74
C THR E 85 46.89 -24.41 7.84
N LYS E 86 47.94 -23.65 7.52
CA LYS E 86 48.42 -22.49 8.27
C LYS E 86 47.91 -21.24 7.57
N TRP E 87 47.59 -20.21 8.35
CA TRP E 87 47.14 -18.97 7.73
C TRP E 87 48.33 -18.19 7.18
N ARG E 88 48.13 -17.53 6.06
CA ARG E 88 49.11 -16.63 5.50
C ARG E 88 48.51 -15.24 5.48
N LYS E 89 49.21 -14.28 6.09
CA LYS E 89 48.80 -12.91 6.00
C LYS E 89 48.85 -12.49 4.54
N LEU E 90 47.91 -11.65 4.16
CA LEU E 90 47.90 -11.13 2.81
C LEU E 90 47.47 -9.68 2.92
N VAL E 91 48.39 -8.77 2.67
CA VAL E 91 48.06 -7.36 2.60
C VAL E 91 47.77 -7.02 1.14
N ASP E 92 46.66 -6.27 0.89
CA ASP E 92 46.23 -5.98 -0.47
C ASP E 92 46.85 -4.67 -0.95
N PHE E 93 48.08 -4.77 -1.44
CA PHE E 93 48.87 -3.62 -1.84
C PHE E 93 48.64 -3.17 -3.31
N ARG E 94 47.49 -3.54 -3.92
CA ARG E 94 47.26 -3.15 -5.32
C ARG E 94 47.30 -1.64 -5.49
N GLU E 95 46.70 -0.92 -4.56
CA GLU E 95 46.73 0.54 -4.64
C GLU E 95 48.16 1.08 -4.43
N LEU E 96 48.85 0.57 -3.41
CA LEU E 96 50.24 1.01 -3.24
C LEU E 96 51.09 0.64 -4.45
N ASN E 97 50.82 -0.52 -5.08
CA ASN E 97 51.64 -0.93 -6.21
C ASN E 97 51.43 -0.03 -7.42
N LYS E 98 50.17 0.36 -7.70
CA LYS E 98 49.85 1.30 -8.77
C LYS E 98 50.60 2.62 -8.60
N ARG E 99 50.75 3.08 -7.35
CA ARG E 99 51.33 4.38 -7.09
C ARG E 99 52.84 4.36 -6.93
N THR E 100 53.45 3.20 -6.71
CA THR E 100 54.89 3.13 -6.57
C THR E 100 55.59 3.32 -7.93
N GLN E 101 56.74 3.97 -7.90
CA GLN E 101 57.58 4.07 -9.10
C GLN E 101 57.73 2.73 -9.81
N ASP E 102 57.89 2.80 -11.13
CA ASP E 102 58.12 1.58 -11.86
C ASP E 102 59.55 1.12 -11.64
N PHE E 103 59.77 -0.18 -11.87
CA PHE E 103 61.11 -0.77 -11.81
C PHE E 103 61.32 -1.49 -13.14
N TRP E 104 61.90 -0.80 -14.12
CA TRP E 104 62.00 -1.36 -15.47
C TRP E 104 63.10 -2.41 -15.60
N GLU E 105 64.07 -2.41 -14.69
CA GLU E 105 65.06 -3.48 -14.67
C GLU E 105 64.44 -4.81 -14.29
N VAL E 106 63.24 -4.81 -13.71
CA VAL E 106 62.55 -6.03 -13.34
C VAL E 106 61.46 -6.37 -14.36
N GLN E 107 60.51 -5.45 -14.58
CA GLN E 107 59.38 -5.77 -15.45
C GLN E 107 59.75 -5.79 -16.93
N LEU E 108 60.92 -5.27 -17.30
CA LEU E 108 61.38 -5.34 -18.68
C LEU E 108 62.80 -5.86 -18.83
N GLY E 109 63.65 -5.73 -17.81
CA GLY E 109 65.03 -6.14 -17.94
C GLY E 109 65.27 -7.63 -17.78
N ILE E 110 64.46 -8.30 -16.97
CA ILE E 110 64.54 -9.75 -16.81
C ILE E 110 63.71 -10.40 -17.90
N PRO E 111 64.28 -11.27 -18.72
CA PRO E 111 63.46 -11.94 -19.76
C PRO E 111 62.48 -12.92 -19.12
N HIS E 112 61.25 -12.90 -19.61
CA HIS E 112 60.31 -13.94 -19.29
C HIS E 112 60.68 -15.17 -20.12
N PRO E 113 60.88 -16.33 -19.51
CA PRO E 113 61.31 -17.50 -20.30
C PRO E 113 60.13 -18.03 -21.12
N ALA E 114 60.33 -18.06 -22.44
CA ALA E 114 59.32 -18.57 -23.35
C ALA E 114 59.11 -20.07 -23.16
N GLY E 115 60.09 -20.76 -22.56
CA GLY E 115 59.99 -22.19 -22.36
C GLY E 115 59.14 -22.60 -21.18
N LEU E 116 58.88 -21.67 -20.26
CA LEU E 116 58.16 -22.00 -19.05
C LEU E 116 56.82 -22.65 -19.37
N LYS E 117 56.10 -22.12 -20.37
CA LYS E 117 54.78 -22.64 -20.70
C LYS E 117 54.85 -23.99 -21.40
N GLN E 118 56.02 -24.40 -21.87
CA GLN E 118 56.16 -25.66 -22.58
C GLN E 118 56.60 -26.80 -21.67
N LYS E 119 56.78 -26.55 -20.38
CA LYS E 119 57.25 -27.55 -19.44
C LYS E 119 56.13 -28.53 -19.09
N LYS E 120 56.51 -29.77 -18.78
CA LYS E 120 55.50 -30.75 -18.45
C LYS E 120 54.93 -30.48 -17.05
N SER E 121 55.73 -29.89 -16.17
CA SER E 121 55.24 -29.54 -14.86
C SER E 121 55.82 -28.20 -14.44
N VAL E 122 55.01 -27.40 -13.77
CA VAL E 122 55.46 -26.14 -13.18
C VAL E 122 54.93 -26.09 -11.76
N THR E 123 55.79 -25.80 -10.78
CA THR E 123 55.38 -25.75 -9.39
C THR E 123 55.57 -24.34 -8.85
N VAL E 124 54.61 -23.88 -8.06
CA VAL E 124 54.58 -22.51 -7.54
C VAL E 124 55.03 -22.52 -6.09
N LEU E 125 56.08 -21.76 -5.78
CA LEU E 125 56.66 -21.71 -4.44
C LEU E 125 56.49 -20.32 -3.84
N ASP E 126 56.01 -20.25 -2.60
CA ASP E 126 55.83 -18.96 -1.93
C ASP E 126 57.13 -18.59 -1.22
N VAL E 127 57.93 -17.72 -1.83
CA VAL E 127 59.18 -17.25 -1.20
C VAL E 127 59.04 -15.84 -0.64
N GLY E 128 57.85 -15.44 -0.19
CA GLY E 128 57.68 -14.10 0.36
C GLY E 128 58.51 -13.82 1.61
N ASP E 129 58.74 -14.83 2.44
CA ASP E 129 59.53 -14.67 3.66
C ASP E 129 60.90 -14.09 3.37
N ALA E 130 61.48 -14.43 2.23
CA ALA E 130 62.83 -13.98 1.92
C ALA E 130 62.92 -12.47 1.98
N TYR E 131 61.85 -11.78 1.61
CA TYR E 131 61.88 -10.33 1.61
C TYR E 131 62.18 -9.77 2.99
N PHE E 132 61.87 -10.52 4.04
CA PHE E 132 61.94 -9.99 5.40
C PHE E 132 63.36 -9.79 5.89
N SER E 133 64.36 -10.14 5.09
CA SER E 133 65.74 -9.98 5.50
C SER E 133 66.33 -8.65 5.05
N VAL E 134 65.56 -7.83 4.33
CA VAL E 134 66.09 -6.61 3.73
C VAL E 134 65.28 -5.43 4.23
N PRO E 135 65.91 -4.45 4.88
CA PRO E 135 65.16 -3.31 5.43
C PRO E 135 64.67 -2.36 4.33
N LEU E 136 63.51 -1.77 4.60
CA LEU E 136 62.84 -0.88 3.66
C LEU E 136 63.25 0.56 3.93
N ASP E 137 63.47 1.32 2.86
CA ASP E 137 63.67 2.77 2.92
C ASP E 137 62.75 3.40 3.95
N LYS E 138 63.35 4.05 4.94
CA LYS E 138 62.55 4.44 6.10
C LYS E 138 61.56 5.54 5.74
N ASP E 139 61.86 6.34 4.72
CA ASP E 139 60.88 7.32 4.28
C ASP E 139 59.72 6.68 3.54
N PHE E 140 59.87 5.46 3.04
CA PHE E 140 58.75 4.82 2.36
C PHE E 140 57.81 4.08 3.32
N ARG E 141 58.28 3.74 4.52
CA ARG E 141 57.56 2.78 5.37
C ARG E 141 56.15 3.22 5.70
N LYS E 142 55.94 4.54 5.84
CA LYS E 142 54.63 5.02 6.24
C LYS E 142 53.55 4.61 5.25
N TYR E 143 53.89 4.50 3.94
CA TYR E 143 52.94 4.03 2.94
C TYR E 143 52.52 2.57 3.10
N THR E 144 53.19 1.78 3.96
CA THR E 144 52.86 0.38 4.14
C THR E 144 51.85 0.14 5.27
N ALA E 145 51.23 1.17 5.81
CA ALA E 145 50.39 0.96 7.00
C ALA E 145 49.18 0.06 6.72
N PHE E 146 48.83 -0.75 7.72
CA PHE E 146 47.58 -1.49 7.72
C PHE E 146 47.04 -1.56 9.15
N THR E 147 45.79 -1.99 9.26
CA THR E 147 44.96 -1.85 10.46
C THR E 147 44.22 -3.15 10.70
N ILE E 148 44.45 -3.79 11.85
CA ILE E 148 43.74 -5.01 12.22
C ILE E 148 42.42 -4.62 12.90
N PRO E 149 41.29 -5.16 12.47
CA PRO E 149 40.01 -4.79 13.10
C PRO E 149 39.69 -5.65 14.30
N SER E 150 38.56 -5.35 14.91
CA SER E 150 38.13 -5.94 16.17
C SER E 150 36.70 -6.48 16.04
N ILE E 151 36.45 -7.67 16.62
CA ILE E 151 35.11 -8.23 16.57
C ILE E 151 34.15 -7.35 17.36
N ASN E 152 32.98 -7.06 16.76
CA ASN E 152 31.98 -6.17 17.39
C ASN E 152 32.60 -4.83 17.81
N ASN E 153 33.71 -4.45 17.17
CA ASN E 153 34.44 -3.21 17.51
C ASN E 153 34.69 -3.09 19.01
N GLU E 154 35.07 -4.19 19.62
CA GLU E 154 35.43 -4.16 21.02
C GLU E 154 36.55 -3.16 21.30
N THR E 155 37.47 -2.99 20.35
CA THR E 155 38.55 -2.04 20.47
C THR E 155 38.68 -1.25 19.17
N PRO E 156 39.36 -0.10 19.22
CA PRO E 156 39.81 0.54 17.98
C PRO E 156 40.71 -0.40 17.18
N GLY E 157 40.84 -0.08 15.88
CA GLY E 157 41.79 -0.80 15.05
C GLY E 157 43.23 -0.66 15.54
N ILE E 158 44.03 -1.70 15.33
CA ILE E 158 45.45 -1.71 15.69
C ILE E 158 46.29 -1.57 14.42
N ARG E 159 47.17 -0.58 14.41
CA ARG E 159 47.89 -0.15 13.22
C ARG E 159 49.36 -0.52 13.26
N TYR E 160 49.87 -0.99 12.12
CA TYR E 160 51.27 -1.34 11.94
C TYR E 160 51.77 -0.80 10.60
N GLN E 161 53.08 -0.61 10.50
CA GLN E 161 53.74 -0.43 9.21
C GLN E 161 54.96 -1.34 9.11
N TYR E 162 55.45 -1.52 7.89
CA TYR E 162 56.58 -2.41 7.66
C TYR E 162 57.93 -1.70 7.90
N ASN E 163 58.89 -2.45 8.43
CA ASN E 163 60.30 -2.04 8.46
C ASN E 163 61.17 -2.74 7.44
N VAL E 164 60.70 -3.86 6.89
CA VAL E 164 61.40 -4.65 5.89
C VAL E 164 60.56 -4.65 4.60
N LEU E 165 61.15 -5.15 3.51
CA LEU E 165 60.43 -5.30 2.24
C LEU E 165 59.14 -6.11 2.46
N PRO E 166 57.97 -5.54 2.22
CA PRO E 166 56.72 -6.29 2.50
C PRO E 166 56.46 -7.37 1.47
N GLN E 167 55.80 -8.43 1.92
CA GLN E 167 55.15 -9.33 0.95
C GLN E 167 54.10 -8.57 0.13
N GLY E 168 54.03 -8.88 -1.17
CA GLY E 168 53.00 -8.33 -2.04
C GLY E 168 53.28 -6.93 -2.56
N TRP E 169 54.43 -6.33 -2.23
CA TRP E 169 54.75 -5.01 -2.75
C TRP E 169 55.63 -5.14 -3.98
N LYS E 170 55.30 -4.37 -5.02
CA LYS E 170 56.05 -4.60 -6.24
C LYS E 170 57.50 -4.13 -6.13
N GLY E 171 57.82 -3.26 -5.17
CA GLY E 171 59.21 -2.91 -4.97
C GLY E 171 60.06 -4.05 -4.42
N SER E 172 59.42 -5.05 -3.82
CA SER E 172 60.19 -6.06 -3.09
C SER E 172 60.98 -6.96 -4.02
N PRO E 173 60.39 -7.56 -5.07
CA PRO E 173 61.23 -8.36 -5.98
C PRO E 173 62.27 -7.53 -6.71
N ALA E 174 61.99 -6.24 -6.93
CA ALA E 174 62.98 -5.36 -7.54
C ALA E 174 64.18 -5.13 -6.62
N ILE E 175 63.93 -4.66 -5.40
CA ILE E 175 65.05 -4.43 -4.49
C ILE E 175 65.76 -5.75 -4.17
N PHE E 176 65.01 -6.85 -4.08
CA PHE E 176 65.62 -8.12 -3.67
C PHE E 176 66.30 -8.85 -4.82
N GLN E 177 66.22 -8.31 -6.04
CA GLN E 177 66.56 -9.10 -7.24
C GLN E 177 67.99 -9.65 -7.16
N SER E 178 68.97 -8.80 -6.84
CA SER E 178 70.36 -9.27 -6.87
C SER E 178 70.58 -10.37 -5.83
N SER E 179 69.95 -10.27 -4.65
CA SER E 179 70.06 -11.37 -3.69
C SER E 179 69.48 -12.66 -4.27
N MET E 180 68.27 -12.58 -4.82
CA MET E 180 67.62 -13.77 -5.36
C MET E 180 68.46 -14.43 -6.43
N THR E 181 69.14 -13.62 -7.24
CA THR E 181 69.99 -14.18 -8.28
C THR E 181 71.09 -15.03 -7.68
N LYS E 182 71.71 -14.56 -6.60
CA LYS E 182 72.80 -15.33 -6.01
C LYS E 182 72.27 -16.52 -5.24
N ILE E 183 71.12 -16.36 -4.57
CA ILE E 183 70.50 -17.50 -3.91
C ILE E 183 70.17 -18.61 -4.92
N LEU E 184 69.75 -18.24 -6.12
CA LEU E 184 69.33 -19.23 -7.11
C LEU E 184 70.47 -19.74 -7.99
N GLU E 185 71.51 -18.95 -8.23
CA GLU E 185 72.55 -19.33 -9.20
C GLU E 185 73.11 -20.74 -9.01
N PRO E 186 73.48 -21.18 -7.80
CA PRO E 186 73.94 -22.57 -7.66
C PRO E 186 72.95 -23.58 -8.24
N PHE E 187 71.67 -23.48 -7.86
CA PHE E 187 70.67 -24.42 -8.33
C PHE E 187 70.47 -24.33 -9.84
N ARG E 188 70.47 -23.11 -10.39
CA ARG E 188 70.32 -22.93 -11.84
C ARG E 188 71.50 -23.51 -12.60
N LYS E 189 72.71 -23.31 -12.05
CA LYS E 189 73.90 -23.86 -12.69
C LYS E 189 73.87 -25.39 -12.66
N GLN E 190 73.53 -25.98 -11.51
CA GLN E 190 73.51 -27.44 -11.39
C GLN E 190 72.34 -28.08 -12.13
N ASN E 191 71.27 -27.33 -12.41
CA ASN E 191 70.07 -27.86 -13.06
C ASN E 191 69.72 -26.97 -14.25
N PRO E 192 70.56 -26.97 -15.29
CA PRO E 192 70.41 -25.98 -16.37
C PRO E 192 69.17 -26.15 -17.21
N ASP E 193 68.42 -27.23 -17.06
CA ASP E 193 67.20 -27.35 -17.84
C ASP E 193 65.94 -27.11 -17.01
N ILE E 194 66.10 -26.75 -15.74
CA ILE E 194 65.00 -26.26 -14.93
C ILE E 194 64.84 -24.77 -15.23
N VAL E 195 63.59 -24.30 -15.27
CA VAL E 195 63.29 -22.91 -15.60
C VAL E 195 62.60 -22.29 -14.39
N ILE E 196 63.17 -21.20 -13.88
CA ILE E 196 62.65 -20.50 -12.72
C ILE E 196 62.30 -19.07 -13.12
N TYR E 197 61.02 -18.71 -12.96
CA TYR E 197 60.56 -17.35 -13.18
C TYR E 197 59.97 -16.83 -11.88
N GLN E 198 60.41 -15.64 -11.47
CA GLN E 198 59.90 -14.99 -10.28
C GLN E 198 58.80 -14.01 -10.64
N TYR E 199 57.72 -14.06 -9.87
CA TYR E 199 56.62 -13.10 -9.97
C TYR E 199 56.17 -12.77 -8.56
N MET E 200 56.36 -11.51 -8.16
CA MET E 200 55.94 -11.02 -6.86
C MET E 200 56.55 -11.93 -5.78
N ASP E 201 55.72 -12.55 -4.92
CA ASP E 201 56.22 -13.40 -3.85
C ASP E 201 56.54 -14.83 -4.30
N ASP E 202 56.32 -15.16 -5.56
CA ASP E 202 56.26 -16.55 -6.01
C ASP E 202 57.41 -16.86 -6.96
N LEU E 203 57.89 -18.10 -6.88
CA LEU E 203 58.75 -18.69 -7.90
C LEU E 203 57.93 -19.71 -8.67
N TYR E 204 57.94 -19.61 -10.01
CA TYR E 204 57.36 -20.61 -10.89
C TYR E 204 58.49 -21.47 -11.45
N VAL E 205 58.49 -22.76 -11.11
CA VAL E 205 59.64 -23.64 -11.38
C VAL E 205 59.17 -24.78 -12.27
N GLY E 206 59.71 -24.84 -13.49
CA GLY E 206 59.21 -25.76 -14.50
C GLY E 206 60.27 -26.74 -14.97
N SER E 207 59.84 -27.97 -15.28
CA SER E 207 60.78 -28.95 -15.80
C SER E 207 60.03 -29.93 -16.69
N ASP E 208 60.81 -30.66 -17.50
CA ASP E 208 60.29 -31.78 -18.29
C ASP E 208 60.66 -33.13 -17.70
N LEU E 209 61.12 -33.16 -16.47
CA LEU E 209 61.40 -34.41 -15.79
C LEU E 209 60.09 -35.12 -15.45
N GLU E 210 60.19 -36.42 -15.21
CA GLU E 210 59.06 -37.14 -14.66
C GLU E 210 58.65 -36.54 -13.32
N ILE E 211 57.35 -36.61 -13.03
CA ILE E 211 56.82 -35.84 -11.91
C ILE E 211 57.43 -36.30 -10.59
N GLY E 212 57.84 -37.57 -10.51
CA GLY E 212 58.58 -38.02 -9.34
C GLY E 212 59.92 -37.33 -9.16
N GLN E 213 60.68 -37.16 -10.26
CA GLN E 213 61.94 -36.41 -10.19
C GLN E 213 61.69 -34.90 -10.04
N HIS E 214 60.73 -34.37 -10.78
CA HIS E 214 60.38 -32.95 -10.67
C HIS E 214 60.12 -32.55 -9.22
N ARG E 215 59.25 -33.29 -8.55
CA ARG E 215 58.95 -33.04 -7.16
C ARG E 215 60.23 -33.10 -6.32
N THR E 216 61.13 -34.01 -6.67
CA THR E 216 62.37 -34.12 -5.93
C THR E 216 63.25 -32.88 -6.13
N LYS E 217 63.39 -32.41 -7.37
CA LYS E 217 64.15 -31.18 -7.59
C LYS E 217 63.51 -30.00 -6.86
N ILE E 218 62.17 -29.94 -6.81
CA ILE E 218 61.50 -28.89 -6.07
C ILE E 218 61.91 -28.93 -4.60
N GLU E 219 62.03 -30.12 -4.04
CA GLU E 219 62.41 -30.16 -2.63
C GLU E 219 63.84 -29.68 -2.43
N GLU E 220 64.75 -29.90 -3.38
CA GLU E 220 66.08 -29.33 -3.20
C GLU E 220 65.99 -27.83 -3.10
N LEU E 221 65.39 -27.21 -4.12
CA LEU E 221 65.28 -25.76 -4.14
C LEU E 221 64.74 -25.26 -2.81
N ARG E 222 63.67 -25.91 -2.34
CA ARG E 222 63.03 -25.49 -1.10
C ARG E 222 64.01 -25.45 0.05
N GLN E 223 64.70 -26.56 0.33
CA GLN E 223 65.61 -26.57 1.46
C GLN E 223 66.85 -25.72 1.19
N HIS E 224 67.19 -25.51 -0.08
CA HIS E 224 68.21 -24.50 -0.38
C HIS E 224 67.72 -23.10 -0.05
N LEU E 225 66.44 -22.81 -0.18
CA LEU E 225 65.98 -21.50 0.24
C LEU E 225 65.77 -21.44 1.75
N LEU E 226 65.52 -22.58 2.40
CA LEU E 226 65.43 -22.57 3.86
C LEU E 226 66.80 -22.47 4.48
N ARG E 227 67.83 -22.93 3.78
CA ARG E 227 69.19 -22.79 4.25
C ARG E 227 69.57 -21.31 4.38
N TRP E 228 68.93 -20.43 3.60
CA TRP E 228 69.16 -18.99 3.65
C TRP E 228 67.89 -18.24 4.09
N GLY E 229 67.06 -18.85 4.93
CA GLY E 229 65.76 -18.28 5.28
C GLY E 229 64.86 -18.03 4.06
N GLY E 247 53.74 -25.50 -3.18
CA GLY E 247 52.54 -24.93 -3.78
C GLY E 247 51.89 -25.82 -4.83
N TYR E 248 50.98 -25.25 -5.61
CA TYR E 248 50.22 -26.04 -6.58
C TYR E 248 51.13 -26.49 -7.73
N GLU E 249 50.65 -27.51 -8.47
CA GLU E 249 51.39 -28.15 -9.56
C GLU E 249 50.66 -27.98 -10.91
N LEU E 250 51.23 -27.19 -11.80
CA LEU E 250 50.64 -26.90 -13.11
C LEU E 250 51.22 -27.81 -14.19
N HIS E 251 50.49 -27.92 -15.30
CA HIS E 251 50.92 -28.66 -16.48
C HIS E 251 50.55 -27.88 -17.73
N PRO E 252 51.27 -26.79 -17.99
CA PRO E 252 50.84 -25.88 -19.07
C PRO E 252 50.93 -26.51 -20.43
N ASP E 253 51.85 -27.47 -20.64
CA ASP E 253 51.91 -28.12 -21.94
C ASP E 253 50.60 -28.85 -22.26
N LYS E 254 49.66 -28.91 -21.35
CA LYS E 254 48.34 -29.42 -21.65
C LYS E 254 47.31 -28.32 -21.81
N TRP E 255 47.67 -27.07 -21.56
CA TRP E 255 46.70 -25.99 -21.72
C TRP E 255 46.28 -25.86 -23.18
N THR E 256 44.99 -25.61 -23.41
CA THR E 256 44.41 -25.60 -24.75
C THR E 256 43.68 -24.29 -25.00
N VAL E 257 43.41 -24.02 -26.27
CA VAL E 257 42.62 -22.87 -26.69
C VAL E 257 41.22 -23.30 -27.08
N GLN E 258 40.27 -22.42 -26.83
CA GLN E 258 38.87 -22.65 -27.21
C GLN E 258 38.46 -21.55 -28.19
N PRO E 259 38.50 -21.81 -29.49
CA PRO E 259 38.06 -20.80 -30.46
C PRO E 259 36.54 -20.70 -30.50
N ILE E 260 36.07 -19.67 -31.18
CA ILE E 260 34.64 -19.59 -31.50
C ILE E 260 34.26 -20.80 -32.33
N VAL E 261 33.22 -21.51 -31.93
CA VAL E 261 32.82 -22.70 -32.69
C VAL E 261 31.56 -22.42 -33.49
N LEU E 262 31.54 -22.91 -34.73
CA LEU E 262 30.34 -22.88 -35.56
C LEU E 262 29.81 -24.30 -35.67
N PRO E 263 28.74 -24.66 -34.98
CA PRO E 263 28.21 -26.02 -35.06
C PRO E 263 27.80 -26.38 -36.49
N GLU E 264 27.90 -27.67 -36.80
CA GLU E 264 27.26 -28.26 -37.97
C GLU E 264 26.03 -29.01 -37.43
N LYS E 265 24.86 -28.41 -37.57
CA LYS E 265 23.61 -29.05 -37.15
C LYS E 265 22.98 -29.83 -38.30
N ASP E 266 22.09 -30.75 -37.95
CA ASP E 266 21.41 -31.52 -38.98
C ASP E 266 20.14 -30.85 -39.49
N SER E 267 19.54 -29.95 -38.72
CA SER E 267 18.41 -29.14 -39.19
C SER E 267 18.60 -27.72 -38.65
N TRP E 268 18.31 -26.73 -39.48
CA TRP E 268 18.52 -25.33 -39.11
C TRP E 268 17.19 -24.61 -39.14
N THR E 269 16.82 -24.01 -38.01
CA THR E 269 15.67 -23.11 -37.95
C THR E 269 16.10 -21.69 -38.30
N VAL E 270 15.10 -20.88 -38.66
CA VAL E 270 15.29 -19.45 -38.81
C VAL E 270 16.03 -18.87 -37.60
N ASN E 271 15.61 -19.26 -36.39
CA ASN E 271 16.32 -18.80 -35.20
C ASN E 271 17.77 -19.29 -35.15
N ASP E 272 18.02 -20.56 -35.50
CA ASP E 272 19.40 -21.03 -35.55
C ASP E 272 20.24 -20.14 -36.46
N ILE E 273 19.71 -19.81 -37.64
CA ILE E 273 20.52 -19.05 -38.60
C ILE E 273 20.67 -17.61 -38.15
N GLN E 274 19.62 -17.03 -37.57
CA GLN E 274 19.73 -15.68 -37.03
C GLN E 274 20.85 -15.59 -36.02
N LYS E 275 20.99 -16.60 -35.16
CA LYS E 275 22.02 -16.55 -34.13
C LYS E 275 23.39 -16.72 -34.74
N LEU E 276 23.47 -17.61 -35.73
CA LEU E 276 24.70 -17.79 -36.51
C LEU E 276 25.16 -16.49 -37.18
N VAL E 277 24.23 -15.77 -37.82
CA VAL E 277 24.59 -14.52 -38.47
C VAL E 277 25.06 -13.48 -37.44
N GLY E 278 24.37 -13.40 -36.30
CA GLY E 278 24.86 -12.52 -35.24
C GLY E 278 26.26 -12.91 -34.76
N LYS E 279 26.49 -14.22 -34.57
CA LYS E 279 27.80 -14.67 -34.10
C LYS E 279 28.88 -14.31 -35.13
N LEU E 280 28.61 -14.54 -36.41
CA LEU E 280 29.62 -14.26 -37.43
C LEU E 280 29.86 -12.77 -37.58
N ASN E 281 28.79 -11.96 -37.56
CA ASN E 281 28.96 -10.51 -37.69
C ASN E 281 29.80 -9.97 -36.55
N TRP E 282 29.56 -10.46 -35.34
CA TRP E 282 30.40 -10.07 -34.22
C TRP E 282 31.86 -10.51 -34.43
N ALA E 283 32.07 -11.79 -34.79
CA ALA E 283 33.41 -12.33 -35.05
C ALA E 283 34.14 -11.60 -36.18
N SER E 284 33.43 -10.90 -37.06
CA SER E 284 34.10 -10.14 -38.12
C SER E 284 34.87 -8.93 -37.59
N GLN E 285 34.64 -8.51 -36.34
CA GLN E 285 35.48 -7.48 -35.74
C GLN E 285 36.89 -8.00 -35.44
N ILE E 286 37.04 -9.32 -35.36
CA ILE E 286 38.28 -9.95 -34.98
C ILE E 286 38.98 -10.56 -36.19
N TYR E 287 38.22 -11.15 -37.10
CA TYR E 287 38.80 -11.91 -38.21
C TYR E 287 38.44 -11.24 -39.53
N ALA E 288 39.40 -11.20 -40.43
CA ALA E 288 39.13 -10.72 -41.77
C ALA E 288 38.51 -11.83 -42.58
N GLY E 289 37.74 -11.45 -43.59
CA GLY E 289 37.20 -12.39 -44.56
C GLY E 289 35.96 -13.16 -44.11
N ILE E 290 35.44 -12.91 -42.91
CA ILE E 290 34.18 -13.53 -42.50
C ILE E 290 33.05 -13.01 -43.39
N LYS E 291 32.28 -13.91 -43.97
CA LYS E 291 31.19 -13.54 -44.85
C LYS E 291 29.87 -14.10 -44.32
N VAL E 292 28.78 -13.38 -44.54
CA VAL E 292 27.47 -13.80 -44.08
C VAL E 292 26.40 -13.73 -45.16
N ARG E 293 26.73 -13.30 -46.37
CA ARG E 293 25.69 -13.00 -47.37
C ARG E 293 24.88 -14.25 -47.73
N GLN E 294 25.55 -15.36 -48.01
CA GLN E 294 24.81 -16.57 -48.35
C GLN E 294 23.99 -17.09 -47.18
N LEU E 295 24.44 -16.87 -45.94
CA LEU E 295 23.56 -17.22 -44.83
C LEU E 295 22.38 -16.27 -44.77
N SER E 296 22.62 -14.96 -44.98
CA SER E 296 21.54 -13.98 -44.90
C SER E 296 20.41 -14.34 -45.84
N LYS E 297 20.76 -14.62 -47.10
CA LYS E 297 19.77 -14.94 -48.12
C LYS E 297 18.79 -16.01 -47.65
N LEU E 298 19.26 -16.96 -46.84
CA LEU E 298 18.37 -17.99 -46.34
C LEU E 298 17.22 -17.43 -45.51
N LEU E 299 17.28 -16.14 -45.14
CA LEU E 299 16.31 -15.55 -44.23
C LEU E 299 15.47 -14.44 -44.87
N ARG E 300 15.42 -14.34 -46.20
CA ARG E 300 14.60 -13.30 -46.81
C ARG E 300 13.13 -13.49 -46.45
N GLY E 301 12.42 -12.37 -46.29
CA GLY E 301 11.02 -12.42 -45.91
C GLY E 301 10.83 -12.37 -44.41
N THR E 302 9.65 -12.82 -43.98
CA THR E 302 9.17 -12.61 -42.61
C THR E 302 8.75 -13.96 -42.05
N LYS E 303 9.73 -14.75 -41.59
CA LYS E 303 9.49 -16.15 -41.31
C LYS E 303 9.27 -16.40 -39.82
N ALA E 304 8.56 -17.48 -39.54
CA ALA E 304 8.53 -18.04 -38.19
C ALA E 304 9.95 -18.38 -37.73
N LEU E 305 10.25 -18.13 -36.46
CA LEU E 305 11.57 -18.51 -35.99
C LEU E 305 11.74 -20.03 -35.93
N THR E 306 10.65 -20.78 -35.83
CA THR E 306 10.72 -22.24 -35.77
C THR E 306 10.76 -22.88 -37.15
N GLU E 307 10.63 -22.07 -38.20
CA GLU E 307 10.65 -22.61 -39.55
C GLU E 307 12.02 -23.23 -39.86
N VAL E 308 12.00 -24.44 -40.42
CA VAL E 308 13.19 -25.15 -40.82
C VAL E 308 13.55 -24.71 -42.25
N VAL E 309 14.78 -24.26 -42.44
CA VAL E 309 15.23 -23.78 -43.74
C VAL E 309 16.51 -24.52 -44.09
N PRO E 310 16.55 -25.27 -45.19
CA PRO E 310 17.76 -25.99 -45.55
C PRO E 310 18.83 -25.02 -45.98
N LEU E 311 20.08 -25.34 -45.64
CA LEU E 311 21.20 -24.58 -46.17
C LEU E 311 21.35 -24.83 -47.66
N THR E 312 21.60 -23.78 -48.43
CA THR E 312 22.10 -23.95 -49.79
C THR E 312 23.56 -24.42 -49.74
N GLU E 313 24.03 -24.92 -50.88
CA GLU E 313 25.43 -25.34 -50.90
C GLU E 313 26.37 -24.14 -50.83
N GLU E 314 25.94 -22.98 -51.37
CA GLU E 314 26.71 -21.74 -51.21
C GLU E 314 26.88 -21.37 -49.74
N ALA E 315 25.79 -21.47 -48.96
CA ALA E 315 25.88 -21.16 -47.54
C ALA E 315 26.72 -22.20 -46.81
N GLU E 316 26.68 -23.46 -47.26
CA GLU E 316 27.53 -24.49 -46.66
C GLU E 316 29.00 -24.16 -46.89
N LEU E 317 29.34 -23.67 -48.08
CA LEU E 317 30.72 -23.30 -48.38
C LEU E 317 31.14 -22.08 -47.56
N GLU E 318 30.29 -21.06 -47.51
CA GLU E 318 30.55 -19.89 -46.67
C GLU E 318 30.84 -20.29 -45.22
N LEU E 319 30.00 -21.17 -44.67
CA LEU E 319 30.18 -21.66 -43.31
C LEU E 319 31.54 -22.34 -43.14
N ALA E 320 31.87 -23.23 -44.09
CA ALA E 320 33.15 -23.93 -44.05
C ALA E 320 34.31 -22.96 -44.09
N GLU E 321 34.23 -21.94 -44.96
CA GLU E 321 35.30 -20.96 -45.06
C GLU E 321 35.43 -20.16 -43.77
N ASN E 322 34.31 -19.69 -43.22
CA ASN E 322 34.37 -18.99 -41.93
C ASN E 322 35.00 -19.89 -40.88
N ARG E 323 34.63 -21.18 -40.87
CA ARG E 323 35.20 -22.11 -39.89
C ARG E 323 36.71 -22.13 -39.99
N GLU E 324 37.21 -22.23 -41.21
CA GLU E 324 38.65 -22.19 -41.46
C GLU E 324 39.27 -20.94 -40.85
N ILE E 325 38.70 -19.77 -41.17
CA ILE E 325 39.25 -18.51 -40.69
C ILE E 325 39.29 -18.49 -39.16
N LEU E 326 38.20 -18.91 -38.51
CA LEU E 326 38.16 -18.95 -37.05
C LEU E 326 39.19 -19.91 -36.44
N LYS E 327 39.76 -20.81 -37.23
CA LYS E 327 40.82 -21.70 -36.75
C LYS E 327 42.21 -21.13 -37.03
N GLU E 328 42.38 -20.44 -38.16
CA GLU E 328 43.64 -19.80 -38.45
C GLU E 328 43.86 -18.61 -37.50
N PRO E 329 45.07 -18.41 -37.00
CA PRO E 329 45.29 -17.30 -36.06
C PRO E 329 45.26 -15.96 -36.76
N VAL E 330 45.13 -14.93 -35.93
CA VAL E 330 44.86 -13.58 -36.41
C VAL E 330 46.16 -12.90 -36.79
N HIS E 331 46.13 -12.18 -37.92
CA HIS E 331 47.29 -11.40 -38.31
C HIS E 331 47.66 -10.41 -37.22
N GLY E 332 48.97 -10.22 -37.03
CA GLY E 332 49.51 -9.12 -36.25
C GLY E 332 49.10 -9.08 -34.79
N VAL E 333 48.98 -10.24 -34.15
CA VAL E 333 48.69 -10.31 -32.73
C VAL E 333 49.97 -10.71 -32.01
N TYR E 334 50.46 -9.82 -31.16
CA TYR E 334 51.70 -10.05 -30.45
C TYR E 334 51.55 -9.50 -29.05
N TYR E 335 52.36 -10.05 -28.14
CA TYR E 335 52.37 -9.56 -26.77
C TYR E 335 53.32 -8.38 -26.68
N ASP E 336 52.80 -7.26 -26.12
CA ASP E 336 53.59 -6.07 -25.81
C ASP E 336 53.83 -6.04 -24.32
N PRO E 337 55.02 -6.36 -23.84
CA PRO E 337 55.22 -6.41 -22.38
C PRO E 337 55.00 -5.08 -21.69
N SER E 338 55.01 -3.96 -22.42
CA SER E 338 54.83 -2.68 -21.74
C SER E 338 53.38 -2.29 -21.53
N LYS E 339 52.41 -3.08 -22.03
CA LYS E 339 51.01 -2.72 -21.98
C LYS E 339 50.26 -3.75 -21.14
N ASP E 340 49.12 -3.33 -20.62
CA ASP E 340 48.34 -4.19 -19.75
C ASP E 340 47.73 -5.35 -20.52
N LEU E 341 47.56 -6.45 -19.80
CA LEU E 341 46.68 -7.51 -20.22
C LEU E 341 45.32 -7.29 -19.59
N ILE E 342 44.28 -7.67 -20.35
CA ILE E 342 42.89 -7.58 -19.93
C ILE E 342 42.24 -8.93 -20.18
N ALA E 343 41.42 -9.36 -19.23
CA ALA E 343 40.74 -10.64 -19.38
C ALA E 343 39.25 -10.42 -19.17
N GLU E 344 38.46 -11.02 -20.04
CA GLU E 344 37.01 -11.03 -19.92
C GLU E 344 36.60 -12.47 -19.66
N ILE E 345 35.57 -12.63 -18.80
CA ILE E 345 35.05 -13.92 -18.41
C ILE E 345 33.54 -13.95 -18.63
N GLN E 346 33.00 -15.10 -19.07
CA GLN E 346 31.55 -15.25 -19.19
C GLN E 346 31.11 -16.52 -18.50
N LYS E 347 30.08 -16.40 -17.66
CA LYS E 347 29.41 -17.57 -17.12
C LYS E 347 28.65 -18.27 -18.25
N GLN E 348 28.95 -19.55 -18.49
CA GLN E 348 28.29 -20.32 -19.53
C GLN E 348 27.31 -21.37 -18.99
N GLY E 349 27.28 -21.59 -17.69
CA GLY E 349 26.41 -22.61 -17.15
C GLY E 349 27.08 -23.96 -17.01
N GLN E 350 26.46 -24.80 -16.18
CA GLN E 350 26.97 -26.15 -15.90
C GLN E 350 28.45 -26.11 -15.51
N GLY E 351 28.81 -25.08 -14.75
CA GLY E 351 30.16 -24.94 -14.24
C GLY E 351 31.21 -24.57 -15.26
N GLN E 352 30.81 -24.05 -16.43
CA GLN E 352 31.77 -23.73 -17.47
C GLN E 352 31.93 -22.22 -17.56
N TRP E 353 33.15 -21.77 -17.79
CA TRP E 353 33.44 -20.35 -17.86
C TRP E 353 34.43 -20.09 -19.00
N THR E 354 34.05 -19.19 -19.90
CA THR E 354 34.91 -18.84 -21.02
C THR E 354 35.64 -17.56 -20.70
N TYR E 355 36.82 -17.40 -21.31
CA TYR E 355 37.56 -16.19 -21.06
C TYR E 355 38.37 -15.84 -22.29
N GLN E 356 38.69 -14.55 -22.40
CA GLN E 356 39.55 -14.05 -23.47
C GLN E 356 40.52 -13.05 -22.87
N ILE E 357 41.79 -13.15 -23.27
CA ILE E 357 42.85 -12.26 -22.81
C ILE E 357 43.36 -11.47 -23.99
N TYR E 358 43.51 -10.15 -23.83
CA TYR E 358 43.94 -9.30 -24.93
C TYR E 358 44.59 -8.06 -24.33
N GLN E 359 45.27 -7.33 -25.18
CA GLN E 359 45.78 -6.02 -24.81
C GLN E 359 45.06 -4.92 -25.54
N GLU E 360 44.68 -5.20 -26.77
CA GLU E 360 43.78 -4.31 -27.47
C GLU E 360 42.54 -5.09 -27.86
N PRO E 361 41.37 -4.45 -27.80
CA PRO E 361 40.12 -5.12 -28.15
C PRO E 361 40.17 -5.79 -29.51
N PHE E 362 39.63 -7.01 -29.55
CA PHE E 362 39.47 -7.82 -30.75
C PHE E 362 40.78 -8.36 -31.26
N LYS E 363 41.88 -8.15 -30.54
CA LYS E 363 43.15 -8.80 -30.87
C LYS E 363 43.52 -9.68 -29.67
N ASN E 364 42.85 -10.83 -29.60
CA ASN E 364 42.97 -11.77 -28.50
C ASN E 364 44.28 -12.55 -28.56
N LEU E 365 45.03 -12.52 -27.45
CA LEU E 365 46.19 -13.39 -27.32
C LEU E 365 45.81 -14.81 -26.91
N LYS E 366 44.68 -14.99 -26.22
CA LYS E 366 44.24 -16.33 -25.87
C LYS E 366 42.75 -16.25 -25.61
N THR E 367 42.01 -17.25 -26.09
CA THR E 367 40.63 -17.46 -25.74
C THR E 367 40.57 -18.89 -25.20
N GLY E 368 39.92 -19.06 -24.04
CA GLY E 368 39.97 -20.31 -23.32
C GLY E 368 38.64 -20.59 -22.65
N LYS E 369 38.57 -21.75 -22.03
CA LYS E 369 37.42 -22.16 -21.25
C LYS E 369 37.89 -22.92 -20.02
N TYR E 370 37.42 -22.47 -18.85
CA TYR E 370 37.71 -23.08 -17.56
C TYR E 370 36.48 -23.87 -17.11
N ALA E 371 36.70 -25.03 -16.50
CA ALA E 371 35.61 -25.86 -15.99
C ALA E 371 35.81 -26.09 -14.49
N ARG E 372 34.71 -26.16 -13.75
CA ARG E 372 34.75 -26.15 -12.29
C ARG E 372 35.50 -27.37 -11.74
N MET E 373 35.74 -27.34 -10.42
CA MET E 373 36.59 -28.31 -9.76
C MET E 373 35.79 -29.34 -8.97
N LYS E 374 35.12 -28.91 -7.89
CA LYS E 374 34.55 -29.81 -6.90
C LYS E 374 33.25 -30.45 -7.41
N GLY E 375 32.80 -31.46 -6.67
CA GLY E 375 31.57 -32.17 -6.96
C GLY E 375 30.33 -31.48 -6.41
N ALA E 376 30.44 -30.88 -5.22
CA ALA E 376 29.40 -30.00 -4.70
C ALA E 376 29.38 -28.70 -5.50
N HIS E 377 28.90 -28.79 -6.74
CA HIS E 377 29.19 -27.88 -7.86
C HIS E 377 28.27 -26.66 -7.92
N THR E 378 28.10 -25.96 -6.81
CA THR E 378 26.93 -25.12 -6.63
C THR E 378 27.22 -23.64 -6.41
N ASN E 379 28.48 -23.23 -6.28
CA ASN E 379 28.81 -21.87 -5.88
C ASN E 379 29.48 -21.12 -7.02
N ASP E 380 28.72 -20.22 -7.66
CA ASP E 380 29.22 -19.39 -8.75
C ASP E 380 30.37 -18.51 -8.31
N VAL E 381 30.24 -17.91 -7.13
CA VAL E 381 31.29 -17.00 -6.68
C VAL E 381 32.60 -17.76 -6.48
N LYS E 382 32.53 -18.92 -5.84
CA LYS E 382 33.72 -19.75 -5.67
C LYS E 382 34.32 -20.13 -7.03
N GLN E 383 33.45 -20.49 -7.97
CA GLN E 383 33.92 -20.93 -9.27
C GLN E 383 34.59 -19.80 -10.01
N LEU E 384 33.97 -18.61 -9.99
CA LEU E 384 34.59 -17.48 -10.65
C LEU E 384 35.91 -17.10 -9.99
N THR E 385 35.96 -17.17 -8.64
CA THR E 385 37.18 -16.79 -7.93
C THR E 385 38.30 -17.76 -8.28
N GLU E 386 37.96 -19.04 -8.40
CA GLU E 386 38.94 -20.05 -8.85
C GLU E 386 39.32 -19.84 -10.30
N ALA E 387 38.36 -19.42 -11.14
CA ALA E 387 38.66 -19.17 -12.53
C ALA E 387 39.63 -18.02 -12.68
N VAL E 388 39.43 -16.95 -11.88
CA VAL E 388 40.35 -15.81 -11.91
C VAL E 388 41.77 -16.28 -11.54
N GLN E 389 41.91 -17.12 -10.53
CA GLN E 389 43.26 -17.51 -10.13
C GLN E 389 43.92 -18.30 -11.25
N LYS E 390 43.17 -19.23 -11.88
CA LYS E 390 43.74 -20.06 -12.95
C LYS E 390 44.12 -19.21 -14.15
N ILE E 391 43.24 -18.28 -14.56
CA ILE E 391 43.56 -17.44 -15.70
C ILE E 391 44.75 -16.55 -15.39
N ALA E 392 44.76 -15.88 -14.23
CA ALA E 392 45.91 -15.07 -13.87
C ALA E 392 47.18 -15.93 -13.83
N THR E 393 47.07 -17.16 -13.34
CA THR E 393 48.22 -18.06 -13.25
C THR E 393 48.74 -18.39 -14.63
N GLU E 394 47.83 -18.73 -15.55
CA GLU E 394 48.24 -18.97 -16.92
C GLU E 394 48.91 -17.74 -17.50
N SER E 395 48.41 -16.55 -17.16
CA SER E 395 49.01 -15.34 -17.70
C SER E 395 50.44 -15.19 -17.24
N ILE E 396 50.69 -15.39 -15.95
CA ILE E 396 52.04 -15.30 -15.41
C ILE E 396 52.95 -16.30 -16.12
N VAL E 397 52.46 -17.52 -16.33
CA VAL E 397 53.30 -18.53 -16.96
C VAL E 397 53.57 -18.17 -18.42
N ILE E 398 52.52 -17.74 -19.14
CA ILE E 398 52.68 -17.47 -20.57
C ILE E 398 53.40 -16.15 -20.82
N TRP E 399 52.99 -15.08 -20.13
CA TRP E 399 53.49 -13.76 -20.47
C TRP E 399 54.30 -13.11 -19.38
N GLY E 400 54.03 -13.43 -18.12
CA GLY E 400 54.84 -12.99 -16.99
C GLY E 400 54.15 -12.03 -16.05
N LYS E 401 52.83 -11.93 -16.11
CA LYS E 401 52.11 -10.78 -15.59
C LYS E 401 50.65 -11.18 -15.49
N THR E 402 49.90 -10.51 -14.58
CA THR E 402 48.49 -10.83 -14.55
C THR E 402 47.67 -9.78 -15.29
N PRO E 403 46.56 -10.17 -15.89
CA PRO E 403 45.66 -9.18 -16.50
C PRO E 403 44.77 -8.51 -15.48
N LYS E 404 44.21 -7.37 -15.91
CA LYS E 404 43.07 -6.76 -15.25
C LYS E 404 41.80 -7.48 -15.70
N PHE E 405 41.00 -7.93 -14.73
CA PHE E 405 39.80 -8.71 -15.00
C PHE E 405 38.56 -7.84 -15.12
N LYS E 406 37.69 -8.16 -16.07
CA LYS E 406 36.32 -7.61 -16.10
C LYS E 406 35.40 -8.70 -15.59
N LEU E 407 34.90 -8.53 -14.39
CA LEU E 407 34.25 -9.71 -13.80
C LEU E 407 32.73 -9.64 -14.00
N PRO E 408 32.11 -10.74 -14.44
CA PRO E 408 30.65 -10.69 -14.69
C PRO E 408 29.89 -11.00 -13.40
N ILE E 409 29.89 -10.02 -12.48
CA ILE E 409 29.26 -10.20 -11.18
C ILE E 409 29.04 -8.81 -10.59
N GLN E 410 27.96 -8.67 -9.82
CA GLN E 410 27.73 -7.47 -9.04
C GLN E 410 28.85 -7.26 -8.04
N LYS E 411 29.41 -6.04 -8.03
CA LYS E 411 30.47 -5.69 -7.10
C LYS E 411 30.19 -6.21 -5.67
N GLU E 412 28.97 -6.00 -5.19
CA GLU E 412 28.67 -6.33 -3.80
C GLU E 412 28.58 -7.83 -3.58
N THR E 413 28.08 -8.57 -4.56
CA THR E 413 28.08 -10.04 -4.46
C THR E 413 29.51 -10.54 -4.38
N TRP E 414 30.39 -9.98 -5.21
CA TRP E 414 31.78 -10.39 -5.18
C TRP E 414 32.43 -10.04 -3.84
N GLU E 415 32.22 -8.82 -3.38
CA GLU E 415 32.95 -8.38 -2.19
C GLU E 415 32.48 -9.11 -0.92
N ALA E 416 31.25 -9.65 -0.92
CA ALA E 416 30.80 -10.38 0.25
C ALA E 416 31.52 -11.73 0.44
N TRP E 417 32.03 -12.37 -0.63
CA TRP E 417 32.41 -13.80 -0.57
C TRP E 417 33.83 -14.15 -1.07
N TRP E 418 34.49 -13.30 -1.86
CA TRP E 418 35.59 -13.80 -2.68
C TRP E 418 36.78 -14.21 -1.83
N THR E 419 37.09 -13.46 -0.76
CA THR E 419 38.30 -13.78 0.00
C THR E 419 38.23 -15.17 0.62
N GLU E 420 37.02 -15.70 0.84
CA GLU E 420 36.86 -17.08 1.32
C GLU E 420 37.47 -18.10 0.36
N TYR E 421 37.64 -17.76 -0.93
CA TYR E 421 38.12 -18.70 -1.90
C TYR E 421 39.48 -18.32 -2.49
N TRP E 422 40.09 -17.24 -2.04
CA TRP E 422 41.38 -16.83 -2.60
C TRP E 422 42.53 -17.67 -2.03
N GLN E 423 43.40 -18.18 -2.92
CA GLN E 423 44.52 -18.99 -2.45
C GLN E 423 45.86 -18.55 -3.00
N ALA E 424 45.95 -17.42 -3.66
CA ALA E 424 47.22 -16.99 -4.23
C ALA E 424 47.82 -15.89 -3.37
N THR E 425 49.16 -15.75 -3.42
CA THR E 425 49.82 -14.67 -2.70
C THR E 425 49.72 -13.33 -3.42
N TRP E 426 49.32 -13.32 -4.69
CA TRP E 426 49.11 -12.08 -5.41
C TRP E 426 47.62 -11.87 -5.60
N ILE E 427 47.24 -10.64 -5.96
CA ILE E 427 45.85 -10.31 -6.27
C ILE E 427 45.82 -9.45 -7.53
N PRO E 428 45.14 -9.86 -8.59
CA PRO E 428 45.09 -9.04 -9.81
C PRO E 428 44.12 -7.87 -9.65
N GLU E 429 44.33 -6.86 -10.46
CA GLU E 429 43.30 -5.82 -10.61
C GLU E 429 42.04 -6.38 -11.25
N TRP E 430 40.89 -5.80 -10.88
CA TRP E 430 39.63 -6.17 -11.51
C TRP E 430 38.65 -5.02 -11.48
N GLU E 431 37.58 -5.17 -12.26
CA GLU E 431 36.44 -4.27 -12.31
C GLU E 431 35.23 -5.13 -12.63
N PHE E 432 34.05 -4.54 -12.44
CA PHE E 432 32.80 -5.29 -12.48
C PHE E 432 31.98 -4.83 -13.67
N VAL E 433 31.45 -5.78 -14.43
CA VAL E 433 30.69 -5.50 -15.63
C VAL E 433 29.43 -6.37 -15.63
N ASN E 434 28.39 -5.86 -16.27
CA ASN E 434 27.09 -6.54 -16.41
C ASN E 434 26.78 -6.56 -17.90
N THR E 435 27.39 -7.47 -18.66
CA THR E 435 27.12 -7.51 -20.09
C THR E 435 26.01 -8.51 -20.42
N PRO E 436 24.91 -8.06 -21.01
CA PRO E 436 23.91 -8.98 -21.54
C PRO E 436 24.56 -10.05 -22.41
N PRO E 437 23.97 -11.19 -22.46
CA PRO E 437 24.65 -12.35 -23.06
C PRO E 437 24.37 -12.45 -24.55
N LEU E 438 24.94 -11.49 -25.25
CA LEU E 438 25.03 -11.46 -26.73
C LEU E 438 26.52 -11.64 -27.04
N VAL E 439 27.39 -11.19 -26.12
CA VAL E 439 28.88 -11.27 -26.15
C VAL E 439 29.30 -12.61 -25.54
N LYS E 440 28.34 -13.39 -25.04
CA LYS E 440 28.56 -14.69 -24.35
C LYS E 440 28.62 -15.84 -25.35
N LEU E 441 28.67 -15.56 -26.68
CA LEU E 441 28.67 -16.59 -27.76
C LEU E 441 30.05 -17.20 -28.02
N TRP E 442 30.64 -17.76 -26.97
CA TRP E 442 31.91 -18.51 -26.99
C TRP E 442 31.46 -19.92 -26.61
N TYR E 443 30.16 -20.17 -26.78
CA TYR E 443 29.56 -21.45 -26.44
C TYR E 443 28.48 -21.85 -27.44
N1 OMC F 7 34.28 12.38 15.51
C2 OMC F 7 33.27 11.68 16.37
N3 OMC F 7 31.93 12.22 16.50
C4 OMC F 7 31.54 13.43 15.85
C5 OMC F 7 32.53 14.15 14.99
C6 OMC F 7 33.91 13.61 14.83
O2 OMC F 7 33.52 10.67 16.94
N4 OMC F 7 30.22 13.88 16.04
C1' OMC F 7 35.63 11.81 15.41
C2' OMC F 7 35.68 10.71 14.35
O2' OMC F 7 36.73 9.83 14.69
CM2 OMC F 7 36.45 8.98 15.79
C3' OMC F 7 36.05 11.52 13.12
C4' OMC F 7 37.08 12.49 13.70
O4' OMC F 7 36.56 12.81 15.03
O3' OMC F 7 36.53 10.75 12.04
C5' OMC F 7 37.31 13.76 12.90
O5' OMC F 7 36.07 14.40 12.58
P OMC F 7 36.03 15.96 12.23
OP1 OMC F 7 37.18 16.24 11.24
OP2 OMC F 7 34.61 16.31 11.97
N1 OMC F 9 28.54 5.32 12.11
C2 OMC F 9 27.26 5.85 12.62
N3 OMC F 9 27.00 7.27 12.52
C4 OMC F 9 27.95 8.17 11.98
C5 OMC F 9 29.24 7.68 11.47
C6 OMC F 9 29.53 6.23 11.54
O2 OMC F 9 26.46 5.12 13.10
N4 OMC F 9 27.60 9.51 11.94
C1' OMC F 9 28.81 3.87 12.28
C2' OMC F 9 28.14 2.99 11.24
O2' OMC F 9 27.84 1.76 11.85
CM2 OMC F 9 26.87 1.80 12.88
C3' OMC F 9 29.26 2.81 10.21
C4' OMC F 9 30.51 2.77 11.09
O4' OMC F 9 30.22 3.67 12.20
O3' OMC F 9 29.13 1.66 9.45
C5' OMC F 9 31.79 3.16 10.40
O5' OMC F 9 31.74 4.47 9.84
P OMC F 9 33.10 5.31 9.69
OP1 OMC F 9 34.09 4.42 8.93
OP2 OMC F 9 32.70 6.75 9.33
C1' ET9 G . -35.66 -26.59 1.01
C2 ET9 G . -34.24 -26.57 -3.05
C2' ET9 G . -36.33 -27.94 0.87
C3' ET9 G . -36.40 -28.57 2.25
C4 ET9 G . -34.02 -26.75 -0.75
C4' ET9 G . -36.24 -27.47 3.28
C44 ET9 G . -35.43 -25.20 3.01
C5 ET9 G . -32.60 -27.00 -0.90
C5' ET9 G . -35.11 -27.69 4.25
C6 ET9 G . -32.08 -27.01 -2.28
C6' ET9 G . -35.75 -26.33 2.46
C8 ET9 G . -33.15 -27.03 1.19
N1 ET9 G . -32.94 -26.79 -3.27
N2 ET9 G . -35.08 -26.35 -4.06
N3 ET9 G . -34.78 -26.55 -1.83
N7 ET9 G . -32.12 -27.16 0.34
N9 ET9 G . -34.28 -26.78 0.53
O1A ET9 G . -33.82 -29.39 6.20
O1B ET9 G . -36.30 -31.64 3.18
O1G ET9 G . -34.61 -32.41 7.19
O2A ET9 G . -32.02 -29.60 4.59
O2B ET9 G . -36.36 -30.87 5.50
O2G ET9 G . -33.15 -33.73 5.72
O3' ET9 G . -37.63 -29.25 2.41
O3A ET9 G . -34.06 -31.10 4.30
O3B ET9 G . -35.47 -33.15 4.94
O3G ET9 G . -35.11 -34.79 6.77
O5' ET9 G . -34.15 -28.60 3.78
O6 ET9 G . -30.88 -27.20 -2.50
PA ET9 G . -33.52 -29.66 4.77
PB ET9 G . -35.57 -31.63 4.48
PG ET9 G . -34.56 -33.52 6.18
MG MG H . -35.87 -30.63 7.28
C1 GOL I . -23.82 13.27 3.30
O1 GOL I . -24.37 12.90 4.55
C2 GOL I . -22.31 13.30 3.34
O2 GOL I . -21.78 11.99 3.39
C3 GOL I . -21.74 14.20 4.41
O3 GOL I . -21.05 13.53 5.46
C1 GOL J . -36.61 -5.39 7.05
O1 GOL J . -36.00 -4.67 6.01
C2 GOL J . -35.41 -5.97 7.96
O2 GOL J . -35.84 -6.28 9.21
C3 GOL J . -34.85 -7.26 7.23
O3 GOL J . -33.71 -7.71 7.91
C1 GOL K . -22.53 -11.83 7.60
O1 GOL K . -23.37 -11.21 8.49
C2 GOL K . -22.67 -11.14 6.22
O2 GOL K . -21.46 -11.15 5.48
C3 GOL K . -23.71 -11.98 5.53
O3 GOL K . -23.02 -12.94 4.89
C1' ET9 L . 34.90 14.00 23.59
C2 ET9 L . 33.73 17.40 21.13
C2' ET9 L . 35.57 14.88 24.63
C3' ET9 L . 35.56 14.13 25.95
C4 ET9 L . 33.38 15.64 22.62
C4' ET9 L . 35.41 12.66 25.62
C44 ET9 L . 34.45 11.58 23.66
C5 ET9 L . 31.96 15.97 22.67
C5' ET9 L . 34.42 11.97 26.53
C6 ET9 L . 31.52 17.11 21.85
C6' ET9 L . 34.88 12.68 24.24
C8 ET9 L . 32.38 14.27 23.94
N1 ET9 L . 32.43 17.76 21.12
N2 ET9 L . 34.60 18.09 20.38
N3 ET9 L . 34.20 16.37 21.85
N7 ET9 L . 31.40 15.09 23.51
N9 ET9 L . 33.56 14.60 23.39
O1A ET9 L . 32.82 11.40 28.89
O1B ET9 L . 35.28 15.10 29.04
O1G ET9 L . 31.99 14.32 32.27
O2A ET9 L . 31.08 12.84 27.95
O2B ET9 L . 35.23 12.76 29.76
O2G ET9 L . 33.95 13.96 33.68
O3' ET9 L . 36.77 14.37 26.66
O3A ET9 L . 33.02 13.94 29.11
O3B ET9 L . 34.29 14.57 31.27
O3G ET9 L . 33.36 12.30 31.97
O5' ET9 L . 33.30 12.78 26.79
O6 ET9 L . 30.32 17.47 21.84
PA ET9 L . 32.56 12.70 28.20
PB ET9 L . 34.48 14.07 29.77
PG ET9 L . 33.37 13.77 32.31
MG MG M . 34.61 11.01 30.78
C1 GOL N . 34.25 -2.27 11.08
O1 GOL N . 33.09 -2.44 11.89
C2 GOL N . 34.85 -3.67 10.72
O2 GOL N . 35.08 -4.49 11.84
C3 GOL N . 36.18 -3.35 9.96
O3 GOL N . 35.86 -2.62 8.78
C1 GOL O . 22.78 -10.26 -8.75
O1 GOL O . 21.80 -10.45 -7.79
C2 GOL O . 24.27 -10.54 -8.23
O2 GOL O . 24.34 -11.46 -7.16
C3 GOL O . 25.01 -11.04 -9.53
O3 GOL O . 26.34 -10.78 -9.48
C1 GOL P . 37.30 -7.29 -26.55
O1 GOL P . 35.96 -7.23 -26.29
C2 GOL P . 37.59 -8.56 -27.43
O2 GOL P . 38.84 -9.07 -27.19
C3 GOL P . 36.37 -9.56 -27.24
O3 GOL P . 36.70 -10.89 -27.61
#